data_9J25
#
_entry.id   9J25
#
_cell.length_a   107.244
_cell.length_b   176.117
_cell.length_c   177.369
_cell.angle_alpha   90.00
_cell.angle_beta   90.00
_cell.angle_gamma   90.00
#
_symmetry.space_group_name_H-M   'C 2 2 21'
#
loop_
_entity.id
_entity.type
_entity.pdbx_description
1 polymer 'Sucrose phosphorylase'
2 non-polymer DI(HYDROXYETHYL)ETHER
3 non-polymer 2-AMINO-2-HYDROXYMETHYL-PROPANE-1,3-DIOL
4 non-polymer 'PHOSPHATE ION'
5 non-polymer 'SULFATE ION'
6 water water
#
_entity_poly.entity_id   1
_entity_poly.type   'polypeptide(L)'
_entity_poly.pdbx_seq_one_letter_code
;MLLKNAVQLICYPDRIGNNLTDLHTAVEKHLSDAIGGLHILPFFPSNADGGFSPLTHKEVDPAFGTWDDIEAFTGKYDLC
VDLTVNHISDESPEFRDFIANGFDSEYADLFVHVDRFGDISPDDMAKIHIRKEKEPFREVTLADGTKTRVWCTFTEQQID
LNYDGDLAYRLMESYIGFLTSKGVNLLRLDAFGYTTKRIGTSCFLVEPEVYRILDWINEVAFKHGAECLPEVHDHTSYQY
AISRRNMHPYGFALPPLLLYSLLDANSVYLKNWLRMCPRNMVTVLDTHDGICIPDVEGVLPDDKIKVLIDNIDARSADPI
MRRSAANIHSVGAIYQLTCTFYDALMQNDDAYIAARAIQFFTPGIPQVYYVGLLAGCNDQELMEKTGELRDINRNYYTLN
EMDEAMEKPVVQRLLTLMKFRTNYPAFDGHFELNYSNDSSVAMAWRHGEHYCHLFVDLNFNTSKIQYVDVKSGETRDLEF
;
_entity_poly.pdbx_strand_id   A,B,C
#
# COMPACT_ATOMS: atom_id res chain seq x y z
N MET A 1 -1.29 -12.68 -45.28
CA MET A 1 -0.60 -11.97 -46.36
C MET A 1 0.93 -12.03 -46.18
N LEU A 2 1.59 -10.91 -46.45
CA LEU A 2 3.04 -10.75 -46.48
C LEU A 2 3.78 -11.43 -45.32
N LEU A 3 3.23 -11.37 -44.11
CA LEU A 3 3.87 -11.96 -42.94
C LEU A 3 3.40 -13.38 -42.67
N LYS A 4 4.25 -14.13 -41.97
CA LYS A 4 3.91 -15.47 -41.54
C LYS A 4 3.00 -15.40 -40.32
N ASN A 5 1.88 -16.13 -40.37
CA ASN A 5 0.95 -16.20 -39.24
C ASN A 5 1.49 -17.13 -38.16
N ALA A 6 2.53 -16.67 -37.47
CA ALA A 6 3.24 -17.54 -36.56
C ALA A 6 3.72 -16.74 -35.36
N VAL A 7 4.12 -17.47 -34.31
CA VAL A 7 4.64 -16.82 -33.11
C VAL A 7 5.92 -16.07 -33.43
N GLN A 8 6.07 -14.90 -32.82
CA GLN A 8 7.28 -14.11 -32.94
C GLN A 8 7.94 -13.93 -31.57
N LEU A 9 9.27 -13.81 -31.61
CA LEU A 9 10.09 -13.59 -30.43
C LEU A 9 10.46 -12.12 -30.32
N ILE A 10 10.11 -11.48 -29.21
CA ILE A 10 10.65 -10.16 -28.90
C ILE A 10 11.89 -10.35 -28.06
N CYS A 11 12.99 -9.77 -28.52
CA CYS A 11 14.27 -10.00 -27.86
C CYS A 11 15.19 -8.84 -28.15
N TYR A 12 16.17 -8.68 -27.27
CA TYR A 12 17.26 -7.76 -27.49
C TYR A 12 18.27 -8.40 -28.44
N PRO A 13 19.23 -7.63 -28.95
CA PRO A 13 20.31 -8.24 -29.73
C PRO A 13 21.34 -8.96 -28.85
N ASP A 14 21.53 -8.51 -27.59
CA ASP A 14 22.69 -8.93 -26.82
C ASP A 14 22.36 -9.53 -25.45
N ARG A 15 21.13 -9.95 -25.20
CA ARG A 15 20.76 -10.42 -23.86
C ARG A 15 20.47 -11.91 -23.80
N ILE A 16 20.68 -12.64 -24.89
CA ILE A 16 20.73 -14.09 -24.91
C ILE A 16 22.04 -14.41 -25.58
N GLY A 17 23.02 -14.86 -24.80
CA GLY A 17 24.37 -14.80 -25.28
C GLY A 17 24.82 -13.36 -25.24
N ASN A 18 25.74 -12.99 -26.14
CA ASN A 18 26.28 -11.64 -26.12
C ASN A 18 25.96 -10.81 -27.34
N ASN A 19 25.49 -11.40 -28.43
CA ASN A 19 25.32 -10.66 -29.67
C ASN A 19 24.40 -11.43 -30.60
N LEU A 20 24.21 -10.88 -31.81
CA LEU A 20 23.29 -11.44 -32.79
C LEU A 20 23.67 -12.85 -33.23
N THR A 21 24.96 -13.17 -33.19
CA THR A 21 25.38 -14.53 -33.52
C THR A 21 24.96 -15.50 -32.43
N ASP A 22 25.18 -15.13 -31.17
CA ASP A 22 24.68 -15.93 -30.07
C ASP A 22 23.15 -16.02 -30.11
N LEU A 23 22.48 -14.89 -30.40
CA LEU A 23 21.03 -14.93 -30.59
C LEU A 23 20.63 -15.95 -31.65
N HIS A 24 21.29 -15.93 -32.82
CA HIS A 24 20.94 -16.87 -33.88
C HIS A 24 21.16 -18.32 -33.43
N THR A 25 22.21 -18.56 -32.65
CA THR A 25 22.45 -19.90 -32.11
C THR A 25 21.26 -20.37 -31.28
N ALA A 26 20.72 -19.49 -30.43
CA ALA A 26 19.63 -19.88 -29.53
C ALA A 26 18.35 -20.20 -30.28
N VAL A 27 17.99 -19.40 -31.28
CA VAL A 27 16.77 -19.63 -32.03
C VAL A 27 16.82 -21.01 -32.70
N GLU A 28 17.93 -21.29 -33.40
CA GLU A 28 18.04 -22.53 -34.16
C GLU A 28 18.04 -23.74 -33.25
N LYS A 29 18.69 -23.61 -32.10
CA LYS A 29 18.81 -24.75 -31.19
C LYS A 29 17.46 -25.12 -30.59
N HIS A 30 16.65 -24.12 -30.23
CA HIS A 30 15.42 -24.35 -29.48
C HIS A 30 14.14 -23.96 -30.20
N LEU A 31 14.16 -22.90 -31.00
CA LEU A 31 12.93 -22.28 -31.47
C LEU A 31 12.71 -22.45 -32.97
N SER A 32 13.48 -23.34 -33.62
CA SER A 32 13.54 -23.32 -35.08
C SER A 32 12.18 -23.61 -35.72
N ASP A 33 11.34 -24.41 -35.07
CA ASP A 33 10.00 -24.72 -35.57
C ASP A 33 8.92 -24.25 -34.59
N ALA A 34 9.25 -23.30 -33.74
CA ALA A 34 8.30 -22.72 -32.80
C ALA A 34 7.99 -21.26 -33.08
N ILE A 35 8.84 -20.56 -33.82
CA ILE A 35 8.61 -19.17 -34.17
C ILE A 35 8.76 -19.00 -35.67
N GLY A 36 8.05 -18.02 -36.22
CA GLY A 36 8.22 -17.69 -37.62
C GLY A 36 8.84 -16.33 -37.82
N GLY A 37 9.22 -15.65 -36.74
CA GLY A 37 9.81 -14.33 -36.87
C GLY A 37 10.35 -13.83 -35.54
N LEU A 38 11.05 -12.70 -35.63
CA LEU A 38 11.67 -12.05 -34.48
C LEU A 38 11.43 -10.56 -34.53
N HIS A 39 11.18 -9.96 -33.37
CA HIS A 39 11.29 -8.50 -33.20
C HIS A 39 12.55 -8.24 -32.39
N ILE A 40 13.61 -7.78 -33.06
CA ILE A 40 14.86 -7.46 -32.40
C ILE A 40 14.83 -6.00 -31.98
N LEU A 41 14.93 -5.77 -30.67
CA LEU A 41 14.87 -4.42 -30.15
C LEU A 41 16.06 -3.60 -30.66
N PRO A 42 15.99 -2.22 -30.59
CA PRO A 42 16.97 -1.37 -31.30
C PRO A 42 18.40 -1.83 -31.22
N PHE A 43 19.02 -1.86 -32.40
CA PHE A 43 20.30 -2.52 -32.61
C PHE A 43 21.19 -1.66 -33.51
N PHE A 44 20.87 -0.38 -33.61
CA PHE A 44 21.55 0.67 -34.37
C PHE A 44 22.49 1.41 -33.44
N PRO A 45 23.39 2.22 -33.98
CA PRO A 45 24.15 3.13 -33.11
C PRO A 45 23.22 4.11 -32.42
N SER A 46 23.33 4.19 -31.10
CA SER A 46 22.45 5.03 -30.30
C SER A 46 23.25 5.66 -29.18
N ASN A 47 22.74 6.78 -28.63
CA ASN A 47 23.43 7.48 -27.56
C ASN A 47 22.53 7.87 -26.40
N ALA A 48 21.31 7.34 -26.32
CA ALA A 48 20.47 7.52 -25.15
C ALA A 48 19.33 6.51 -25.22
N ASP A 49 18.46 6.58 -24.21
CA ASP A 49 17.17 5.90 -24.18
C ASP A 49 17.20 4.43 -24.64
N GLY A 50 18.20 3.69 -24.16
CA GLY A 50 18.20 2.26 -24.39
C GLY A 50 18.16 1.82 -25.84
N GLY A 51 18.53 2.71 -26.77
CA GLY A 51 18.60 2.40 -28.19
C GLY A 51 17.66 3.22 -29.06
N PHE A 52 16.74 3.98 -28.48
CA PHE A 52 15.76 4.75 -29.25
C PHE A 52 16.24 6.15 -29.55
N SER A 53 17.54 6.37 -29.60
CA SER A 53 18.11 7.63 -30.11
C SER A 53 19.14 7.25 -31.17
N PRO A 54 18.69 6.73 -32.32
CA PRO A 54 19.64 6.20 -33.30
C PRO A 54 20.33 7.31 -34.09
N LEU A 55 21.66 7.24 -34.14
CA LEU A 55 22.41 8.10 -35.05
C LEU A 55 21.99 7.85 -36.49
N THR A 56 21.76 6.59 -36.85
CA THR A 56 21.21 6.22 -38.13
C THR A 56 20.56 4.85 -38.04
N HIS A 57 19.62 4.60 -38.93
CA HIS A 57 19.05 3.27 -39.08
C HIS A 57 19.79 2.44 -40.12
N LYS A 58 20.97 2.89 -40.56
CA LYS A 58 21.69 2.26 -41.65
C LYS A 58 22.93 1.53 -41.18
N GLU A 59 23.08 1.36 -39.88
CA GLU A 59 24.25 0.73 -39.31
C GLU A 59 23.77 -0.21 -38.21
N VAL A 60 24.44 -1.33 -38.08
CA VAL A 60 24.32 -2.14 -36.89
C VAL A 60 25.36 -1.63 -35.90
N ASP A 61 24.97 -1.43 -34.66
CA ASP A 61 25.95 -1.06 -33.64
C ASP A 61 26.93 -2.22 -33.53
N PRO A 62 28.21 -2.01 -33.85
CA PRO A 62 29.13 -3.15 -33.94
C PRO A 62 29.18 -3.99 -32.68
N ALA A 63 28.71 -3.44 -31.55
CA ALA A 63 28.65 -4.21 -30.31
C ALA A 63 27.79 -5.45 -30.46
N PHE A 64 26.69 -5.34 -31.22
CA PHE A 64 25.74 -6.43 -31.37
C PHE A 64 26.09 -7.38 -32.51
N GLY A 65 26.78 -6.90 -33.52
CA GLY A 65 27.05 -7.70 -34.71
C GLY A 65 27.09 -6.81 -35.94
N THR A 66 26.73 -7.42 -37.08
CA THR A 66 26.75 -6.75 -38.38
C THR A 66 25.49 -7.08 -39.16
N TRP A 67 25.32 -6.43 -40.33
CA TRP A 67 24.14 -6.71 -41.14
C TRP A 67 24.11 -8.17 -41.61
N ASP A 68 25.28 -8.80 -41.76
CA ASP A 68 25.27 -10.22 -42.11
C ASP A 68 24.71 -11.06 -40.97
N ASP A 69 24.93 -10.65 -39.73
CA ASP A 69 24.30 -11.30 -38.59
C ASP A 69 22.79 -11.08 -38.63
N ILE A 70 22.34 -9.95 -39.19
CA ILE A 70 20.90 -9.72 -39.32
C ILE A 70 20.32 -10.58 -40.42
N GLU A 71 20.94 -10.57 -41.60
CA GLU A 71 20.41 -11.33 -42.73
C GLU A 71 20.40 -12.83 -42.47
N ALA A 72 21.19 -13.32 -41.51
CA ALA A 72 21.11 -14.74 -41.18
C ALA A 72 19.70 -15.14 -40.75
N PHE A 73 18.93 -14.19 -40.23
CA PHE A 73 17.53 -14.42 -39.89
C PHE A 73 16.62 -14.24 -41.10
N THR A 74 16.89 -13.24 -41.94
CA THR A 74 15.99 -12.89 -43.02
C THR A 74 16.12 -13.80 -44.24
N GLY A 75 16.09 -15.11 -44.03
CA GLY A 75 15.82 -16.05 -45.09
C GLY A 75 14.88 -17.11 -44.59
N LYS A 76 14.78 -17.23 -43.27
CA LYS A 76 13.88 -18.16 -42.57
C LYS A 76 12.89 -17.54 -41.61
N TYR A 77 13.08 -16.30 -41.16
CA TYR A 77 12.17 -15.78 -40.15
C TYR A 77 11.75 -14.39 -40.58
N ASP A 78 10.50 -14.04 -40.27
CA ASP A 78 10.12 -12.64 -40.41
C ASP A 78 10.97 -11.79 -39.48
N LEU A 79 11.14 -10.53 -39.84
CA LEU A 79 12.02 -9.63 -39.09
C LEU A 79 11.26 -8.33 -38.86
N CYS A 80 10.96 -8.05 -37.60
CA CYS A 80 10.36 -6.81 -37.15
C CYS A 80 11.42 -5.94 -36.48
N VAL A 81 11.49 -4.67 -36.89
CA VAL A 81 12.54 -3.76 -36.43
C VAL A 81 11.91 -2.40 -36.13
N ASP A 82 12.46 -1.74 -35.12
CA ASP A 82 12.00 -0.40 -34.75
C ASP A 82 12.44 0.64 -35.78
N LEU A 83 11.53 1.54 -36.12
CA LEU A 83 11.82 2.72 -36.92
C LEU A 83 11.46 3.93 -36.06
N THR A 84 12.46 4.67 -35.58
CA THR A 84 12.14 5.80 -34.69
C THR A 84 11.74 6.97 -35.57
N VAL A 85 10.44 7.02 -35.90
CA VAL A 85 9.96 8.04 -36.82
C VAL A 85 9.86 9.42 -36.17
N ASN A 86 9.88 9.50 -34.85
CA ASN A 86 9.65 10.80 -34.25
C ASN A 86 10.92 11.64 -34.18
N HIS A 87 12.07 10.98 -34.05
CA HIS A 87 13.27 11.67 -33.61
C HIS A 87 14.51 10.85 -33.96
N ILE A 88 15.63 11.54 -34.02
CA ILE A 88 16.92 10.91 -34.27
C ILE A 88 17.93 11.54 -33.32
N SER A 89 19.07 10.89 -33.18
CA SER A 89 20.06 11.31 -32.20
C SER A 89 20.62 12.68 -32.55
N ASP A 90 20.99 13.44 -31.51
CA ASP A 90 21.70 14.69 -31.77
C ASP A 90 23.10 14.43 -32.31
N GLU A 91 23.62 13.22 -32.14
CA GLU A 91 24.90 12.84 -32.70
C GLU A 91 24.79 12.28 -34.11
N SER A 92 23.59 12.29 -34.70
CA SER A 92 23.42 11.83 -36.07
C SER A 92 24.17 12.75 -37.04
N PRO A 93 24.56 12.24 -38.21
CA PRO A 93 25.20 13.13 -39.21
C PRO A 93 24.37 14.36 -39.51
N GLU A 94 23.05 14.19 -39.62
CA GLU A 94 22.18 15.29 -40.00
C GLU A 94 22.16 16.39 -38.94
N PHE A 95 22.07 16.01 -37.66
CA PHE A 95 21.94 17.04 -36.65
C PHE A 95 23.27 17.73 -36.37
N ARG A 96 24.38 16.99 -36.38
CA ARG A 96 25.69 17.63 -36.25
C ARG A 96 25.96 18.60 -37.40
N ASP A 97 25.45 18.31 -38.59
CA ASP A 97 25.58 19.25 -39.70
C ASP A 97 24.77 20.52 -39.44
N PHE A 98 23.56 20.38 -38.87
CA PHE A 98 22.80 21.56 -38.48
C PHE A 98 23.52 22.37 -37.41
N ILE A 99 24.16 21.69 -36.46
CA ILE A 99 24.93 22.40 -35.45
C ILE A 99 26.05 23.18 -36.10
N ALA A 100 26.75 22.55 -37.04
CA ALA A 100 27.91 23.20 -37.63
C ALA A 100 27.50 24.40 -38.48
N ASN A 101 26.55 24.20 -39.39
CA ASN A 101 26.29 25.15 -40.46
C ASN A 101 25.11 26.08 -40.18
N GLY A 102 24.55 26.03 -38.98
CA GLY A 102 23.39 26.82 -38.60
C GLY A 102 22.19 26.60 -39.50
N PHE A 103 21.41 27.65 -39.69
CA PHE A 103 20.26 27.55 -40.59
C PHE A 103 20.65 27.54 -42.05
N ASP A 104 21.94 27.67 -42.36
CA ASP A 104 22.39 27.49 -43.73
C ASP A 104 22.59 26.02 -44.09
N SER A 105 22.60 25.14 -43.08
CA SER A 105 22.67 23.71 -43.33
C SER A 105 21.50 23.25 -44.17
N GLU A 106 21.78 22.32 -45.08
CA GLU A 106 20.74 21.76 -45.93
C GLU A 106 19.87 20.74 -45.19
N TYR A 107 20.23 20.41 -43.93
CA TYR A 107 19.41 19.55 -43.08
C TYR A 107 18.68 20.35 -42.02
N ALA A 108 18.64 21.67 -42.15
CA ALA A 108 18.04 22.49 -41.09
C ALA A 108 16.55 22.22 -40.95
N ASP A 109 15.86 22.05 -42.09
CA ASP A 109 14.41 21.85 -42.10
C ASP A 109 14.01 20.41 -41.73
N LEU A 110 14.97 19.59 -41.32
CA LEU A 110 14.69 18.25 -40.83
C LEU A 110 14.21 18.26 -39.38
N PHE A 111 14.35 19.37 -38.68
CA PHE A 111 14.05 19.46 -37.27
C PHE A 111 13.02 20.56 -37.04
N VAL A 112 12.43 20.57 -35.85
CA VAL A 112 11.32 21.48 -35.52
C VAL A 112 11.87 22.66 -34.75
N HIS A 113 11.69 23.87 -35.27
CA HIS A 113 12.30 25.06 -34.68
C HIS A 113 11.24 25.81 -33.88
N VAL A 114 11.39 25.84 -32.56
CA VAL A 114 10.39 26.40 -31.66
C VAL A 114 10.09 27.86 -31.96
N ASP A 115 10.96 28.50 -32.76
CA ASP A 115 10.83 29.93 -33.00
C ASP A 115 9.82 30.23 -34.10
N ARG A 116 9.61 29.29 -35.01
CA ARG A 116 8.60 29.44 -36.05
C ARG A 116 7.23 29.69 -35.43
N PHE A 117 6.88 28.93 -34.39
CA PHE A 117 5.57 29.04 -33.78
C PHE A 117 5.32 30.44 -33.19
N GLY A 118 6.38 31.15 -32.83
CA GLY A 118 6.27 32.39 -32.08
C GLY A 118 6.10 32.12 -30.59
N ASP A 119 5.50 33.08 -29.90
CA ASP A 119 5.18 32.90 -28.49
C ASP A 119 4.02 31.93 -28.33
N ILE A 120 4.24 30.87 -27.55
CA ILE A 120 3.24 29.85 -27.30
C ILE A 120 2.55 30.16 -25.98
N SER A 121 1.24 30.42 -26.04
CA SER A 121 0.50 30.83 -24.85
C SER A 121 0.51 29.71 -23.81
N PRO A 122 0.31 30.05 -22.53
CA PRO A 122 0.14 28.99 -21.52
C PRO A 122 -0.95 27.98 -21.87
N ASP A 123 -2.10 28.45 -22.37
CA ASP A 123 -3.19 27.56 -22.78
C ASP A 123 -2.73 26.56 -23.83
N ASP A 124 -1.89 27.00 -24.77
CA ASP A 124 -1.41 26.10 -25.81
C ASP A 124 -0.40 25.11 -25.27
N MET A 125 0.44 25.53 -24.31
CA MET A 125 1.34 24.62 -23.62
C MET A 125 0.57 23.59 -22.82
N ALA A 126 -0.52 24.01 -22.20
CA ALA A 126 -1.32 23.10 -21.39
C ALA A 126 -2.02 22.04 -22.23
N LYS A 127 -2.21 22.28 -23.52
CA LYS A 127 -2.79 21.26 -24.39
C LYS A 127 -1.80 20.13 -24.70
N ILE A 128 -0.49 20.40 -24.61
CA ILE A 128 0.49 19.44 -25.12
C ILE A 128 0.46 18.18 -24.27
N HIS A 129 0.35 17.03 -24.94
CA HIS A 129 0.35 15.71 -24.31
C HIS A 129 1.78 15.21 -24.19
N ILE A 130 2.39 15.41 -23.02
CA ILE A 130 3.80 14.97 -22.77
C ILE A 130 3.95 14.41 -21.35
N ARG A 131 4.81 13.41 -21.18
CA ARG A 131 5.07 12.80 -19.84
C ARG A 131 6.11 13.61 -19.08
N LYS A 132 7.19 14.02 -19.74
CA LYS A 132 8.22 14.70 -18.95
C LYS A 132 7.64 16.00 -18.40
N GLU A 133 8.21 16.50 -17.29
CA GLU A 133 7.75 17.74 -16.67
C GLU A 133 8.72 18.89 -16.88
N LYS A 134 9.32 18.92 -18.07
CA LYS A 134 10.08 20.05 -18.59
C LYS A 134 9.44 20.44 -19.92
N GLU A 135 9.61 21.70 -20.30
CA GLU A 135 9.12 22.09 -21.61
C GLU A 135 9.86 21.29 -22.68
N PRO A 136 9.17 20.81 -23.70
CA PRO A 136 9.79 19.95 -24.72
C PRO A 136 10.68 20.72 -25.70
N PHE A 137 11.54 21.57 -25.16
CA PHE A 137 12.34 22.49 -25.96
C PHE A 137 13.77 22.35 -25.48
N ARG A 138 14.68 21.99 -26.39
CA ARG A 138 16.10 21.98 -26.08
C ARG A 138 16.73 23.19 -26.74
N GLU A 139 17.42 24.00 -25.95
CA GLU A 139 18.19 25.12 -26.48
C GLU A 139 19.61 24.64 -26.73
N VAL A 140 20.03 24.70 -27.99
CA VAL A 140 21.35 24.20 -28.41
C VAL A 140 22.24 25.38 -28.78
N THR A 141 23.53 25.22 -28.51
CA THR A 141 24.56 26.16 -28.96
C THR A 141 25.07 25.72 -30.32
N LEU A 142 24.96 26.59 -31.31
CA LEU A 142 25.45 26.29 -32.64
C LEU A 142 26.96 26.47 -32.69
N ALA A 143 27.57 26.14 -33.84
CA ALA A 143 29.01 26.33 -33.98
C ALA A 143 29.39 27.80 -33.86
N ASP A 144 28.62 28.69 -34.49
CA ASP A 144 28.92 30.12 -34.48
C ASP A 144 28.82 30.73 -33.09
N GLY A 145 28.20 30.05 -32.14
CA GLY A 145 27.97 30.61 -30.83
C GLY A 145 26.56 31.13 -30.61
N THR A 146 25.65 30.88 -31.56
CA THR A 146 24.26 31.26 -31.41
C THR A 146 23.52 30.16 -30.66
N LYS A 147 22.38 30.53 -30.07
CA LYS A 147 21.55 29.62 -29.30
C LYS A 147 20.17 29.58 -29.94
N THR A 148 19.76 28.41 -30.44
CA THR A 148 18.42 28.19 -30.97
C THR A 148 17.80 26.99 -30.27
N ARG A 149 16.47 26.90 -30.31
CA ARG A 149 15.71 25.88 -29.59
C ARG A 149 15.02 24.95 -30.57
N VAL A 150 15.18 23.63 -30.38
CA VAL A 150 14.49 22.63 -31.18
C VAL A 150 13.56 21.80 -30.30
N TRP A 151 12.55 21.22 -30.93
CA TRP A 151 11.55 20.45 -30.19
C TRP A 151 12.16 19.14 -29.73
N CYS A 152 11.86 18.75 -28.48
CA CYS A 152 12.48 17.56 -27.89
C CYS A 152 11.48 16.92 -26.92
N THR A 153 10.80 15.87 -27.39
CA THR A 153 9.75 15.22 -26.61
C THR A 153 10.34 14.39 -25.47
N PHE A 154 11.47 13.73 -25.71
CA PHE A 154 12.14 12.80 -24.82
C PHE A 154 13.48 13.38 -24.32
N THR A 155 14.41 12.50 -23.90
CA THR A 155 15.74 12.93 -23.46
C THR A 155 16.39 13.89 -24.45
N GLU A 156 17.27 14.74 -23.93
CA GLU A 156 17.83 15.80 -24.78
C GLU A 156 18.71 15.29 -25.90
N GLN A 157 19.14 14.04 -25.87
CA GLN A 157 19.91 13.50 -26.98
C GLN A 157 19.03 13.01 -28.12
N GLN A 158 17.72 13.25 -28.04
CA GLN A 158 16.74 12.87 -29.04
C GLN A 158 16.07 14.13 -29.60
N ILE A 159 16.26 14.39 -30.89
CA ILE A 159 15.79 15.60 -31.54
C ILE A 159 14.65 15.22 -32.49
N ASP A 160 13.49 15.86 -32.31
CA ASP A 160 12.31 15.46 -33.07
C ASP A 160 12.42 15.89 -34.54
N LEU A 161 11.83 15.07 -35.40
CA LEU A 161 11.80 15.32 -36.83
C LEU A 161 10.61 16.21 -37.22
N ASN A 162 10.77 16.92 -38.34
CA ASN A 162 9.82 17.95 -38.76
C ASN A 162 8.93 17.44 -39.90
N TYR A 163 7.67 17.11 -39.58
CA TYR A 163 6.80 16.62 -40.63
C TYR A 163 5.91 17.69 -41.24
N ASP A 164 6.18 18.96 -40.97
CA ASP A 164 5.66 20.01 -41.85
C ASP A 164 6.61 20.25 -43.02
N GLY A 165 7.90 19.97 -42.84
CA GLY A 165 8.86 20.04 -43.91
C GLY A 165 8.95 18.76 -44.73
N ASP A 166 9.94 18.75 -45.62
CA ASP A 166 10.09 17.68 -46.61
C ASP A 166 11.20 16.69 -46.26
N LEU A 167 12.29 17.15 -45.65
CA LEU A 167 13.44 16.28 -45.44
C LEU A 167 13.09 15.09 -44.57
N ALA A 168 12.20 15.29 -43.59
CA ALA A 168 11.84 14.20 -42.69
C ALA A 168 11.31 13.00 -43.44
N TYR A 169 10.51 13.22 -44.49
CA TYR A 169 9.98 12.07 -45.21
C TYR A 169 11.05 11.41 -46.06
N ARG A 170 11.95 12.20 -46.64
CA ARG A 170 13.06 11.60 -47.37
C ARG A 170 13.92 10.75 -46.42
N LEU A 171 14.28 11.30 -45.26
CA LEU A 171 15.10 10.55 -44.34
C LEU A 171 14.47 9.20 -43.98
N MET A 172 13.15 9.21 -43.74
CA MET A 172 12.46 7.96 -43.38
C MET A 172 12.42 6.99 -44.54
N GLU A 173 12.15 7.48 -45.76
CA GLU A 173 12.12 6.59 -46.91
C GLU A 173 13.49 5.97 -47.16
N SER A 174 14.55 6.74 -46.91
CA SER A 174 15.91 6.19 -46.98
C SER A 174 16.10 5.07 -45.98
N TYR A 175 15.76 5.33 -44.72
CA TYR A 175 15.83 4.30 -43.69
C TYR A 175 15.02 3.06 -44.07
N ILE A 176 13.77 3.25 -44.50
CA ILE A 176 12.90 2.11 -44.83
C ILE A 176 13.45 1.34 -46.01
N GLY A 177 13.91 2.03 -47.05
CA GLY A 177 14.48 1.34 -48.19
C GLY A 177 15.66 0.48 -47.80
N PHE A 178 16.60 1.05 -47.04
CA PHE A 178 17.78 0.29 -46.65
C PHE A 178 17.43 -0.83 -45.66
N LEU A 179 16.61 -0.52 -44.65
CA LEU A 179 16.20 -1.57 -43.71
C LEU A 179 15.50 -2.71 -44.44
N THR A 180 14.62 -2.38 -45.41
CA THR A 180 13.90 -3.43 -46.11
C THR A 180 14.80 -4.23 -47.02
N SER A 181 15.82 -3.57 -47.60
CA SER A 181 16.80 -4.30 -48.40
C SER A 181 17.55 -5.33 -47.58
N LYS A 182 17.61 -5.15 -46.26
CA LYS A 182 18.30 -6.08 -45.38
C LYS A 182 17.43 -7.23 -44.90
N GLY A 183 16.17 -7.27 -45.33
CA GLY A 183 15.28 -8.37 -45.02
C GLY A 183 14.21 -8.08 -43.99
N VAL A 184 14.00 -6.81 -43.64
CA VAL A 184 13.02 -6.43 -42.62
C VAL A 184 11.62 -6.46 -43.23
N ASN A 185 10.73 -7.27 -42.65
CA ASN A 185 9.33 -7.37 -43.05
C ASN A 185 8.42 -6.35 -42.39
N LEU A 186 8.75 -5.94 -41.17
CA LEU A 186 7.75 -5.27 -40.34
C LEU A 186 8.42 -4.14 -39.59
N LEU A 187 7.85 -2.94 -39.76
CA LEU A 187 8.40 -1.74 -39.15
C LEU A 187 7.55 -1.37 -37.94
N ARG A 188 8.11 -1.53 -36.75
CA ARG A 188 7.47 -1.01 -35.54
C ARG A 188 7.75 0.48 -35.50
N LEU A 189 6.69 1.27 -35.63
CA LEU A 189 6.82 2.72 -35.68
C LEU A 189 6.76 3.25 -34.25
N ASP A 190 7.91 3.65 -33.71
CA ASP A 190 8.02 4.06 -32.33
C ASP A 190 7.64 5.53 -32.17
N ALA A 191 6.74 5.83 -31.22
CA ALA A 191 6.36 7.24 -30.92
C ALA A 191 5.83 7.97 -32.14
N PHE A 192 4.90 7.35 -32.86
CA PHE A 192 4.34 7.97 -34.08
C PHE A 192 3.41 9.12 -33.72
N GLY A 193 2.76 9.05 -32.55
CA GLY A 193 1.80 10.07 -32.15
C GLY A 193 2.41 11.45 -32.00
N TYR A 194 3.72 11.54 -31.73
CA TYR A 194 4.31 12.84 -31.49
C TYR A 194 4.74 13.52 -32.78
N THR A 195 4.69 12.83 -33.92
CA THR A 195 5.11 13.39 -35.19
C THR A 195 4.22 14.55 -35.62
N THR A 196 2.98 14.60 -35.16
CA THR A 196 2.09 15.70 -35.47
C THR A 196 2.28 16.78 -34.42
N LYS A 197 2.94 17.87 -34.81
CA LYS A 197 3.09 19.05 -33.96
C LYS A 197 2.24 20.19 -34.53
N ARG A 198 1.29 20.70 -33.74
CA ARG A 198 0.52 21.87 -34.15
C ARG A 198 0.09 22.63 -32.91
N ILE A 199 0.60 23.85 -32.75
CA ILE A 199 0.24 24.67 -31.60
C ILE A 199 -1.27 24.88 -31.59
N GLY A 200 -1.84 24.84 -30.39
CA GLY A 200 -3.27 24.80 -30.23
C GLY A 200 -3.82 23.41 -30.13
N THR A 201 -2.98 22.39 -30.26
CA THR A 201 -3.43 21.01 -30.21
C THR A 201 -2.64 20.24 -29.17
N SER A 202 -2.99 18.97 -29.04
CA SER A 202 -2.29 18.07 -28.15
C SER A 202 -0.89 17.73 -28.62
N CYS A 203 -0.54 18.04 -29.87
CA CYS A 203 0.75 17.64 -30.43
C CYS A 203 0.97 16.16 -30.22
N PHE A 204 -0.13 15.41 -30.26
CA PHE A 204 -0.07 13.97 -30.07
C PHE A 204 -1.31 13.41 -30.74
N LEU A 205 -1.11 12.53 -31.72
CA LEU A 205 -2.21 11.90 -32.45
C LEU A 205 -3.15 12.95 -33.05
N VAL A 206 -2.60 14.05 -33.56
CA VAL A 206 -3.48 15.11 -34.06
C VAL A 206 -4.11 14.60 -35.36
N GLU A 207 -5.42 14.46 -35.34
CA GLU A 207 -6.22 13.88 -36.41
C GLU A 207 -6.69 14.99 -37.35
N PRO A 208 -6.68 14.74 -38.68
CA PRO A 208 -6.33 13.51 -39.40
C PRO A 208 -4.90 13.54 -39.90
N GLU A 209 -4.15 14.58 -39.52
CA GLU A 209 -2.73 14.67 -39.86
C GLU A 209 -2.04 13.35 -39.56
N VAL A 210 -2.27 12.80 -38.38
CA VAL A 210 -1.58 11.58 -37.95
C VAL A 210 -1.81 10.44 -38.94
N TYR A 211 -3.00 10.35 -39.55
CA TYR A 211 -3.25 9.25 -40.47
C TYR A 211 -2.66 9.52 -41.85
N ARG A 212 -2.52 10.78 -42.26
CA ARG A 212 -1.84 11.03 -43.52
C ARG A 212 -0.36 10.69 -43.39
N ILE A 213 0.27 11.13 -42.29
CA ILE A 213 1.62 10.69 -41.99
C ILE A 213 1.69 9.17 -41.97
N LEU A 214 0.69 8.56 -41.35
CA LEU A 214 0.71 7.11 -41.19
C LEU A 214 0.46 6.41 -42.52
N ASP A 215 -0.43 6.95 -43.35
CA ASP A 215 -0.67 6.39 -44.68
C ASP A 215 0.56 6.49 -45.56
N TRP A 216 1.26 7.63 -45.53
CA TRP A 216 2.44 7.79 -46.35
C TRP A 216 3.50 6.74 -46.04
N ILE A 217 3.84 6.58 -44.75
CA ILE A 217 4.86 5.60 -44.36
C ILE A 217 4.45 4.20 -44.82
N ASN A 218 3.16 3.86 -44.67
CA ASN A 218 2.72 2.51 -45.01
C ASN A 218 2.94 2.23 -46.49
N GLU A 219 2.73 3.24 -47.33
CA GLU A 219 2.90 3.07 -48.77
C GLU A 219 4.37 2.93 -49.13
N VAL A 220 5.23 3.76 -48.53
CA VAL A 220 6.67 3.61 -48.68
C VAL A 220 7.08 2.20 -48.27
N ALA A 221 6.56 1.74 -47.12
CA ALA A 221 6.84 0.39 -46.66
C ALA A 221 6.35 -0.66 -47.65
N PHE A 222 5.15 -0.48 -48.21
CA PHE A 222 4.61 -1.50 -49.11
C PHE A 222 5.42 -1.60 -50.39
N LYS A 223 5.88 -0.45 -50.93
CA LYS A 223 6.74 -0.50 -52.11
C LYS A 223 8.00 -1.33 -51.85
N HIS A 224 8.50 -1.31 -50.62
CA HIS A 224 9.77 -1.97 -50.32
C HIS A 224 9.58 -3.32 -49.66
N GLY A 225 8.36 -3.87 -49.68
CA GLY A 225 8.14 -5.22 -49.19
C GLY A 225 7.97 -5.36 -47.69
N ALA A 226 7.41 -4.36 -47.02
CA ALA A 226 7.30 -4.38 -45.57
C ALA A 226 5.94 -3.87 -45.14
N GLU A 227 5.48 -4.34 -43.98
CA GLU A 227 4.26 -3.86 -43.33
C GLU A 227 4.62 -3.12 -42.05
N CYS A 228 3.64 -2.39 -41.51
CA CYS A 228 3.90 -1.51 -40.38
C CYS A 228 3.16 -1.95 -39.13
N LEU A 229 3.77 -1.66 -37.98
CA LEU A 229 3.24 -1.94 -36.66
C LEU A 229 3.34 -0.64 -35.86
N PRO A 230 2.38 0.25 -36.01
CA PRO A 230 2.44 1.54 -35.33
C PRO A 230 2.14 1.37 -33.84
N GLU A 231 3.07 1.78 -32.97
CA GLU A 231 2.91 1.52 -31.54
C GLU A 231 2.54 2.82 -30.82
N VAL A 232 1.36 2.82 -30.21
CA VAL A 232 0.87 3.94 -29.44
C VAL A 232 0.18 3.36 -28.20
N HIS A 233 0.42 3.98 -27.06
CA HIS A 233 -0.20 3.59 -25.80
C HIS A 233 -1.22 4.66 -25.45
N ASP A 234 -2.47 4.42 -25.82
CA ASP A 234 -3.57 5.34 -25.51
C ASP A 234 -4.86 4.55 -25.70
N HIS A 235 -5.98 5.26 -25.73
CA HIS A 235 -7.28 4.62 -25.83
C HIS A 235 -7.31 3.65 -27.02
N THR A 236 -7.97 2.48 -26.82
CA THR A 236 -7.98 1.48 -27.89
C THR A 236 -8.54 2.03 -29.19
N SER A 237 -9.29 3.12 -29.12
CA SER A 237 -9.85 3.70 -30.33
C SER A 237 -8.77 3.93 -31.36
N TYR A 238 -7.57 4.32 -30.93
CA TYR A 238 -6.48 4.51 -31.88
C TYR A 238 -6.04 3.18 -32.46
N GLN A 239 -6.18 2.08 -31.71
CA GLN A 239 -5.82 0.80 -32.28
C GLN A 239 -6.78 0.41 -33.40
N TYR A 240 -8.06 0.77 -33.28
CA TYR A 240 -8.92 0.41 -34.40
C TYR A 240 -8.68 1.32 -35.58
N ALA A 241 -8.37 2.59 -35.31
CA ALA A 241 -8.05 3.53 -36.38
C ALA A 241 -6.80 3.07 -37.15
N ILE A 242 -5.77 2.63 -36.42
CA ILE A 242 -4.59 2.03 -37.06
C ILE A 242 -4.99 0.83 -37.91
N SER A 243 -5.73 -0.10 -37.32
CA SER A 243 -6.12 -1.32 -38.00
C SER A 243 -6.88 -1.03 -39.29
N ARG A 244 -7.62 0.06 -39.34
CA ARG A 244 -8.47 0.31 -40.50
C ARG A 244 -7.72 1.02 -41.61
N ARG A 245 -6.43 1.28 -41.44
CA ARG A 245 -5.58 1.82 -42.50
C ARG A 245 -4.55 0.81 -42.99
N ASN A 246 -4.89 -0.48 -42.94
CA ASN A 246 -4.03 -1.56 -43.41
C ASN A 246 -2.67 -1.57 -42.73
N MET A 247 -2.71 -1.42 -41.40
CA MET A 247 -1.53 -1.50 -40.58
C MET A 247 -1.85 -2.38 -39.38
N HIS A 248 -0.81 -2.76 -38.65
CA HIS A 248 -0.94 -3.69 -37.56
C HIS A 248 -1.02 -2.92 -36.26
N PRO A 249 -2.14 -2.93 -35.54
CA PRO A 249 -2.17 -2.35 -34.19
C PRO A 249 -1.59 -3.34 -33.19
N TYR A 250 -1.22 -2.81 -32.02
CA TYR A 250 -0.90 -3.67 -30.89
C TYR A 250 -2.13 -4.05 -30.09
N GLY A 251 -2.16 -5.28 -29.60
CA GLY A 251 -3.19 -5.71 -28.70
C GLY A 251 -2.85 -5.38 -27.26
N PHE A 252 -2.54 -4.10 -27.01
CA PHE A 252 -2.11 -3.65 -25.69
C PHE A 252 -3.22 -3.80 -24.66
N ALA A 253 -4.47 -3.96 -25.09
CA ALA A 253 -5.56 -4.20 -24.15
C ALA A 253 -5.45 -5.58 -23.51
N LEU A 254 -4.89 -6.55 -24.22
CA LEU A 254 -4.97 -7.94 -23.78
C LEU A 254 -4.26 -8.22 -22.47
N PRO A 255 -2.99 -7.81 -22.26
CA PRO A 255 -2.28 -8.21 -21.04
C PRO A 255 -3.04 -7.82 -19.78
N PRO A 256 -3.35 -6.53 -19.56
CA PRO A 256 -4.09 -6.21 -18.32
C PRO A 256 -5.45 -6.86 -18.27
N LEU A 257 -6.06 -7.09 -19.43
CA LEU A 257 -7.35 -7.76 -19.50
C LEU A 257 -7.24 -9.20 -19.01
N LEU A 258 -6.18 -9.93 -19.41
CA LEU A 258 -6.01 -11.29 -18.93
C LEU A 258 -5.66 -11.29 -17.44
N LEU A 259 -4.80 -10.38 -17.00
CA LEU A 259 -4.51 -10.30 -15.57
C LEU A 259 -5.80 -10.21 -14.77
N TYR A 260 -6.67 -9.26 -15.13
CA TYR A 260 -7.95 -9.16 -14.44
C TYR A 260 -8.71 -10.46 -14.57
N SER A 261 -8.80 -10.99 -15.79
CA SER A 261 -9.61 -12.17 -16.04
C SER A 261 -9.17 -13.32 -15.15
N LEU A 262 -7.85 -13.59 -15.10
CA LEU A 262 -7.33 -14.71 -14.31
C LEU A 262 -7.45 -14.45 -12.81
N LEU A 263 -7.09 -13.24 -12.36
CA LEU A 263 -7.09 -12.97 -10.92
C LEU A 263 -8.49 -13.01 -10.33
N ASP A 264 -9.50 -12.61 -11.08
CA ASP A 264 -10.87 -12.55 -10.56
C ASP A 264 -11.79 -13.60 -11.18
N ALA A 265 -11.23 -14.55 -11.95
CA ALA A 265 -11.97 -15.67 -12.55
C ALA A 265 -13.23 -15.19 -13.28
N ASN A 266 -13.00 -14.34 -14.29
CA ASN A 266 -14.07 -13.64 -14.97
C ASN A 266 -13.71 -13.50 -16.45
N SER A 267 -14.60 -14.01 -17.31
CA SER A 267 -14.39 -13.98 -18.74
C SER A 267 -15.29 -13.00 -19.47
N VAL A 268 -16.18 -12.29 -18.76
CA VAL A 268 -17.20 -11.48 -19.42
C VAL A 268 -16.54 -10.39 -20.26
N TYR A 269 -15.56 -9.71 -19.67
CA TYR A 269 -14.91 -8.60 -20.38
C TYR A 269 -13.94 -9.10 -21.44
N LEU A 270 -13.29 -10.22 -21.17
CA LEU A 270 -12.42 -10.85 -22.15
C LEU A 270 -13.19 -11.29 -23.37
N LYS A 271 -14.33 -11.97 -23.17
CA LYS A 271 -15.11 -12.42 -24.30
C LYS A 271 -15.64 -11.24 -25.10
N ASN A 272 -16.10 -10.18 -24.42
CA ASN A 272 -16.57 -9.00 -25.13
C ASN A 272 -15.47 -8.41 -25.99
N TRP A 273 -14.24 -8.41 -25.49
CA TRP A 273 -13.15 -7.84 -26.28
C TRP A 273 -12.80 -8.74 -27.45
N LEU A 274 -12.73 -10.05 -27.23
CA LEU A 274 -12.44 -10.96 -28.33
C LEU A 274 -13.48 -10.83 -29.43
N ARG A 275 -14.74 -10.58 -29.06
CA ARG A 275 -15.79 -10.41 -30.04
C ARG A 275 -15.61 -9.15 -30.87
N MET A 276 -14.92 -8.15 -30.29
CA MET A 276 -14.67 -6.84 -30.88
C MET A 276 -13.25 -6.64 -31.37
N CYS A 277 -12.30 -7.47 -30.95
CA CYS A 277 -10.90 -7.07 -30.92
C CYS A 277 -10.47 -6.59 -32.30
N PRO A 278 -9.67 -5.52 -32.38
CA PRO A 278 -9.23 -5.07 -33.71
C PRO A 278 -8.44 -6.19 -34.36
N ARG A 279 -8.62 -6.33 -35.66
CA ARG A 279 -8.01 -7.45 -36.36
C ARG A 279 -6.70 -7.02 -37.00
N ASN A 280 -5.87 -8.01 -37.31
CA ASN A 280 -4.52 -7.80 -37.85
C ASN A 280 -3.66 -7.10 -36.80
N MET A 281 -3.90 -7.44 -35.54
CA MET A 281 -3.09 -6.87 -34.49
C MET A 281 -1.95 -7.81 -34.12
N VAL A 282 -0.94 -7.24 -33.48
CA VAL A 282 0.16 -8.00 -32.93
C VAL A 282 -0.08 -8.08 -31.43
N THR A 283 -0.23 -9.28 -30.90
CA THR A 283 -0.56 -9.46 -29.50
C THR A 283 0.71 -9.66 -28.69
N VAL A 284 0.74 -9.03 -27.50
CA VAL A 284 1.78 -9.24 -26.51
C VAL A 284 1.12 -9.55 -25.19
N LEU A 285 1.90 -10.13 -24.28
CA LEU A 285 1.52 -10.18 -22.86
C LEU A 285 2.49 -9.37 -22.02
N ASP A 286 3.78 -9.68 -22.06
CA ASP A 286 4.81 -8.81 -21.54
C ASP A 286 5.59 -8.19 -22.69
N THR A 287 5.89 -6.89 -22.56
CA THR A 287 6.62 -6.13 -23.57
C THR A 287 8.05 -5.90 -23.10
N HIS A 288 8.78 -5.04 -23.82
CA HIS A 288 10.06 -4.57 -23.35
C HIS A 288 9.93 -3.33 -22.45
N ASP A 289 8.71 -2.81 -22.31
CA ASP A 289 8.45 -1.60 -21.56
C ASP A 289 7.64 -1.83 -20.31
N GLY A 290 6.72 -2.77 -20.31
CA GLY A 290 5.99 -3.04 -19.10
C GLY A 290 4.52 -2.69 -19.13
N ILE A 291 4.03 -2.44 -17.91
CA ILE A 291 2.61 -2.28 -17.61
C ILE A 291 2.11 -0.96 -18.20
N CYS A 292 1.06 -1.04 -19.02
CA CYS A 292 0.37 0.18 -19.45
C CYS A 292 -1.12 0.05 -19.21
N ILE A 293 -1.67 0.97 -18.42
CA ILE A 293 -3.07 0.98 -18.00
C ILE A 293 -4.04 1.65 -18.98
N PRO A 294 -3.74 2.85 -19.52
CA PRO A 294 -4.70 3.49 -20.44
C PRO A 294 -5.09 2.66 -21.67
N ASP A 295 -4.38 1.56 -21.96
CA ASP A 295 -4.67 0.68 -23.09
C ASP A 295 -5.87 -0.22 -22.85
N VAL A 296 -6.38 -0.28 -21.62
CA VAL A 296 -7.50 -1.14 -21.26
C VAL A 296 -8.70 -0.34 -20.80
N GLU A 297 -8.59 1.00 -20.79
CA GLU A 297 -9.75 1.84 -20.49
C GLU A 297 -10.86 1.59 -21.49
N GLY A 298 -12.06 1.37 -20.98
CA GLY A 298 -13.22 1.04 -21.79
C GLY A 298 -13.30 -0.45 -22.03
N VAL A 299 -12.18 -1.08 -22.30
CA VAL A 299 -12.17 -2.53 -22.44
C VAL A 299 -12.50 -3.19 -21.10
N LEU A 300 -12.09 -2.56 -20.02
CA LEU A 300 -12.30 -3.08 -18.68
C LEU A 300 -12.86 -1.91 -17.89
N PRO A 301 -13.97 -2.09 -17.16
CA PRO A 301 -14.56 -0.97 -16.44
C PRO A 301 -13.63 -0.44 -15.36
N ASP A 302 -13.85 0.81 -14.96
CA ASP A 302 -12.93 1.46 -14.02
C ASP A 302 -12.86 0.73 -12.69
N ASP A 303 -14.00 0.19 -12.21
CA ASP A 303 -13.97 -0.58 -10.98
C ASP A 303 -13.14 -1.84 -11.10
N LYS A 304 -13.22 -2.56 -12.23
CA LYS A 304 -12.41 -3.77 -12.35
C LYS A 304 -10.94 -3.44 -12.54
N ILE A 305 -10.64 -2.31 -13.19
CA ILE A 305 -9.26 -1.86 -13.29
C ILE A 305 -8.69 -1.62 -11.90
N LYS A 306 -9.46 -0.97 -11.02
CA LYS A 306 -9.02 -0.75 -9.65
C LYS A 306 -8.75 -2.07 -8.95
N VAL A 307 -9.64 -3.05 -9.11
CA VAL A 307 -9.37 -4.40 -8.62
C VAL A 307 -8.01 -4.87 -9.12
N LEU A 308 -7.83 -4.81 -10.44
CA LEU A 308 -6.55 -5.19 -11.05
C LEU A 308 -5.39 -4.41 -10.44
N ILE A 309 -5.50 -3.09 -10.39
CA ILE A 309 -4.41 -2.27 -9.85
C ILE A 309 -4.13 -2.62 -8.40
N ASP A 310 -5.17 -2.75 -7.58
CA ASP A 310 -4.97 -3.04 -6.16
C ASP A 310 -4.29 -4.38 -5.94
N ASN A 311 -4.75 -5.43 -6.63
CA ASN A 311 -4.16 -6.75 -6.48
C ASN A 311 -2.70 -6.76 -6.94
N CYS A 339 7.60 -5.22 -14.33
CA CYS A 339 6.95 -6.46 -13.91
C CYS A 339 6.79 -7.49 -15.03
N THR A 340 7.66 -8.50 -15.04
CA THR A 340 7.49 -9.63 -15.95
C THR A 340 6.10 -10.23 -15.79
N PHE A 341 5.46 -10.57 -16.90
CA PHE A 341 4.06 -11.02 -16.85
C PHE A 341 3.89 -12.21 -15.92
N TYR A 342 4.91 -13.06 -15.84
CA TYR A 342 4.88 -14.26 -15.00
C TYR A 342 4.67 -13.90 -13.52
N ASP A 343 5.26 -12.79 -13.05
CA ASP A 343 5.12 -12.37 -11.66
C ASP A 343 3.73 -11.85 -11.32
N ALA A 344 3.04 -11.24 -12.28
CA ALA A 344 1.72 -10.72 -11.94
C ALA A 344 0.73 -11.85 -11.69
N LEU A 345 0.96 -13.02 -12.30
CA LEU A 345 0.19 -14.22 -12.03
C LEU A 345 0.72 -15.00 -10.84
N MET A 346 1.60 -14.36 -10.05
CA MET A 346 2.17 -14.93 -8.84
C MET A 346 3.00 -16.18 -9.14
N GLN A 347 3.66 -16.18 -10.30
CA GLN A 347 4.51 -17.27 -10.73
C GLN A 347 3.80 -18.61 -10.81
N ASN A 348 2.48 -18.57 -11.00
CA ASN A 348 1.60 -19.74 -11.16
C ASN A 348 1.68 -20.21 -12.61
N ASP A 349 2.25 -21.39 -12.83
CA ASP A 349 2.49 -21.89 -14.19
C ASP A 349 1.19 -22.11 -14.95
N ASP A 350 0.21 -22.75 -14.31
CA ASP A 350 -1.08 -23.02 -14.96
C ASP A 350 -1.72 -21.73 -15.45
N ALA A 351 -1.71 -20.69 -14.61
CA ALA A 351 -2.25 -19.40 -15.01
C ALA A 351 -1.47 -18.83 -16.20
N TYR A 352 -0.14 -18.89 -16.13
CA TYR A 352 0.68 -18.34 -17.21
C TYR A 352 0.47 -19.11 -18.51
N ILE A 353 0.48 -20.45 -18.43
CA ILE A 353 0.26 -21.24 -19.64
C ILE A 353 -1.11 -20.95 -20.25
N ALA A 354 -2.14 -20.81 -19.39
CA ALA A 354 -3.47 -20.50 -19.90
C ALA A 354 -3.54 -19.12 -20.55
N ALA A 355 -2.81 -18.15 -19.99
CA ALA A 355 -2.78 -16.83 -20.60
C ALA A 355 -2.10 -16.87 -21.98
N ARG A 356 -0.97 -17.56 -22.12
CA ARG A 356 -0.38 -17.70 -23.43
C ARG A 356 -1.32 -18.44 -24.37
N ALA A 357 -1.98 -19.48 -23.87
CA ALA A 357 -2.95 -20.19 -24.69
C ALA A 357 -4.01 -19.22 -25.19
N ILE A 358 -4.57 -18.41 -24.29
CA ILE A 358 -5.58 -17.43 -24.70
C ILE A 358 -4.97 -16.42 -25.69
N GLN A 359 -3.80 -15.87 -25.37
CA GLN A 359 -3.15 -14.96 -26.31
C GLN A 359 -3.04 -15.61 -27.68
N PHE A 360 -2.56 -16.85 -27.75
CA PHE A 360 -2.27 -17.44 -29.04
C PHE A 360 -3.52 -17.66 -29.87
N PHE A 361 -4.66 -17.98 -29.24
CA PHE A 361 -5.88 -18.10 -30.04
C PHE A 361 -6.56 -16.75 -30.28
N THR A 362 -6.02 -15.67 -29.76
CA THR A 362 -6.57 -14.36 -30.06
C THR A 362 -6.20 -13.95 -31.48
N PRO A 363 -7.12 -13.42 -32.27
CA PRO A 363 -6.77 -13.02 -33.65
C PRO A 363 -5.57 -12.11 -33.65
N GLY A 364 -4.67 -12.36 -34.59
CA GLY A 364 -3.46 -11.58 -34.78
C GLY A 364 -2.22 -12.44 -34.68
N ILE A 365 -1.08 -11.77 -34.82
CA ILE A 365 0.23 -12.41 -34.77
C ILE A 365 0.71 -12.36 -33.33
N PRO A 366 0.95 -13.49 -32.67
CA PRO A 366 1.35 -13.46 -31.26
C PRO A 366 2.85 -13.25 -31.11
N GLN A 367 3.23 -12.26 -30.32
CA GLN A 367 4.61 -12.09 -29.93
C GLN A 367 4.79 -12.65 -28.53
N VAL A 368 5.95 -13.26 -28.29
CA VAL A 368 6.38 -13.75 -26.99
C VAL A 368 7.69 -13.05 -26.65
N TYR A 369 7.69 -12.26 -25.58
CA TYR A 369 8.92 -11.64 -25.10
C TYR A 369 9.86 -12.70 -24.51
N TYR A 370 11.17 -12.53 -24.73
CA TYR A 370 12.12 -13.61 -24.44
C TYR A 370 12.13 -13.96 -22.96
N VAL A 371 11.99 -12.97 -22.09
CA VAL A 371 11.92 -13.25 -20.65
C VAL A 371 10.68 -14.07 -20.34
N GLY A 372 9.58 -13.79 -21.06
CA GLY A 372 8.40 -14.63 -20.93
C GLY A 372 8.62 -16.05 -21.41
N LEU A 373 9.45 -16.24 -22.45
CA LEU A 373 9.78 -17.59 -22.91
C LEU A 373 10.48 -18.40 -21.83
N LEU A 374 11.37 -17.75 -21.08
CA LEU A 374 12.23 -18.44 -20.13
C LEU A 374 11.68 -18.36 -18.70
N ALA A 375 10.46 -17.86 -18.53
CA ALA A 375 9.82 -17.78 -17.23
C ALA A 375 10.74 -17.09 -16.22
N GLY A 376 11.04 -15.83 -16.51
CA GLY A 376 11.94 -15.04 -15.69
C GLY A 376 11.21 -14.15 -14.69
N CYS A 377 12.00 -13.65 -13.74
CA CYS A 377 11.44 -12.91 -12.62
C CYS A 377 12.00 -11.49 -12.55
N ILE A 392 13.84 -4.19 -14.85
CA ILE A 392 13.22 -5.27 -14.10
C ILE A 392 12.59 -6.30 -15.05
N ASN A 393 12.15 -5.81 -16.22
CA ASN A 393 11.57 -6.65 -17.26
C ASN A 393 12.61 -6.97 -18.34
N ARG A 394 13.91 -6.85 -18.02
CA ARG A 394 15.01 -6.88 -18.99
C ARG A 394 16.20 -7.61 -18.34
N ASN A 395 16.28 -8.92 -18.57
CA ASN A 395 17.29 -9.78 -17.95
C ASN A 395 18.30 -10.24 -18.99
N TYR A 396 19.51 -10.57 -18.53
CA TYR A 396 20.50 -11.17 -19.41
C TYR A 396 20.53 -12.67 -19.17
N TYR A 397 20.75 -13.43 -20.24
CA TYR A 397 20.92 -14.87 -20.18
C TYR A 397 22.16 -15.24 -20.97
N THR A 398 22.93 -16.19 -20.45
CA THR A 398 24.00 -16.81 -21.22
C THR A 398 23.39 -17.97 -22.00
N LEU A 399 24.16 -18.50 -22.95
CA LEU A 399 23.62 -19.60 -23.76
C LEU A 399 23.40 -20.85 -22.93
N ASN A 400 24.20 -21.07 -21.87
CA ASN A 400 23.92 -22.14 -20.93
C ASN A 400 22.65 -21.86 -20.14
N GLU A 401 22.48 -20.63 -19.67
CA GLU A 401 21.33 -20.30 -18.84
C GLU A 401 20.02 -20.48 -19.60
N MET A 402 20.00 -20.16 -20.89
CA MET A 402 18.78 -20.39 -21.67
C MET A 402 18.49 -21.88 -21.81
N ASP A 403 19.51 -22.69 -22.09
CA ASP A 403 19.31 -24.14 -22.19
C ASP A 403 18.73 -24.69 -20.90
N GLU A 404 19.22 -24.22 -19.75
CA GLU A 404 18.67 -24.64 -18.47
C GLU A 404 17.22 -24.18 -18.33
N ALA A 405 16.97 -22.91 -18.65
CA ALA A 405 15.61 -22.37 -18.53
C ALA A 405 14.66 -23.10 -19.46
N MET A 406 15.15 -23.59 -20.60
CA MET A 406 14.32 -24.38 -21.51
C MET A 406 13.87 -25.69 -20.91
N GLU A 407 14.60 -26.22 -19.92
CA GLU A 407 14.26 -27.49 -19.29
C GLU A 407 13.13 -27.36 -18.29
N LYS A 408 12.78 -26.14 -17.89
CA LYS A 408 11.75 -25.92 -16.88
C LYS A 408 10.41 -26.46 -17.39
N PRO A 409 9.66 -27.20 -16.57
CA PRO A 409 8.37 -27.75 -17.05
C PRO A 409 7.46 -26.71 -17.67
N VAL A 410 7.33 -25.54 -17.06
CA VAL A 410 6.45 -24.50 -17.60
C VAL A 410 6.93 -24.04 -18.96
N VAL A 411 8.25 -24.06 -19.20
CA VAL A 411 8.77 -23.60 -20.48
C VAL A 411 8.52 -24.63 -21.58
N GLN A 412 8.60 -25.91 -21.25
CA GLN A 412 8.27 -26.95 -22.22
C GLN A 412 6.79 -26.89 -22.60
N ARG A 413 5.93 -26.61 -21.63
CA ARG A 413 4.52 -26.40 -21.95
C ARG A 413 4.37 -25.24 -22.92
N LEU A 414 5.16 -24.18 -22.73
CA LEU A 414 5.07 -23.01 -23.61
C LEU A 414 5.64 -23.30 -25.00
N LEU A 415 6.71 -24.08 -25.09
CA LEU A 415 7.21 -24.47 -26.41
C LEU A 415 6.16 -25.24 -27.17
N THR A 416 5.48 -26.17 -26.49
CA THR A 416 4.45 -26.96 -27.14
C THR A 416 3.38 -26.06 -27.76
N LEU A 417 2.90 -25.07 -27.01
CA LEU A 417 1.96 -24.10 -27.56
C LEU A 417 2.55 -23.36 -28.75
N MET A 418 3.78 -22.86 -28.59
CA MET A 418 4.37 -22.04 -29.62
C MET A 418 4.50 -22.81 -30.93
N LYS A 419 4.96 -24.07 -30.85
CA LYS A 419 5.04 -24.89 -32.05
C LYS A 419 3.66 -25.13 -32.66
N PHE A 420 2.67 -25.41 -31.80
CA PHE A 420 1.32 -25.64 -32.30
C PHE A 420 0.74 -24.40 -32.95
N ARG A 421 0.84 -23.24 -32.27
CA ARG A 421 0.31 -22.01 -32.86
C ARG A 421 1.04 -21.63 -34.15
N THR A 422 2.34 -21.90 -34.21
CA THR A 422 3.13 -21.54 -35.38
C THR A 422 2.91 -22.48 -36.55
N ASN A 423 2.48 -23.71 -36.30
CA ASN A 423 2.44 -24.71 -37.38
C ASN A 423 1.06 -25.22 -37.73
N TYR A 424 0.12 -25.29 -36.78
CA TYR A 424 -1.15 -25.95 -37.07
C TYR A 424 -1.99 -25.09 -38.01
N PRO A 425 -2.51 -25.65 -39.11
CA PRO A 425 -3.07 -24.81 -40.19
C PRO A 425 -4.36 -24.10 -39.85
N ALA A 426 -5.09 -24.51 -38.81
CA ALA A 426 -6.39 -23.90 -38.52
C ALA A 426 -6.27 -22.41 -38.24
N PHE A 427 -5.17 -21.96 -37.63
CA PHE A 427 -5.01 -20.54 -37.32
C PHE A 427 -5.00 -19.69 -38.58
N ASP A 428 -4.73 -20.27 -39.73
CA ASP A 428 -4.77 -19.52 -40.97
C ASP A 428 -6.18 -19.33 -41.50
N GLY A 429 -7.17 -19.96 -40.87
CA GLY A 429 -8.56 -19.79 -41.26
C GLY A 429 -9.29 -18.69 -40.50
N HIS A 430 -10.38 -19.02 -39.81
CA HIS A 430 -11.21 -17.99 -39.22
C HIS A 430 -11.45 -18.27 -37.73
N PHE A 431 -11.57 -17.17 -37.00
CA PHE A 431 -11.80 -17.22 -35.56
C PHE A 431 -13.29 -17.37 -35.29
N GLU A 432 -13.64 -18.34 -34.46
CA GLU A 432 -15.02 -18.49 -34.00
C GLU A 432 -14.97 -18.71 -32.49
N LEU A 433 -15.35 -17.65 -31.76
CA LEU A 433 -15.50 -17.70 -30.32
C LEU A 433 -16.72 -18.54 -29.96
N ASN A 434 -16.61 -19.33 -28.89
CA ASN A 434 -17.73 -20.19 -28.49
C ASN A 434 -18.37 -19.71 -27.19
N TYR A 435 -19.62 -20.12 -27.01
CA TYR A 435 -20.31 -19.85 -25.75
C TYR A 435 -19.55 -20.44 -24.58
N SER A 436 -19.43 -19.65 -23.52
CA SER A 436 -18.90 -20.16 -22.27
C SER A 436 -19.61 -19.45 -21.14
N ASN A 437 -19.51 -20.05 -19.95
CA ASN A 437 -19.98 -19.40 -18.74
C ASN A 437 -19.08 -18.20 -18.44
N ASP A 438 -19.38 -17.47 -17.38
CA ASP A 438 -18.67 -16.23 -17.08
C ASP A 438 -17.37 -16.45 -16.33
N SER A 439 -16.97 -17.71 -16.11
CA SER A 439 -15.69 -18.04 -15.51
C SER A 439 -14.78 -18.84 -16.43
N SER A 440 -15.10 -18.94 -17.71
CA SER A 440 -14.30 -19.73 -18.63
C SER A 440 -14.31 -19.09 -20.01
N VAL A 441 -13.38 -19.51 -20.85
CA VAL A 441 -13.19 -18.96 -22.19
C VAL A 441 -13.09 -20.14 -23.17
N ALA A 442 -13.81 -20.06 -24.28
CA ALA A 442 -13.81 -21.12 -25.29
C ALA A 442 -13.53 -20.52 -26.68
N MET A 443 -12.35 -20.84 -27.24
CA MET A 443 -11.84 -20.20 -28.45
C MET A 443 -11.44 -21.26 -29.48
N ALA A 444 -11.79 -21.04 -30.75
CA ALA A 444 -11.55 -22.04 -31.77
C ALA A 444 -11.15 -21.38 -33.08
N TRP A 445 -10.41 -22.14 -33.89
CA TRP A 445 -9.99 -21.74 -35.22
C TRP A 445 -10.34 -22.85 -36.21
N ARG A 446 -10.59 -22.46 -37.45
CA ARG A 446 -11.03 -23.43 -38.44
C ARG A 446 -10.46 -23.02 -39.78
N HIS A 447 -9.86 -23.98 -40.48
CA HIS A 447 -9.31 -23.75 -41.81
C HIS A 447 -9.45 -25.07 -42.58
N GLY A 448 -10.56 -25.19 -43.29
CA GLY A 448 -10.89 -26.46 -43.94
C GLY A 448 -11.08 -27.56 -42.91
N GLU A 449 -10.40 -28.69 -43.12
CA GLU A 449 -10.47 -29.79 -42.17
C GLU A 449 -9.89 -29.41 -40.83
N HIS A 450 -8.90 -28.50 -40.82
CA HIS A 450 -8.15 -28.25 -39.60
C HIS A 450 -8.99 -27.44 -38.62
N TYR A 451 -9.06 -27.92 -37.39
CA TYR A 451 -9.90 -27.30 -36.38
C TYR A 451 -9.27 -27.59 -35.04
N CYS A 452 -9.12 -26.54 -34.23
CA CYS A 452 -8.64 -26.64 -32.87
C CYS A 452 -9.42 -25.70 -31.98
N HIS A 453 -9.56 -26.09 -30.71
CA HIS A 453 -10.50 -25.51 -29.76
C HIS A 453 -9.78 -25.37 -28.43
N LEU A 454 -9.67 -24.13 -27.92
CA LEU A 454 -9.14 -23.86 -26.60
C LEU A 454 -10.25 -23.69 -25.58
N PHE A 455 -10.07 -24.30 -24.40
CA PHE A 455 -10.96 -24.09 -23.27
C PHE A 455 -10.13 -23.83 -22.02
N VAL A 456 -10.33 -22.66 -21.42
CA VAL A 456 -9.65 -22.26 -20.19
C VAL A 456 -10.70 -22.08 -19.10
N ASP A 457 -10.58 -22.85 -18.01
CA ASP A 457 -11.36 -22.61 -16.81
C ASP A 457 -10.55 -21.68 -15.92
N LEU A 458 -11.04 -20.44 -15.76
CA LEU A 458 -10.32 -19.44 -14.99
C LEU A 458 -10.37 -19.73 -13.49
N ASN A 459 -11.28 -20.61 -13.07
CA ASN A 459 -11.33 -20.95 -11.65
C ASN A 459 -10.19 -21.86 -11.26
N PHE A 460 -9.74 -22.71 -12.18
CA PHE A 460 -8.69 -23.67 -11.87
C PHE A 460 -7.50 -23.59 -12.81
N ASN A 461 -7.44 -22.56 -13.65
CA ASN A 461 -6.27 -22.29 -14.50
C ASN A 461 -5.92 -23.50 -15.38
N THR A 462 -6.93 -24.21 -15.84
CA THR A 462 -6.73 -25.37 -16.72
C THR A 462 -6.76 -24.99 -18.21
N SER A 463 -5.88 -25.60 -18.98
CA SER A 463 -5.72 -25.34 -20.41
C SER A 463 -5.92 -26.62 -21.19
N LYS A 464 -6.97 -26.67 -22.01
CA LYS A 464 -7.26 -27.84 -22.81
C LYS A 464 -7.40 -27.43 -24.27
N ILE A 465 -6.58 -28.04 -25.12
CA ILE A 465 -6.63 -27.82 -26.56
C ILE A 465 -6.97 -29.12 -27.26
N GLN A 466 -8.01 -29.10 -28.09
CA GLN A 466 -8.37 -30.21 -28.94
C GLN A 466 -8.19 -29.77 -30.38
N TYR A 467 -7.59 -30.62 -31.19
CA TYR A 467 -7.34 -30.27 -32.58
C TYR A 467 -7.61 -31.50 -33.44
N VAL A 468 -7.80 -31.27 -34.73
CA VAL A 468 -8.11 -32.35 -35.67
C VAL A 468 -6.82 -32.79 -36.33
N ASP A 469 -6.43 -34.04 -36.09
CA ASP A 469 -5.32 -34.62 -36.83
C ASP A 469 -5.84 -35.07 -38.19
N VAL A 470 -5.48 -34.30 -39.23
CA VAL A 470 -6.10 -34.52 -40.54
C VAL A 470 -5.76 -35.92 -41.06
N LYS A 471 -4.51 -36.35 -40.88
CA LYS A 471 -4.05 -37.60 -41.47
C LYS A 471 -4.90 -38.78 -41.01
N SER A 472 -5.18 -38.85 -39.71
CA SER A 472 -6.05 -39.86 -39.15
C SER A 472 -7.50 -39.44 -39.06
N GLY A 473 -7.80 -38.15 -39.18
CA GLY A 473 -9.16 -37.67 -39.10
C GLY A 473 -9.78 -37.69 -37.73
N GLU A 474 -9.01 -38.02 -36.69
CA GLU A 474 -9.53 -38.12 -35.33
C GLU A 474 -9.23 -36.84 -34.55
N THR A 475 -9.88 -36.69 -33.40
CA THR A 475 -9.73 -35.54 -32.53
C THR A 475 -8.73 -35.88 -31.43
N ARG A 476 -7.72 -35.01 -31.25
CA ARG A 476 -6.59 -35.29 -30.39
C ARG A 476 -6.44 -34.18 -29.35
N ASP A 477 -5.80 -34.52 -28.24
CA ASP A 477 -5.56 -33.57 -27.17
C ASP A 477 -4.11 -33.11 -27.25
N LEU A 478 -3.89 -31.81 -27.31
CA LEU A 478 -2.53 -31.29 -27.22
C LEU A 478 -2.04 -31.48 -25.80
N GLU A 479 -0.84 -32.03 -25.65
CA GLU A 479 -0.29 -32.34 -24.32
C GLU A 479 0.59 -31.20 -23.84
N PHE A 480 0.02 -30.32 -23.02
CA PHE A 480 0.75 -29.18 -22.49
C PHE A 480 0.12 -28.68 -21.18
N MET B 1 -20.29 -34.38 27.16
CA MET B 1 -20.37 -34.19 28.60
C MET B 1 -19.81 -32.81 28.98
N LEU B 2 -20.62 -32.02 29.69
CA LEU B 2 -20.38 -30.59 29.93
C LEU B 2 -18.92 -30.29 30.27
N LEU B 3 -18.43 -29.20 29.67
CA LEU B 3 -17.08 -28.67 29.81
C LEU B 3 -17.01 -27.62 30.91
N LYS B 4 -15.80 -27.34 31.36
CA LYS B 4 -15.58 -26.30 32.33
C LYS B 4 -15.70 -24.93 31.65
N ASN B 5 -16.51 -24.06 32.25
CA ASN B 5 -16.68 -22.69 31.76
C ASN B 5 -15.48 -21.82 32.19
N ALA B 6 -14.34 -22.09 31.57
CA ALA B 6 -13.10 -21.46 31.99
C ALA B 6 -12.21 -21.20 30.78
N VAL B 7 -11.19 -20.36 30.98
CA VAL B 7 -10.25 -20.09 29.91
C VAL B 7 -9.54 -21.39 29.53
N GLN B 8 -9.29 -21.56 28.22
CA GLN B 8 -8.51 -22.68 27.71
C GLN B 8 -7.26 -22.14 27.03
N LEU B 9 -6.20 -22.93 27.10
CA LEU B 9 -4.92 -22.62 26.48
C LEU B 9 -4.83 -23.35 25.15
N ILE B 10 -4.63 -22.62 24.07
CA ILE B 10 -4.26 -23.21 22.79
C ILE B 10 -2.74 -23.20 22.72
N CYS B 11 -2.15 -24.36 22.47
CA CYS B 11 -0.71 -24.48 22.53
C CYS B 11 -0.28 -25.68 21.70
N TYR B 12 0.98 -25.65 21.28
CA TYR B 12 1.58 -26.82 20.65
C TYR B 12 2.00 -27.81 21.73
N PRO B 13 2.35 -29.03 21.35
CA PRO B 13 2.85 -29.98 22.36
C PRO B 13 4.30 -29.70 22.75
N ASP B 14 5.08 -29.13 21.84
CA ASP B 14 6.54 -29.13 21.96
C ASP B 14 7.16 -27.74 21.93
N ARG B 15 6.38 -26.67 22.12
CA ARG B 15 6.91 -25.33 21.98
C ARG B 15 6.97 -24.57 23.29
N ILE B 16 6.67 -25.23 24.41
CA ILE B 16 6.93 -24.68 25.74
C ILE B 16 7.74 -25.73 26.47
N GLY B 17 9.02 -25.44 26.69
CA GLY B 17 9.93 -26.50 27.07
C GLY B 17 10.23 -27.32 25.83
N ASN B 18 10.48 -28.62 26.03
CA ASN B 18 10.86 -29.48 24.93
C ASN B 18 9.81 -30.50 24.55
N ASN B 19 8.81 -30.73 25.39
CA ASN B 19 7.88 -31.82 25.16
C ASN B 19 6.66 -31.61 26.05
N LEU B 20 5.71 -32.55 25.95
CA LEU B 20 4.45 -32.46 26.67
C LEU B 20 4.65 -32.45 28.18
N THR B 21 5.72 -33.05 28.68
CA THR B 21 5.96 -33.00 30.11
C THR B 21 6.35 -31.59 30.55
N ASP B 22 7.28 -30.96 29.81
CA ASP B 22 7.61 -29.57 30.11
C ASP B 22 6.38 -28.67 30.00
N LEU B 23 5.55 -28.88 28.97
CA LEU B 23 4.27 -28.19 28.90
C LEU B 23 3.49 -28.35 30.20
N HIS B 24 3.38 -29.60 30.68
CA HIS B 24 2.62 -29.86 31.90
C HIS B 24 3.23 -29.18 33.11
N THR B 25 4.56 -29.18 33.20
CA THR B 25 5.22 -28.47 34.30
C THR B 25 4.90 -26.99 34.24
N ALA B 26 4.96 -26.41 33.03
CA ALA B 26 4.71 -24.97 32.88
C ALA B 26 3.27 -24.64 33.25
N VAL B 27 2.32 -25.47 32.80
CA VAL B 27 0.92 -25.25 33.11
C VAL B 27 0.71 -25.19 34.62
N GLU B 28 1.24 -26.18 35.35
CA GLU B 28 1.02 -26.23 36.79
C GLU B 28 1.70 -25.09 37.50
N LYS B 29 2.89 -24.69 37.05
CA LYS B 29 3.62 -23.65 37.74
C LYS B 29 2.89 -22.31 37.66
N HIS B 30 2.31 -21.99 36.52
CA HIS B 30 1.74 -20.66 36.28
C HIS B 30 0.23 -20.64 36.09
N LEU B 31 -0.34 -21.65 35.44
CA LEU B 31 -1.70 -21.56 34.93
C LEU B 31 -2.65 -22.49 35.68
N SER B 32 -2.24 -23.04 36.83
CA SER B 32 -3.01 -24.11 37.46
C SER B 32 -4.41 -23.65 37.87
N ASP B 33 -4.57 -22.36 38.18
CA ASP B 33 -5.89 -21.83 38.52
C ASP B 33 -6.34 -20.74 37.55
N ALA B 34 -5.75 -20.70 36.35
CA ALA B 34 -6.12 -19.72 35.35
C ALA B 34 -6.79 -20.32 34.12
N ILE B 35 -6.63 -21.62 33.89
CA ILE B 35 -7.27 -22.32 32.78
C ILE B 35 -7.98 -23.55 33.30
N GLY B 36 -9.03 -23.96 32.61
CA GLY B 36 -9.67 -25.21 32.95
C GLY B 36 -9.50 -26.26 31.87
N GLY B 37 -8.74 -25.94 30.82
CA GLY B 37 -8.54 -26.91 29.76
C GLY B 37 -7.47 -26.47 28.78
N LEU B 38 -7.09 -27.40 27.91
CA LEU B 38 -6.06 -27.15 26.92
C LEU B 38 -6.53 -27.64 25.56
N HIS B 39 -6.26 -26.84 24.53
CA HIS B 39 -6.36 -27.28 23.15
C HIS B 39 -4.93 -27.47 22.66
N ILE B 40 -4.51 -28.73 22.62
CA ILE B 40 -3.16 -29.09 22.20
C ILE B 40 -3.21 -29.34 20.69
N LEU B 41 -2.47 -28.53 19.95
CA LEU B 41 -2.48 -28.59 18.50
C LEU B 41 -1.87 -29.91 18.03
N PRO B 42 -2.17 -30.32 16.78
CA PRO B 42 -1.84 -31.69 16.33
C PRO B 42 -0.47 -32.21 16.71
N PHE B 43 -0.49 -33.44 17.24
CA PHE B 43 0.66 -34.10 17.84
C PHE B 43 0.70 -35.56 17.39
N PHE B 44 0.07 -35.87 16.28
CA PHE B 44 0.01 -37.20 15.71
C PHE B 44 1.10 -37.38 14.67
N PRO B 45 1.36 -38.61 14.21
CA PRO B 45 2.25 -38.75 13.05
C PRO B 45 1.63 -38.07 11.84
N SER B 46 2.36 -37.12 11.28
CA SER B 46 1.85 -36.33 10.16
C SER B 46 3.02 -36.04 9.22
N ASN B 47 2.69 -35.73 7.97
CA ASN B 47 3.74 -35.44 6.98
C ASN B 47 3.46 -34.21 6.14
N ALA B 48 2.50 -33.37 6.52
CA ALA B 48 2.29 -32.11 5.82
C ALA B 48 1.47 -31.17 6.68
N ASP B 49 1.27 -29.96 6.17
CA ASP B 49 0.41 -28.91 6.74
C ASP B 49 0.56 -28.79 8.27
N GLY B 50 1.80 -28.79 8.74
CA GLY B 50 2.08 -28.53 10.14
C GLY B 50 1.42 -29.47 11.13
N GLY B 51 0.98 -30.64 10.69
CA GLY B 51 0.38 -31.64 11.56
C GLY B 51 -1.04 -32.03 11.21
N PHE B 52 -1.69 -31.37 10.26
CA PHE B 52 -3.08 -31.67 9.92
C PHE B 52 -3.21 -32.69 8.80
N SER B 53 -2.19 -33.53 8.60
CA SER B 53 -2.27 -34.68 7.69
C SER B 53 -1.88 -35.92 8.47
N PRO B 54 -2.75 -36.37 9.40
CA PRO B 54 -2.36 -37.44 10.33
C PRO B 54 -2.40 -38.84 9.68
N LEU B 55 -1.31 -39.59 9.86
CA LEU B 55 -1.31 -41.01 9.51
C LEU B 55 -2.38 -41.76 10.28
N THR B 56 -2.53 -41.42 11.55
CA THR B 56 -3.63 -41.89 12.39
C THR B 56 -3.80 -40.89 13.51
N HIS B 57 -5.01 -40.85 14.06
CA HIS B 57 -5.27 -40.09 15.28
C HIS B 57 -5.00 -40.91 16.52
N LYS B 58 -4.32 -42.05 16.36
CA LYS B 58 -4.11 -43.03 17.43
C LYS B 58 -2.66 -43.12 17.89
N GLU B 59 -1.79 -42.19 17.48
CA GLU B 59 -0.38 -42.21 17.86
C GLU B 59 0.08 -40.78 18.16
N VAL B 60 0.92 -40.64 19.19
CA VAL B 60 1.69 -39.42 19.42
C VAL B 60 3.05 -39.57 18.75
N ASP B 61 3.49 -38.52 18.07
CA ASP B 61 4.82 -38.47 17.48
C ASP B 61 5.87 -38.57 18.60
N PRO B 62 6.71 -39.61 18.61
CA PRO B 62 7.57 -39.84 19.80
C PRO B 62 8.43 -38.66 20.18
N ALA B 63 8.70 -37.73 19.26
CA ALA B 63 9.44 -36.52 19.62
C ALA B 63 8.68 -35.68 20.65
N PHE B 64 7.35 -35.62 20.53
CA PHE B 64 6.55 -34.74 21.37
C PHE B 64 6.30 -35.33 22.75
N GLY B 65 6.26 -36.67 22.86
CA GLY B 65 5.89 -37.33 24.09
C GLY B 65 5.10 -38.60 23.83
N THR B 66 4.24 -38.98 24.77
CA THR B 66 3.44 -40.20 24.64
C THR B 66 2.01 -39.90 25.02
N TRP B 67 1.12 -40.87 24.79
CA TRP B 67 -0.27 -40.68 25.17
C TRP B 67 -0.42 -40.52 26.67
N ASP B 68 0.47 -41.12 27.45
CA ASP B 68 0.41 -40.94 28.89
C ASP B 68 0.72 -39.50 29.28
N ASP B 69 1.58 -38.83 28.51
CA ASP B 69 1.83 -37.42 28.75
C ASP B 69 0.58 -36.59 28.54
N ILE B 70 -0.30 -37.03 27.64
CA ILE B 70 -1.57 -36.34 27.42
C ILE B 70 -2.52 -36.58 28.59
N GLU B 71 -2.67 -37.84 29.00
CA GLU B 71 -3.61 -38.14 30.09
C GLU B 71 -3.20 -37.45 31.38
N ALA B 72 -1.94 -37.05 31.51
CA ALA B 72 -1.52 -36.27 32.68
C ALA B 72 -2.28 -34.97 32.82
N PHE B 73 -2.81 -34.44 31.71
CA PHE B 73 -3.61 -33.22 31.76
C PHE B 73 -5.05 -33.51 32.15
N THR B 74 -5.59 -34.61 31.67
CA THR B 74 -6.98 -34.94 31.92
C THR B 74 -7.12 -35.45 33.34
N GLY B 75 -8.04 -34.84 34.08
CA GLY B 75 -8.13 -35.13 35.49
C GLY B 75 -8.15 -33.83 36.28
N LYS B 76 -7.33 -32.86 35.85
CA LYS B 76 -7.55 -31.48 36.26
C LYS B 76 -8.03 -30.59 35.13
N TYR B 77 -7.86 -30.99 33.87
CA TYR B 77 -8.14 -30.10 32.76
C TYR B 77 -8.97 -30.75 31.67
N ASP B 78 -9.86 -29.95 31.09
CA ASP B 78 -10.48 -30.34 29.84
C ASP B 78 -9.41 -30.41 28.76
N LEU B 79 -9.67 -31.22 27.74
CA LEU B 79 -8.68 -31.45 26.69
C LEU B 79 -9.35 -31.32 25.34
N CYS B 80 -8.94 -30.32 24.55
CA CYS B 80 -9.42 -30.16 23.19
C CYS B 80 -8.35 -30.63 22.23
N VAL B 81 -8.73 -31.47 21.27
CA VAL B 81 -7.80 -32.08 20.35
C VAL B 81 -8.44 -32.10 18.96
N ASP B 82 -7.63 -31.92 17.93
CA ASP B 82 -8.11 -31.89 16.55
C ASP B 82 -8.52 -33.27 16.04
N LEU B 83 -9.65 -33.33 15.35
CA LEU B 83 -10.12 -34.50 14.61
C LEU B 83 -10.29 -34.10 13.15
N THR B 84 -9.38 -34.55 12.28
CA THR B 84 -9.42 -34.16 10.86
C THR B 84 -10.43 -35.06 10.16
N VAL B 85 -11.69 -34.62 10.16
CA VAL B 85 -12.76 -35.46 9.64
C VAL B 85 -12.76 -35.53 8.11
N ASN B 86 -12.10 -34.59 7.44
CA ASN B 86 -12.20 -34.50 5.98
C ASN B 86 -11.26 -35.46 5.26
N HIS B 87 -10.10 -35.73 5.82
CA HIS B 87 -9.04 -36.31 5.02
C HIS B 87 -8.01 -36.94 5.95
N ILE B 88 -7.26 -37.89 5.38
CA ILE B 88 -6.18 -38.56 6.10
C ILE B 88 -4.97 -38.64 5.17
N SER B 89 -3.84 -39.01 5.76
CA SER B 89 -2.58 -38.98 5.03
C SER B 89 -2.59 -40.00 3.90
N ASP B 90 -1.88 -39.67 2.81
CA ASP B 90 -1.64 -40.67 1.78
C ASP B 90 -0.68 -41.74 2.26
N GLU B 91 0.09 -41.45 3.31
CA GLU B 91 0.97 -42.43 3.94
C GLU B 91 0.28 -43.20 5.04
N SER B 92 -1.03 -42.99 5.23
CA SER B 92 -1.77 -43.77 6.20
C SER B 92 -1.83 -45.23 5.78
N PRO B 93 -1.98 -46.16 6.72
CA PRO B 93 -2.17 -47.57 6.35
C PRO B 93 -3.32 -47.78 5.38
N GLU B 94 -4.43 -47.07 5.58
CA GLU B 94 -5.62 -47.29 4.76
C GLU B 94 -5.38 -46.89 3.30
N PHE B 95 -4.75 -45.73 3.08
CA PHE B 95 -4.52 -45.33 1.70
C PHE B 95 -3.34 -46.09 1.09
N ARG B 96 -2.31 -46.36 1.90
CA ARG B 96 -1.20 -47.17 1.39
C ARG B 96 -1.67 -48.56 0.98
N ASP B 97 -2.65 -49.14 1.69
CA ASP B 97 -3.22 -50.40 1.22
C ASP B 97 -3.95 -50.19 -0.08
N PHE B 98 -4.64 -49.05 -0.23
CA PHE B 98 -5.27 -48.72 -1.49
C PHE B 98 -4.23 -48.63 -2.60
N ILE B 99 -3.02 -48.17 -2.27
CA ILE B 99 -1.96 -48.12 -3.27
C ILE B 99 -1.65 -49.52 -3.79
N ALA B 100 -1.54 -50.49 -2.88
CA ALA B 100 -1.14 -51.84 -3.26
C ALA B 100 -2.26 -52.58 -4.00
N ASN B 101 -3.47 -52.60 -3.44
CA ASN B 101 -4.48 -53.55 -3.88
C ASN B 101 -5.52 -52.96 -4.83
N GLY B 102 -5.36 -51.71 -5.26
CA GLY B 102 -6.31 -51.09 -6.17
C GLY B 102 -7.73 -51.09 -5.63
N PHE B 103 -8.69 -51.20 -6.55
CA PHE B 103 -10.10 -51.26 -6.16
C PHE B 103 -10.51 -52.58 -5.54
N ASP B 104 -9.61 -53.56 -5.45
CA ASP B 104 -9.90 -54.77 -4.71
C ASP B 104 -9.63 -54.63 -3.22
N SER B 105 -8.94 -53.56 -2.82
CA SER B 105 -8.73 -53.28 -1.40
C SER B 105 -10.06 -53.04 -0.70
N GLU B 106 -10.16 -53.54 0.54
CA GLU B 106 -11.36 -53.34 1.34
C GLU B 106 -11.44 -51.94 1.94
N TYR B 107 -10.45 -51.10 1.69
CA TYR B 107 -10.46 -49.69 2.07
C TYR B 107 -10.76 -48.79 0.89
N ALA B 108 -11.20 -49.35 -0.24
CA ALA B 108 -11.38 -48.56 -1.44
C ALA B 108 -12.51 -47.55 -1.29
N ASP B 109 -13.61 -47.95 -0.65
CA ASP B 109 -14.78 -47.08 -0.54
C ASP B 109 -14.61 -46.05 0.58
N LEU B 110 -13.42 -45.98 1.20
CA LEU B 110 -13.11 -44.97 2.18
C LEU B 110 -12.74 -43.63 1.54
N PHE B 111 -12.46 -43.61 0.24
CA PHE B 111 -12.00 -42.42 -0.45
C PHE B 111 -12.95 -42.10 -1.59
N VAL B 112 -12.82 -40.89 -2.12
CA VAL B 112 -13.71 -40.36 -3.15
C VAL B 112 -13.00 -40.51 -4.49
N HIS B 113 -13.63 -41.22 -5.43
CA HIS B 113 -13.03 -41.53 -6.74
C HIS B 113 -13.65 -40.64 -7.79
N VAL B 114 -12.84 -39.69 -8.30
CA VAL B 114 -13.36 -38.62 -9.15
C VAL B 114 -14.06 -39.13 -10.41
N ASP B 115 -13.82 -40.38 -10.79
CA ASP B 115 -14.34 -40.94 -12.02
C ASP B 115 -15.72 -41.57 -11.90
N ARG B 116 -16.24 -41.72 -10.67
CA ARG B 116 -17.63 -42.16 -10.51
C ARG B 116 -18.54 -41.32 -11.38
N PHE B 117 -18.40 -39.99 -11.34
CA PHE B 117 -19.35 -39.09 -11.99
C PHE B 117 -19.36 -39.24 -13.50
N GLY B 118 -18.22 -39.60 -14.09
CA GLY B 118 -18.07 -39.36 -15.51
C GLY B 118 -17.57 -37.93 -15.71
N ASP B 119 -17.94 -37.33 -16.84
CA ASP B 119 -17.53 -35.96 -17.12
C ASP B 119 -18.25 -34.96 -16.23
N ILE B 120 -17.46 -34.11 -15.56
CA ILE B 120 -17.94 -33.03 -14.71
C ILE B 120 -17.91 -31.74 -15.54
N SER B 121 -19.07 -31.12 -15.77
CA SER B 121 -19.12 -29.96 -16.65
C SER B 121 -18.33 -28.80 -16.05
N PRO B 122 -17.89 -27.86 -16.88
CA PRO B 122 -17.35 -26.60 -16.34
C PRO B 122 -18.29 -25.92 -15.36
N ASP B 123 -19.59 -25.89 -15.66
CA ASP B 123 -20.55 -25.27 -14.74
C ASP B 123 -20.51 -25.93 -13.38
N ASP B 124 -20.31 -27.24 -13.35
CA ASP B 124 -20.24 -27.91 -12.05
C ASP B 124 -18.89 -27.70 -11.37
N MET B 125 -17.80 -27.62 -12.14
CA MET B 125 -16.52 -27.29 -11.55
C MET B 125 -16.55 -25.90 -10.93
N ALA B 126 -17.18 -24.95 -11.63
CA ALA B 126 -17.25 -23.57 -11.18
C ALA B 126 -18.09 -23.44 -9.92
N LYS B 127 -18.95 -24.43 -9.65
CA LYS B 127 -19.74 -24.40 -8.42
C LYS B 127 -18.90 -24.70 -7.19
N ILE B 128 -17.78 -25.41 -7.36
CA ILE B 128 -17.07 -25.99 -6.22
C ILE B 128 -16.42 -24.91 -5.38
N HIS B 129 -16.67 -24.96 -4.07
CA HIS B 129 -16.06 -24.03 -3.11
C HIS B 129 -14.71 -24.63 -2.72
N ILE B 130 -13.65 -24.10 -3.30
CA ILE B 130 -12.31 -24.63 -3.11
C ILE B 130 -11.38 -23.43 -3.08
N ARG B 131 -10.35 -23.48 -2.23
CA ARG B 131 -9.58 -22.25 -2.15
C ARG B 131 -8.34 -22.27 -3.06
N LYS B 132 -7.67 -23.42 -3.23
CA LYS B 132 -6.52 -23.55 -4.12
C LYS B 132 -6.95 -23.44 -5.60
N GLU B 133 -5.98 -23.13 -6.46
CA GLU B 133 -6.23 -22.92 -7.89
C GLU B 133 -5.76 -24.09 -8.77
N LYS B 134 -5.90 -25.29 -8.26
CA LYS B 134 -5.84 -26.51 -9.05
C LYS B 134 -7.14 -27.27 -8.81
N GLU B 135 -7.51 -28.12 -9.75
CA GLU B 135 -8.66 -28.98 -9.53
C GLU B 135 -8.43 -29.85 -8.29
N PRO B 136 -9.45 -30.06 -7.45
CA PRO B 136 -9.23 -30.81 -6.20
C PRO B 136 -9.06 -32.31 -6.44
N PHE B 137 -8.20 -32.65 -7.39
CA PHE B 137 -8.06 -34.02 -7.89
C PHE B 137 -6.59 -34.41 -7.87
N ARG B 138 -6.26 -35.47 -7.14
CA ARG B 138 -4.93 -36.08 -7.22
C ARG B 138 -5.04 -37.36 -8.03
N GLU B 139 -4.22 -37.45 -9.08
CA GLU B 139 -4.11 -38.69 -9.85
C GLU B 139 -2.97 -39.51 -9.25
N VAL B 140 -3.28 -40.72 -8.81
CA VAL B 140 -2.29 -41.56 -8.17
C VAL B 140 -1.94 -42.71 -9.11
N THR B 141 -0.68 -43.14 -9.04
CA THR B 141 -0.21 -44.31 -9.76
C THR B 141 -0.45 -45.53 -8.87
N LEU B 142 -1.22 -46.50 -9.38
CA LEU B 142 -1.54 -47.69 -8.61
C LEU B 142 -0.40 -48.70 -8.62
N ALA B 143 -0.57 -49.76 -7.82
CA ALA B 143 0.38 -50.86 -7.86
C ALA B 143 0.37 -51.54 -9.22
N ASP B 144 -0.82 -51.66 -9.82
CA ASP B 144 -0.94 -52.28 -11.14
C ASP B 144 -0.19 -51.51 -12.20
N GLY B 145 0.12 -50.25 -11.95
CA GLY B 145 0.75 -49.37 -12.93
C GLY B 145 -0.25 -48.49 -13.65
N THR B 146 -1.53 -48.59 -13.32
CA THR B 146 -2.61 -47.78 -13.86
C THR B 146 -2.77 -46.51 -13.03
N LYS B 147 -3.49 -45.54 -13.60
CA LYS B 147 -3.66 -44.22 -13.02
C LYS B 147 -5.14 -43.98 -12.72
N THR B 148 -5.47 -43.79 -11.44
CA THR B 148 -6.82 -43.43 -11.02
C THR B 148 -6.75 -42.14 -10.21
N ARG B 149 -7.88 -41.42 -10.15
CA ARG B 149 -7.94 -40.11 -9.50
C ARG B 149 -8.84 -40.15 -8.28
N VAL B 150 -8.35 -39.59 -7.17
CA VAL B 150 -9.11 -39.44 -5.95
C VAL B 150 -9.28 -37.96 -5.65
N TRP B 151 -10.34 -37.65 -4.91
CA TRP B 151 -10.63 -36.25 -4.58
C TRP B 151 -9.59 -35.77 -3.56
N CYS B 152 -9.09 -34.56 -3.76
CA CYS B 152 -8.03 -34.03 -2.91
C CYS B 152 -8.19 -32.52 -2.81
N THR B 153 -8.82 -32.07 -1.71
CA THR B 153 -9.14 -30.65 -1.55
C THR B 153 -7.89 -29.82 -1.24
N PHE B 154 -7.01 -30.31 -0.37
CA PHE B 154 -5.83 -29.63 0.10
C PHE B 154 -4.58 -30.21 -0.57
N THR B 155 -3.40 -30.01 0.04
CA THR B 155 -2.15 -30.54 -0.50
C THR B 155 -2.31 -32.00 -0.89
N GLU B 156 -1.51 -32.42 -1.88
CA GLU B 156 -1.68 -33.76 -2.44
C GLU B 156 -1.40 -34.89 -1.46
N GLN B 157 -0.77 -34.61 -0.31
CA GLN B 157 -0.57 -35.67 0.69
C GLN B 157 -1.80 -35.88 1.57
N GLN B 158 -2.89 -35.14 1.30
CA GLN B 158 -4.12 -35.21 2.07
C GLN B 158 -5.24 -35.72 1.18
N ILE B 159 -5.76 -36.91 1.50
CA ILE B 159 -6.74 -37.59 0.65
C ILE B 159 -8.08 -37.53 1.37
N ASP B 160 -9.09 -37.01 0.67
CA ASP B 160 -10.38 -36.80 1.28
C ASP B 160 -11.10 -38.13 1.44
N LEU B 161 -11.88 -38.23 2.51
CA LEU B 161 -12.66 -39.41 2.84
C LEU B 161 -14.03 -39.34 2.17
N ASN B 162 -14.65 -40.50 1.97
CA ASN B 162 -15.91 -40.65 1.24
C ASN B 162 -17.05 -40.82 2.22
N TYR B 163 -17.85 -39.77 2.42
CA TYR B 163 -18.96 -39.90 3.36
C TYR B 163 -20.27 -40.30 2.69
N ASP B 164 -20.23 -40.76 1.44
CA ASP B 164 -21.35 -41.52 0.88
C ASP B 164 -21.27 -42.99 1.23
N GLY B 165 -20.05 -43.50 1.39
CA GLY B 165 -19.84 -44.85 1.84
C GLY B 165 -19.92 -44.96 3.35
N ASP B 166 -19.55 -46.13 3.86
CA ASP B 166 -19.69 -46.40 5.28
C ASP B 166 -18.37 -46.35 6.05
N LEU B 167 -17.27 -46.71 5.41
CA LEU B 167 -16.01 -46.89 6.12
C LEU B 167 -15.56 -45.60 6.82
N ALA B 168 -15.84 -44.45 6.22
CA ALA B 168 -15.44 -43.19 6.82
C ALA B 168 -16.05 -42.98 8.19
N TYR B 169 -17.30 -43.40 8.36
CA TYR B 169 -17.95 -43.25 9.65
C TYR B 169 -17.33 -44.20 10.69
N ARG B 170 -17.03 -45.42 10.30
CA ARG B 170 -16.33 -46.34 11.19
C ARG B 170 -14.94 -45.80 11.52
N LEU B 171 -14.22 -45.34 10.50
CA LEU B 171 -12.91 -44.78 10.75
C LEU B 171 -13.01 -43.64 11.75
N MET B 172 -13.99 -42.75 11.54
CA MET B 172 -14.14 -41.60 12.43
C MET B 172 -14.62 -42.01 13.81
N GLU B 173 -15.58 -42.93 13.90
CA GLU B 173 -15.98 -43.39 15.23
C GLU B 173 -14.82 -44.06 15.96
N SER B 174 -13.97 -44.76 15.21
CA SER B 174 -12.76 -45.36 15.78
C SER B 174 -11.83 -44.30 16.39
N TYR B 175 -11.49 -43.28 15.60
CA TYR B 175 -10.67 -42.20 16.12
C TYR B 175 -11.30 -41.57 17.37
N ILE B 176 -12.62 -41.33 17.34
CA ILE B 176 -13.28 -40.69 18.47
C ILE B 176 -13.16 -41.56 19.71
N GLY B 177 -13.37 -42.88 19.55
CA GLY B 177 -13.21 -43.78 20.68
C GLY B 177 -11.82 -43.71 21.28
N PHE B 178 -10.80 -43.79 20.44
CA PHE B 178 -9.44 -43.79 20.97
C PHE B 178 -9.12 -42.47 21.66
N LEU B 179 -9.48 -41.36 21.04
CA LEU B 179 -9.22 -40.05 21.65
C LEU B 179 -9.91 -39.92 23.00
N THR B 180 -11.16 -40.36 23.10
CA THR B 180 -11.87 -40.21 24.36
C THR B 180 -11.30 -41.13 25.42
N SER B 181 -10.80 -42.32 25.04
CA SER B 181 -10.16 -43.19 26.01
C SER B 181 -8.94 -42.54 26.64
N LYS B 182 -8.31 -41.61 25.94
CA LYS B 182 -7.18 -40.87 26.48
C LYS B 182 -7.61 -39.62 27.22
N GLY B 183 -8.91 -39.32 27.27
CA GLY B 183 -9.41 -38.24 28.08
C GLY B 183 -9.82 -37.00 27.32
N VAL B 184 -9.96 -37.08 26.00
CA VAL B 184 -10.29 -35.92 25.20
C VAL B 184 -11.76 -35.56 25.43
N ASN B 185 -12.00 -34.34 25.93
CA ASN B 185 -13.37 -33.86 26.13
C ASN B 185 -13.97 -33.25 24.88
N LEU B 186 -13.15 -32.67 24.02
CA LEU B 186 -13.64 -31.76 22.99
C LEU B 186 -12.93 -32.04 21.69
N LEU B 187 -13.71 -32.33 20.66
CA LEU B 187 -13.20 -32.66 19.33
C LEU B 187 -13.40 -31.46 18.42
N ARG B 188 -12.30 -30.82 18.05
CA ARG B 188 -12.35 -29.79 17.03
C ARG B 188 -12.42 -30.47 15.67
N LEU B 189 -13.53 -30.25 14.96
CA LEU B 189 -13.78 -30.90 13.67
C LEU B 189 -13.13 -30.06 12.59
N ASP B 190 -12.01 -30.54 12.06
CA ASP B 190 -11.20 -29.78 11.13
C ASP B 190 -11.69 -29.95 9.69
N ALA B 191 -11.94 -28.83 9.00
CA ALA B 191 -12.37 -28.87 7.58
C ALA B 191 -13.65 -29.69 7.47
N PHE B 192 -14.62 -29.43 8.32
CA PHE B 192 -15.86 -30.23 8.38
C PHE B 192 -16.74 -29.97 7.18
N GLY B 193 -16.49 -28.86 6.47
CA GLY B 193 -17.41 -28.44 5.43
C GLY B 193 -17.25 -29.17 4.14
N TYR B 194 -16.08 -29.74 3.90
CA TYR B 194 -15.84 -30.39 2.64
C TYR B 194 -16.27 -31.85 2.67
N THR B 195 -16.80 -32.33 3.79
CA THR B 195 -17.22 -33.72 3.88
C THR B 195 -18.35 -34.05 2.91
N THR B 196 -19.15 -33.06 2.53
CA THR B 196 -20.24 -33.22 1.58
C THR B 196 -19.73 -32.99 0.17
N LYS B 197 -19.55 -34.06 -0.60
CA LYS B 197 -19.13 -34.00 -2.00
C LYS B 197 -20.33 -34.36 -2.86
N ARG B 198 -20.76 -33.43 -3.72
CA ARG B 198 -21.89 -33.71 -4.61
C ARG B 198 -21.79 -32.84 -5.86
N ILE B 199 -21.54 -33.45 -7.02
CA ILE B 199 -21.46 -32.69 -8.26
C ILE B 199 -22.79 -32.00 -8.53
N GLY B 200 -22.70 -30.78 -9.07
CA GLY B 200 -23.83 -29.88 -9.15
C GLY B 200 -23.93 -28.97 -7.96
N THR B 201 -23.05 -29.11 -6.99
CA THR B 201 -23.09 -28.33 -5.78
C THR B 201 -21.74 -27.69 -5.51
N SER B 202 -21.71 -26.91 -4.43
CA SER B 202 -20.49 -26.27 -3.96
C SER B 202 -19.52 -27.27 -3.34
N CYS B 203 -20.00 -28.47 -3.01
CA CYS B 203 -19.21 -29.49 -2.31
C CYS B 203 -18.59 -28.95 -1.03
N PHE B 204 -19.30 -28.03 -0.38
CA PHE B 204 -18.83 -27.41 0.86
C PHE B 204 -20.04 -26.86 1.58
N LEU B 205 -20.29 -27.34 2.80
CA LEU B 205 -21.46 -26.93 3.56
C LEU B 205 -22.76 -27.23 2.80
N VAL B 206 -22.81 -28.38 2.13
CA VAL B 206 -23.97 -28.71 1.33
C VAL B 206 -25.12 -29.09 2.25
N GLU B 207 -26.18 -28.32 2.19
CA GLU B 207 -27.31 -28.53 3.08
C GLU B 207 -28.36 -29.41 2.40
N PRO B 208 -29.01 -30.33 3.14
CA PRO B 208 -28.89 -30.55 4.58
C PRO B 208 -27.95 -31.70 4.96
N GLU B 209 -27.29 -32.32 3.98
CA GLU B 209 -26.33 -33.38 4.25
C GLU B 209 -25.38 -33.00 5.38
N VAL B 210 -24.83 -31.78 5.30
CA VAL B 210 -23.77 -31.36 6.22
C VAL B 210 -24.21 -31.45 7.68
N TYR B 211 -25.49 -31.22 7.96
CA TYR B 211 -25.93 -31.32 9.35
C TYR B 211 -26.17 -32.77 9.75
N ARG B 212 -26.50 -33.63 8.81
CA ARG B 212 -26.65 -35.03 9.15
C ARG B 212 -25.30 -35.64 9.51
N ILE B 213 -24.28 -35.36 8.69
CA ILE B 213 -22.92 -35.76 9.03
C ILE B 213 -22.51 -35.13 10.34
N LEU B 214 -22.90 -33.88 10.56
CA LEU B 214 -22.49 -33.20 11.76
C LEU B 214 -23.24 -33.75 12.98
N ASP B 215 -24.53 -34.07 12.81
CA ASP B 215 -25.30 -34.71 13.88
C ASP B 215 -24.76 -36.07 14.21
N TRP B 216 -24.40 -36.87 13.20
CA TRP B 216 -23.88 -38.20 13.46
C TRP B 216 -22.60 -38.13 14.28
N ILE B 217 -21.64 -37.29 13.86
CA ILE B 217 -20.38 -37.16 14.60
C ILE B 217 -20.67 -36.74 16.03
N ASN B 218 -21.62 -35.82 16.21
CA ASN B 218 -21.93 -35.33 17.55
C ASN B 218 -22.40 -36.46 18.45
N GLU B 219 -23.13 -37.41 17.87
CA GLU B 219 -23.66 -38.53 18.64
C GLU B 219 -22.56 -39.48 19.09
N VAL B 220 -21.65 -39.80 18.18
CA VAL B 220 -20.49 -40.62 18.53
C VAL B 220 -19.69 -39.98 19.66
N ALA B 221 -19.46 -38.67 19.57
CA ALA B 221 -18.78 -37.98 20.65
C ALA B 221 -19.56 -38.15 21.96
N PHE B 222 -20.89 -38.06 21.91
CA PHE B 222 -21.68 -38.14 23.13
C PHE B 222 -21.60 -39.53 23.77
N LYS B 223 -21.59 -40.60 22.94
CA LYS B 223 -21.41 -41.94 23.50
C LYS B 223 -20.13 -42.02 24.32
N HIS B 224 -19.08 -41.36 23.84
CA HIS B 224 -17.76 -41.54 24.40
C HIS B 224 -17.36 -40.39 25.33
N GLY B 225 -18.30 -39.54 25.71
CA GLY B 225 -18.01 -38.51 26.68
C GLY B 225 -17.32 -37.28 26.12
N ALA B 226 -17.62 -36.90 24.88
CA ALA B 226 -16.93 -35.80 24.22
C ALA B 226 -17.94 -34.87 23.55
N GLU B 227 -17.57 -33.61 23.43
CA GLU B 227 -18.34 -32.61 22.70
C GLU B 227 -17.56 -32.19 21.47
N CYS B 228 -18.25 -31.48 20.57
CA CYS B 228 -17.68 -31.13 19.29
C CYS B 228 -17.53 -29.62 19.18
N LEU B 229 -16.51 -29.20 18.45
CA LEU B 229 -16.21 -27.80 18.15
C LEU B 229 -16.00 -27.75 16.65
N PRO B 230 -17.08 -27.72 15.89
CA PRO B 230 -16.97 -27.76 14.41
C PRO B 230 -16.43 -26.44 13.87
N GLU B 231 -15.30 -26.50 13.18
CA GLU B 231 -14.65 -25.27 12.73
C GLU B 231 -14.89 -25.09 11.23
N VAL B 232 -15.55 -24.00 10.88
CA VAL B 232 -15.79 -23.65 9.49
C VAL B 232 -15.62 -22.14 9.39
N HIS B 233 -14.98 -21.69 8.32
CA HIS B 233 -14.78 -20.27 8.04
C HIS B 233 -15.68 -19.89 6.88
N ASP B 234 -16.85 -19.34 7.21
CA ASP B 234 -17.79 -18.87 6.20
C ASP B 234 -18.78 -17.92 6.90
N HIS B 235 -19.88 -17.60 6.20
CA HIS B 235 -20.85 -16.66 6.74
C HIS B 235 -21.33 -17.10 8.12
N THR B 236 -21.52 -16.12 9.01
CA THR B 236 -21.87 -16.45 10.40
C THR B 236 -23.10 -17.32 10.51
N SER B 237 -23.97 -17.28 9.50
CA SER B 237 -25.17 -18.09 9.53
C SER B 237 -24.85 -19.56 9.78
N TYR B 238 -23.73 -20.04 9.24
CA TYR B 238 -23.33 -21.42 9.52
C TYR B 238 -22.95 -21.59 11.00
N GLN B 239 -22.47 -20.53 11.65
CA GLN B 239 -22.15 -20.67 13.06
C GLN B 239 -23.41 -20.86 13.89
N TYR B 240 -24.54 -20.23 13.51
CA TYR B 240 -25.74 -20.44 14.32
C TYR B 240 -26.38 -21.79 14.04
N ALA B 241 -26.27 -22.29 12.80
CA ALA B 241 -26.76 -23.63 12.52
C ALA B 241 -26.05 -24.68 13.37
N ILE B 242 -24.71 -24.59 13.43
CA ILE B 242 -23.93 -25.45 14.31
C ILE B 242 -24.40 -25.30 15.75
N SER B 243 -24.52 -24.05 16.20
CA SER B 243 -24.90 -23.78 17.59
C SER B 243 -26.22 -24.44 17.96
N ARG B 244 -27.16 -24.50 17.02
CA ARG B 244 -28.50 -25.00 17.30
C ARG B 244 -28.61 -26.51 17.14
N ARG B 245 -27.53 -27.18 16.80
CA ARG B 245 -27.48 -28.64 16.78
C ARG B 245 -26.65 -29.16 17.95
N ASN B 246 -26.65 -28.38 19.04
CA ASN B 246 -25.98 -28.72 20.29
C ASN B 246 -24.50 -28.98 20.08
N MET B 247 -23.86 -28.08 19.34
CA MET B 247 -22.43 -28.13 19.12
C MET B 247 -21.84 -26.74 19.33
N HIS B 248 -20.52 -26.69 19.41
CA HIS B 248 -19.82 -25.46 19.71
C HIS B 248 -19.32 -24.79 18.44
N PRO B 249 -19.87 -23.65 18.02
CA PRO B 249 -19.25 -22.91 16.91
C PRO B 249 -18.10 -22.05 17.43
N TYR B 250 -17.23 -21.67 16.51
CA TYR B 250 -16.22 -20.65 16.82
C TYR B 250 -16.82 -19.25 16.68
N GLY B 251 -16.41 -18.34 17.56
CA GLY B 251 -16.82 -16.96 17.43
C GLY B 251 -15.92 -16.15 16.53
N PHE B 252 -15.69 -16.65 15.31
CA PHE B 252 -14.74 -16.02 14.40
C PHE B 252 -15.14 -14.58 14.04
N ALA B 253 -16.39 -14.18 14.31
CA ALA B 253 -16.76 -12.80 14.05
C ALA B 253 -16.09 -11.84 15.02
N LEU B 254 -15.76 -12.32 16.23
CA LEU B 254 -15.32 -11.42 17.29
C LEU B 254 -13.98 -10.75 16.99
N PRO B 255 -12.91 -11.46 16.65
CA PRO B 255 -11.61 -10.80 16.49
C PRO B 255 -11.68 -9.64 15.50
N PRO B 256 -12.13 -9.86 14.25
CA PRO B 256 -12.21 -8.70 13.35
C PRO B 256 -13.16 -7.63 13.86
N LEU B 257 -14.21 -8.03 14.58
CA LEU B 257 -15.15 -7.07 15.13
C LEU B 257 -14.50 -6.21 16.21
N LEU B 258 -13.71 -6.82 17.11
CA LEU B 258 -13.00 -6.07 18.15
C LEU B 258 -11.90 -5.19 17.57
N LEU B 259 -11.16 -5.71 16.58
CA LEU B 259 -10.16 -4.88 15.93
C LEU B 259 -10.74 -3.57 15.44
N TYR B 260 -11.84 -3.63 14.71
CA TYR B 260 -12.50 -2.40 14.28
C TYR B 260 -12.91 -1.55 15.48
N SER B 261 -13.57 -2.18 16.45
CA SER B 261 -14.11 -1.45 17.58
C SER B 261 -13.01 -0.64 18.27
N LEU B 262 -11.88 -1.29 18.56
CA LEU B 262 -10.78 -0.60 19.23
C LEU B 262 -10.12 0.42 18.31
N LEU B 263 -9.86 0.04 17.05
CA LEU B 263 -9.17 0.93 16.13
C LEU B 263 -10.03 2.14 15.76
N ASP B 264 -11.35 2.00 15.78
CA ASP B 264 -12.23 3.10 15.38
C ASP B 264 -13.08 3.63 16.53
N ALA B 265 -12.83 3.18 17.75
CA ALA B 265 -13.54 3.67 18.95
C ALA B 265 -15.05 3.65 18.73
N ASN B 266 -15.57 2.46 18.44
CA ASN B 266 -16.95 2.28 18.02
C ASN B 266 -17.47 0.98 18.59
N SER B 267 -18.52 1.05 19.41
CA SER B 267 -19.05 -0.14 20.05
C SER B 267 -20.37 -0.60 19.47
N VAL B 268 -20.90 0.10 18.45
CA VAL B 268 -22.25 -0.20 17.95
C VAL B 268 -22.31 -1.63 17.41
N TYR B 269 -21.38 -1.97 16.53
CA TYR B 269 -21.47 -3.27 15.87
C TYR B 269 -21.11 -4.39 16.82
N LEU B 270 -20.20 -4.11 17.76
CA LEU B 270 -19.91 -5.09 18.80
C LEU B 270 -21.14 -5.36 19.65
N LYS B 271 -21.80 -4.30 20.11
CA LYS B 271 -22.98 -4.48 20.95
C LYS B 271 -24.07 -5.23 20.21
N ASN B 272 -24.32 -4.88 18.94
CA ASN B 272 -25.31 -5.62 18.18
C ASN B 272 -24.95 -7.09 18.07
N TRP B 273 -23.67 -7.40 17.89
CA TRP B 273 -23.28 -8.79 17.76
C TRP B 273 -23.45 -9.53 19.09
N LEU B 274 -23.03 -8.93 20.21
CA LEU B 274 -23.19 -9.57 21.51
C LEU B 274 -24.66 -9.87 21.83
N ARG B 275 -25.57 -8.99 21.38
CA ARG B 275 -26.98 -9.20 21.65
C ARG B 275 -27.54 -10.42 20.92
N MET B 276 -26.92 -10.78 19.78
CA MET B 276 -27.34 -11.89 18.90
C MET B 276 -26.50 -13.13 19.03
N CYS B 277 -25.32 -13.02 19.63
CA CYS B 277 -24.24 -13.95 19.37
C CYS B 277 -24.71 -15.39 19.62
N PRO B 278 -24.32 -16.33 18.75
CA PRO B 278 -24.79 -17.71 18.92
C PRO B 278 -24.35 -18.27 20.26
N ARG B 279 -25.15 -19.17 20.80
CA ARG B 279 -24.89 -19.66 22.13
C ARG B 279 -23.93 -20.84 22.06
N ASN B 280 -23.20 -21.06 23.15
CA ASN B 280 -22.28 -22.19 23.28
C ASN B 280 -21.15 -22.15 22.26
N MET B 281 -20.62 -20.96 21.99
CA MET B 281 -19.48 -20.84 21.09
C MET B 281 -18.19 -20.79 21.92
N VAL B 282 -17.09 -21.18 21.26
CA VAL B 282 -15.74 -21.08 21.81
C VAL B 282 -15.07 -19.88 21.15
N THR B 283 -14.68 -18.89 21.94
CA THR B 283 -14.13 -17.67 21.39
C THR B 283 -12.60 -17.67 21.43
N VAL B 284 -12.01 -17.16 20.35
CA VAL B 284 -10.58 -16.91 20.22
C VAL B 284 -10.41 -15.46 19.82
N LEU B 285 -9.18 -14.96 19.99
CA LEU B 285 -8.81 -13.67 19.43
C LEU B 285 -7.78 -13.81 18.31
N ASP B 286 -6.65 -14.41 18.58
CA ASP B 286 -5.73 -14.82 17.53
C ASP B 286 -5.80 -16.33 17.41
N THR B 287 -5.81 -16.80 16.17
CA THR B 287 -5.92 -18.21 15.89
C THR B 287 -4.52 -18.73 15.53
N HIS B 288 -4.46 -19.96 15.04
CA HIS B 288 -3.27 -20.45 14.39
C HIS B 288 -3.30 -20.18 12.88
N ASP B 289 -4.35 -19.49 12.39
CA ASP B 289 -4.56 -19.20 10.98
C ASP B 289 -4.40 -17.71 10.69
N GLY B 290 -5.00 -16.84 11.51
CA GLY B 290 -5.04 -15.40 11.41
C GLY B 290 -6.47 -14.89 11.22
N ILE B 291 -6.58 -13.64 10.75
CA ILE B 291 -7.86 -12.94 10.62
C ILE B 291 -8.52 -13.29 9.29
N CYS B 292 -9.77 -13.72 9.35
CA CYS B 292 -10.53 -14.14 8.17
C CYS B 292 -11.76 -13.24 8.00
N ILE B 293 -11.93 -12.70 6.79
CA ILE B 293 -12.95 -11.68 6.50
C ILE B 293 -14.35 -12.25 6.34
N PRO B 294 -14.58 -13.35 5.61
CA PRO B 294 -15.95 -13.90 5.54
C PRO B 294 -16.58 -14.25 6.89
N ASP B 295 -15.79 -14.31 7.96
CA ASP B 295 -16.32 -14.55 9.29
C ASP B 295 -17.01 -13.33 9.90
N VAL B 296 -16.83 -12.14 9.32
CA VAL B 296 -17.39 -10.92 9.88
C VAL B 296 -18.36 -10.23 8.94
N GLU B 297 -18.56 -10.74 7.72
CA GLU B 297 -19.53 -10.14 6.82
C GLU B 297 -20.93 -10.13 7.42
N GLY B 298 -21.61 -9.00 7.34
CA GLY B 298 -22.93 -8.83 7.91
C GLY B 298 -22.86 -8.38 9.36
N VAL B 299 -21.93 -8.97 10.13
CA VAL B 299 -21.70 -8.52 11.49
C VAL B 299 -21.12 -7.12 11.49
N LEU B 300 -20.31 -6.78 10.47
CA LEU B 300 -19.66 -5.49 10.33
C LEU B 300 -19.94 -5.01 8.92
N PRO B 301 -20.40 -3.77 8.73
CA PRO B 301 -20.74 -3.28 7.38
C PRO B 301 -19.54 -3.19 6.43
N ASP B 302 -19.82 -3.22 5.13
CA ASP B 302 -18.76 -3.24 4.12
C ASP B 302 -17.90 -1.98 4.17
N ASP B 303 -18.48 -0.82 4.50
CA ASP B 303 -17.63 0.37 4.71
C ASP B 303 -16.71 0.19 5.91
N LYS B 304 -17.20 -0.41 7.01
CA LYS B 304 -16.34 -0.59 8.18
C LYS B 304 -15.33 -1.72 8.02
N ILE B 305 -15.65 -2.76 7.25
CA ILE B 305 -14.66 -3.78 6.92
C ILE B 305 -13.52 -3.17 6.13
N LYS B 306 -13.84 -2.33 5.14
CA LYS B 306 -12.80 -1.66 4.35
C LYS B 306 -11.90 -0.80 5.22
N VAL B 307 -12.48 -0.04 6.15
CA VAL B 307 -11.69 0.73 7.11
C VAL B 307 -10.70 -0.17 7.84
N LEU B 308 -11.20 -1.27 8.40
CA LEU B 308 -10.31 -2.21 9.07
C LEU B 308 -9.24 -2.72 8.11
N ILE B 309 -9.64 -3.20 6.94
CA ILE B 309 -8.68 -3.76 5.98
C ILE B 309 -7.62 -2.73 5.63
N ASP B 310 -8.04 -1.48 5.42
CA ASP B 310 -7.08 -0.43 5.07
C ASP B 310 -6.01 -0.27 6.14
N ASN B 311 -6.43 -0.29 7.41
CA ASN B 311 -5.48 -0.15 8.51
C ASN B 311 -4.47 -1.30 8.55
N ILE B 312 -4.93 -2.54 8.39
CA ILE B 312 -4.12 -3.69 8.79
C ILE B 312 -3.12 -4.10 7.69
N ASP B 313 -3.51 -4.01 6.41
CA ASP B 313 -2.54 -4.24 5.34
C ASP B 313 -1.57 -3.08 5.17
N ALA B 314 -1.56 -2.13 6.12
CA ALA B 314 -0.56 -1.07 6.17
C ALA B 314 0.42 -1.32 7.31
N LEU B 337 -5.61 -12.80 7.65
CA LEU B 337 -4.49 -11.87 7.58
C LEU B 337 -3.38 -12.33 8.51
N THR B 338 -2.16 -12.48 7.98
CA THR B 338 -1.04 -12.93 8.78
C THR B 338 -0.59 -11.81 9.72
N CYS B 339 -1.35 -11.61 10.78
CA CYS B 339 -1.11 -10.50 11.70
C CYS B 339 -1.57 -10.96 13.08
N THR B 340 -0.62 -11.33 13.95
CA THR B 340 -0.94 -11.65 15.33
C THR B 340 -1.71 -10.51 15.97
N PHE B 341 -2.81 -10.86 16.67
CA PHE B 341 -3.77 -9.85 17.14
C PHE B 341 -3.10 -8.78 18.00
N TYR B 342 -2.02 -9.13 18.70
CA TYR B 342 -1.27 -8.11 19.45
C TYR B 342 -0.70 -7.06 18.49
N ASP B 343 -0.22 -7.49 17.33
CA ASP B 343 0.33 -6.55 16.35
C ASP B 343 -0.75 -5.71 15.71
N ALA B 344 -1.95 -6.25 15.53
CA ALA B 344 -2.98 -5.46 14.87
C ALA B 344 -3.41 -4.30 15.74
N LEU B 345 -3.29 -4.43 17.05
CA LEU B 345 -3.51 -3.35 18.00
C LEU B 345 -2.27 -2.51 18.22
N MET B 346 -1.28 -2.61 17.33
CA MET B 346 -0.04 -1.84 17.43
C MET B 346 0.73 -2.16 18.70
N GLN B 347 0.61 -3.40 19.17
CA GLN B 347 1.30 -3.85 20.39
C GLN B 347 0.95 -2.99 21.60
N ASN B 348 -0.24 -2.39 21.59
CA ASN B 348 -0.74 -1.58 22.69
C ASN B 348 -1.28 -2.48 23.80
N ASP B 349 -0.63 -2.44 24.97
CA ASP B 349 -0.98 -3.35 26.05
C ASP B 349 -2.42 -3.10 26.53
N ASP B 350 -2.78 -1.84 26.77
CA ASP B 350 -4.13 -1.54 27.25
C ASP B 350 -5.18 -2.04 26.27
N ALA B 351 -4.99 -1.77 24.98
CA ALA B 351 -5.96 -2.23 23.99
C ALA B 351 -6.08 -3.74 24.01
N TYR B 352 -4.95 -4.45 24.08
CA TYR B 352 -4.97 -5.91 24.09
C TYR B 352 -5.68 -6.44 25.33
N ILE B 353 -5.40 -5.86 26.49
CA ILE B 353 -6.10 -6.29 27.70
C ILE B 353 -7.61 -6.01 27.57
N ALA B 354 -7.97 -4.86 27.02
CA ALA B 354 -9.38 -4.56 26.87
C ALA B 354 -10.07 -5.55 25.94
N ALA B 355 -9.36 -6.00 24.89
CA ALA B 355 -9.92 -7.00 24.00
C ALA B 355 -10.07 -8.35 24.70
N ARG B 356 -9.05 -8.78 25.47
CA ARG B 356 -9.18 -10.04 26.20
C ARG B 356 -10.27 -9.98 27.25
N ALA B 357 -10.41 -8.85 27.95
CA ALA B 357 -11.52 -8.70 28.89
C ALA B 357 -12.85 -8.90 28.18
N ILE B 358 -13.06 -8.19 27.06
CA ILE B 358 -14.30 -8.28 26.30
C ILE B 358 -14.52 -9.71 25.81
N GLN B 359 -13.47 -10.32 25.25
CA GLN B 359 -13.58 -11.72 24.88
C GLN B 359 -14.08 -12.57 26.04
N PHE B 360 -13.49 -12.36 27.22
CA PHE B 360 -13.84 -13.20 28.36
C PHE B 360 -15.27 -12.97 28.82
N PHE B 361 -15.78 -11.74 28.73
CA PHE B 361 -17.19 -11.57 29.08
C PHE B 361 -18.13 -11.89 27.93
N THR B 362 -17.61 -12.24 26.76
CA THR B 362 -18.47 -12.68 25.67
C THR B 362 -19.00 -14.07 26.01
N PRO B 363 -20.30 -14.33 25.86
CA PRO B 363 -20.80 -15.67 26.16
C PRO B 363 -20.00 -16.70 25.38
N GLY B 364 -19.67 -17.79 26.06
CA GLY B 364 -18.92 -18.89 25.49
C GLY B 364 -17.68 -19.18 26.32
N ILE B 365 -16.92 -20.16 25.85
CA ILE B 365 -15.69 -20.58 26.53
C ILE B 365 -14.51 -19.87 25.87
N PRO B 366 -13.76 -19.04 26.59
CA PRO B 366 -12.65 -18.30 25.97
C PRO B 366 -11.36 -19.12 25.91
N GLN B 367 -10.76 -19.15 24.72
CA GLN B 367 -9.45 -19.73 24.54
C GLN B 367 -8.41 -18.62 24.41
N VAL B 368 -7.21 -18.87 24.94
CA VAL B 368 -6.07 -17.97 24.79
C VAL B 368 -4.95 -18.75 24.12
N TYR B 369 -4.59 -18.33 22.91
CA TYR B 369 -3.45 -18.93 22.23
C TYR B 369 -2.19 -18.61 23.01
N TYR B 370 -1.28 -19.59 23.10
CA TYR B 370 -0.18 -19.50 24.05
C TYR B 370 0.72 -18.30 23.75
N VAL B 371 0.92 -17.98 22.46
CA VAL B 371 1.71 -16.80 22.11
C VAL B 371 1.04 -15.53 22.61
N GLY B 372 -0.29 -15.45 22.55
CA GLY B 372 -0.99 -14.34 23.15
C GLY B 372 -0.85 -14.28 24.66
N LEU B 373 -0.76 -15.44 25.31
CA LEU B 373 -0.54 -15.46 26.75
C LEU B 373 0.79 -14.82 27.12
N LEU B 374 1.81 -15.05 26.31
CA LEU B 374 3.18 -14.66 26.61
C LEU B 374 3.58 -13.34 25.98
N ALA B 375 2.63 -12.62 25.39
CA ALA B 375 2.85 -11.32 24.77
C ALA B 375 3.99 -11.35 23.76
N GLY B 376 3.82 -12.20 22.75
CA GLY B 376 4.76 -12.33 21.66
C GLY B 376 4.31 -11.53 20.44
N CYS B 377 5.23 -11.31 19.52
CA CYS B 377 4.96 -10.41 18.42
C CYS B 377 5.02 -11.11 17.06
N ASN B 395 6.21 -19.32 17.77
CA ASN B 395 7.50 -19.10 18.42
C ASN B 395 7.75 -20.25 19.39
N TYR B 396 9.01 -20.59 19.68
CA TYR B 396 9.28 -21.58 20.71
C TYR B 396 9.78 -20.88 21.98
N TYR B 397 9.41 -21.41 23.15
CA TYR B 397 9.94 -20.87 24.40
C TYR B 397 10.49 -22.00 25.26
N THR B 398 11.58 -21.71 25.96
CA THR B 398 12.06 -22.60 27.00
C THR B 398 11.34 -22.29 28.31
N LEU B 399 11.51 -23.18 29.30
CA LEU B 399 10.82 -22.98 30.56
C LEU B 399 11.32 -21.75 31.30
N ASN B 400 12.60 -21.40 31.17
CA ASN B 400 13.03 -20.11 31.73
C ASN B 400 12.39 -18.95 30.98
N GLU B 401 12.33 -19.06 29.65
CA GLU B 401 11.77 -17.98 28.85
C GLU B 401 10.32 -17.71 29.20
N MET B 402 9.55 -18.76 29.51
CA MET B 402 8.17 -18.51 29.91
C MET B 402 8.12 -17.80 31.25
N ASP B 403 8.99 -18.16 32.18
CA ASP B 403 9.08 -17.45 33.46
C ASP B 403 9.31 -15.96 33.23
N GLU B 404 10.18 -15.62 32.27
CA GLU B 404 10.38 -14.22 31.93
C GLU B 404 9.09 -13.62 31.40
N ALA B 405 8.44 -14.31 30.45
CA ALA B 405 7.23 -13.78 29.84
C ALA B 405 6.13 -13.63 30.86
N MET B 406 6.08 -14.51 31.85
CA MET B 406 5.10 -14.34 32.92
C MET B 406 5.37 -13.11 33.76
N GLU B 407 6.61 -12.64 33.81
CA GLU B 407 6.92 -11.46 34.62
C GLU B 407 6.46 -10.17 33.98
N LYS B 408 6.14 -10.18 32.69
CA LYS B 408 5.77 -8.97 31.98
C LYS B 408 4.51 -8.37 32.59
N PRO B 409 4.46 -7.06 32.81
CA PRO B 409 3.24 -6.46 33.37
C PRO B 409 2.00 -6.79 32.57
N VAL B 410 2.10 -6.76 31.24
CA VAL B 410 0.92 -7.05 30.42
C VAL B 410 0.46 -8.49 30.63
N VAL B 411 1.40 -9.41 30.87
CA VAL B 411 1.02 -10.81 31.09
C VAL B 411 0.40 -10.99 32.48
N GLN B 412 0.90 -10.24 33.48
CA GLN B 412 0.27 -10.31 34.80
C GLN B 412 -1.15 -9.80 34.77
N ARG B 413 -1.40 -8.74 34.00
CA ARG B 413 -2.76 -8.27 33.81
C ARG B 413 -3.60 -9.36 33.16
N LEU B 414 -3.03 -10.09 32.20
CA LEU B 414 -3.78 -11.14 31.53
C LEU B 414 -4.02 -12.32 32.47
N LEU B 415 -3.05 -12.64 33.33
CA LEU B 415 -3.28 -13.68 34.32
C LEU B 415 -4.43 -13.29 35.25
N THR B 416 -4.44 -12.05 35.73
CA THR B 416 -5.52 -11.64 36.63
C THR B 416 -6.88 -11.84 35.96
N LEU B 417 -7.01 -11.47 34.68
CA LEU B 417 -8.26 -11.73 33.95
C LEU B 417 -8.57 -13.22 33.89
N MET B 418 -7.59 -14.03 33.50
CA MET B 418 -7.86 -15.44 33.28
C MET B 418 -8.34 -16.11 34.56
N LYS B 419 -7.66 -15.85 35.68
CA LYS B 419 -8.06 -16.42 36.96
C LYS B 419 -9.46 -15.96 37.35
N PHE B 420 -9.77 -14.69 37.11
CA PHE B 420 -11.10 -14.16 37.42
C PHE B 420 -12.17 -14.82 36.56
N ARG B 421 -11.90 -14.95 35.25
CA ARG B 421 -12.86 -15.56 34.34
C ARG B 421 -13.06 -17.05 34.63
N THR B 422 -11.99 -17.75 35.01
CA THR B 422 -12.04 -19.18 35.25
C THR B 422 -12.67 -19.53 36.59
N ASN B 423 -12.63 -18.60 37.54
CA ASN B 423 -13.02 -18.92 38.90
C ASN B 423 -14.23 -18.17 39.42
N TYR B 424 -14.47 -16.94 38.99
CA TYR B 424 -15.54 -16.16 39.59
C TYR B 424 -16.88 -16.73 39.14
N PRO B 425 -17.81 -17.03 40.05
CA PRO B 425 -18.98 -17.82 39.67
C PRO B 425 -19.98 -17.09 38.78
N ALA B 426 -19.95 -15.75 38.71
CA ALA B 426 -20.99 -15.03 37.98
C ALA B 426 -21.09 -15.47 36.52
N PHE B 427 -19.95 -15.83 35.90
CA PHE B 427 -19.96 -16.28 34.52
C PHE B 427 -20.76 -17.55 34.34
N ASP B 428 -20.99 -18.31 35.41
CA ASP B 428 -21.76 -19.53 35.32
C ASP B 428 -23.26 -19.29 35.27
N GLY B 429 -23.69 -18.05 35.46
CA GLY B 429 -25.07 -17.66 35.34
C GLY B 429 -25.44 -17.19 33.93
N HIS B 430 -25.95 -15.96 33.82
CA HIS B 430 -26.48 -15.44 32.57
C HIS B 430 -25.85 -14.11 32.22
N PHE B 431 -25.75 -13.86 30.91
CA PHE B 431 -25.16 -12.65 30.34
C PHE B 431 -26.19 -11.53 30.26
N GLU B 432 -25.83 -10.35 30.75
CA GLU B 432 -26.67 -9.17 30.57
C GLU B 432 -25.79 -8.03 30.04
N LEU B 433 -25.96 -7.74 28.74
CA LEU B 433 -25.33 -6.58 28.11
C LEU B 433 -25.97 -5.30 28.62
N ASN B 434 -25.15 -4.27 28.82
CA ASN B 434 -25.65 -3.00 29.35
C ASN B 434 -25.66 -1.90 28.30
N TYR B 435 -26.54 -0.92 28.51
CA TYR B 435 -26.52 0.29 27.72
C TYR B 435 -25.20 1.03 27.92
N SER B 436 -24.63 1.50 26.82
CA SER B 436 -23.48 2.39 26.83
C SER B 436 -23.60 3.35 25.66
N ASN B 437 -22.77 4.39 25.68
CA ASN B 437 -22.64 5.24 24.50
C ASN B 437 -21.98 4.43 23.39
N ASP B 438 -21.78 5.07 22.25
CA ASP B 438 -21.27 4.34 21.09
C ASP B 438 -19.74 4.25 21.05
N SER B 439 -19.04 4.74 22.09
CA SER B 439 -17.59 4.60 22.16
C SER B 439 -17.16 3.74 23.32
N SER B 440 -18.08 3.03 23.96
CA SER B 440 -17.75 2.22 25.12
C SER B 440 -18.62 0.98 25.12
N VAL B 441 -18.20 -0.01 25.91
CA VAL B 441 -18.87 -1.30 26.00
C VAL B 441 -19.07 -1.61 27.48
N ALA B 442 -20.27 -2.05 27.84
CA ALA B 442 -20.63 -2.40 29.22
C ALA B 442 -21.26 -3.78 29.24
N MET B 443 -20.55 -4.76 29.80
CA MET B 443 -20.91 -6.17 29.75
C MET B 443 -20.89 -6.71 31.16
N ALA B 444 -21.88 -7.54 31.50
CA ALA B 444 -22.06 -8.01 32.86
C ALA B 444 -22.58 -9.45 32.89
N TRP B 445 -22.26 -10.14 33.99
CA TRP B 445 -22.72 -11.50 34.26
C TRP B 445 -23.33 -11.59 35.65
N ARG B 446 -24.27 -12.50 35.83
CA ARG B 446 -24.98 -12.58 37.10
C ARG B 446 -25.35 -14.02 37.43
N HIS B 447 -25.04 -14.44 38.67
CA HIS B 447 -25.38 -15.78 39.14
C HIS B 447 -25.68 -15.68 40.63
N GLY B 448 -26.95 -15.46 40.95
CA GLY B 448 -27.33 -15.20 42.34
C GLY B 448 -26.67 -13.94 42.86
N GLU B 449 -26.02 -14.05 44.03
CA GLU B 449 -25.25 -12.92 44.56
C GLU B 449 -24.10 -12.54 43.64
N HIS B 450 -23.59 -13.48 42.86
CA HIS B 450 -22.40 -13.20 42.06
C HIS B 450 -22.74 -12.30 40.89
N TYR B 451 -21.97 -11.23 40.76
CA TYR B 451 -22.19 -10.23 39.72
C TYR B 451 -20.86 -9.57 39.42
N CYS B 452 -20.52 -9.50 38.14
CA CYS B 452 -19.32 -8.82 37.68
C CYS B 452 -19.66 -8.03 36.43
N HIS B 453 -18.98 -6.90 36.27
CA HIS B 453 -19.33 -5.87 35.30
C HIS B 453 -18.05 -5.35 34.66
N LEU B 454 -17.94 -5.52 33.35
CA LEU B 454 -16.85 -4.96 32.56
C LEU B 454 -17.30 -3.65 31.93
N PHE B 455 -16.43 -2.65 31.99
CA PHE B 455 -16.64 -1.41 31.24
C PHE B 455 -15.35 -1.10 30.49
N VAL B 456 -15.45 -1.00 29.18
CA VAL B 456 -14.33 -0.68 28.32
C VAL B 456 -14.61 0.66 27.68
N ASP B 457 -13.74 1.63 27.92
CA ASP B 457 -13.76 2.87 27.16
C ASP B 457 -12.87 2.67 25.95
N LEU B 458 -13.46 2.64 24.76
CA LEU B 458 -12.68 2.38 23.57
C LEU B 458 -11.82 3.59 23.17
N ASN B 459 -12.06 4.76 23.75
CA ASN B 459 -11.23 5.91 23.43
C ASN B 459 -9.89 5.88 24.15
N PHE B 460 -9.83 5.30 25.33
CA PHE B 460 -8.62 5.30 26.15
C PHE B 460 -8.19 3.91 26.59
N ASN B 461 -8.78 2.86 26.02
CA ASN B 461 -8.35 1.48 26.24
C ASN B 461 -8.35 1.12 27.72
N THR B 462 -9.29 1.68 28.47
CA THR B 462 -9.40 1.39 29.89
C THR B 462 -10.29 0.17 30.10
N SER B 463 -9.85 -0.70 31.02
CA SER B 463 -10.52 -1.95 31.34
C SER B 463 -10.83 -1.90 32.83
N LYS B 464 -12.11 -1.85 33.18
CA LYS B 464 -12.49 -1.81 34.58
C LYS B 464 -13.50 -2.91 34.82
N ILE B 465 -13.19 -3.79 35.77
CA ILE B 465 -14.09 -4.85 36.20
C ILE B 465 -14.42 -4.64 37.67
N GLN B 466 -15.72 -4.60 37.98
CA GLN B 466 -16.21 -4.57 39.35
C GLN B 466 -17.05 -5.81 39.61
N TYR B 467 -16.83 -6.44 40.75
CA TYR B 467 -17.50 -7.69 41.08
C TYR B 467 -17.95 -7.67 42.53
N VAL B 468 -18.89 -8.55 42.85
CA VAL B 468 -19.47 -8.66 44.18
C VAL B 468 -18.75 -9.74 44.96
N ASP B 469 -18.08 -9.34 46.04
CA ASP B 469 -17.49 -10.26 46.99
C ASP B 469 -18.61 -10.77 47.89
N VAL B 470 -19.00 -12.04 47.69
CA VAL B 470 -20.24 -12.55 48.28
C VAL B 470 -20.17 -12.55 49.80
N LYS B 471 -19.04 -13.02 50.36
CA LYS B 471 -18.93 -13.18 51.81
C LYS B 471 -19.06 -11.85 52.54
N SER B 472 -18.40 -10.81 52.05
CA SER B 472 -18.53 -9.48 52.65
C SER B 472 -19.68 -8.65 52.06
N GLY B 473 -20.24 -9.05 50.92
CA GLY B 473 -21.37 -8.37 50.31
C GLY B 473 -21.07 -7.04 49.66
N GLU B 474 -19.80 -6.65 49.57
CA GLU B 474 -19.41 -5.36 49.02
C GLU B 474 -18.95 -5.50 47.56
N THR B 475 -18.90 -4.36 46.87
CA THR B 475 -18.47 -4.31 45.47
C THR B 475 -17.02 -3.86 45.41
N ARG B 476 -16.19 -4.66 44.76
CA ARG B 476 -14.76 -4.41 44.73
C ARG B 476 -14.23 -4.48 43.30
N ASP B 477 -13.08 -3.85 43.10
CA ASP B 477 -12.47 -3.70 41.78
C ASP B 477 -11.40 -4.74 41.57
N LEU B 478 -11.45 -5.43 40.45
CA LEU B 478 -10.37 -6.33 40.06
C LEU B 478 -9.15 -5.48 39.67
N GLU B 479 -7.98 -5.85 40.18
CA GLU B 479 -6.76 -5.07 39.97
C GLU B 479 -6.03 -5.60 38.74
N PHE B 480 -6.28 -4.98 37.59
CA PHE B 480 -5.60 -5.37 36.36
C PHE B 480 -5.62 -4.19 35.39
N MET C 1 5.78 44.36 18.39
CA MET C 1 5.55 45.39 17.39
C MET C 1 5.93 44.90 15.98
N LEU C 2 5.62 45.69 14.96
CA LEU C 2 5.71 45.29 13.56
C LEU C 2 6.94 44.45 13.25
N LEU C 3 6.72 43.34 12.55
CA LEU C 3 7.77 42.46 12.10
C LEU C 3 8.17 42.85 10.68
N LYS C 4 9.36 42.41 10.28
CA LYS C 4 9.83 42.63 8.93
C LYS C 4 9.09 41.69 7.98
N ASN C 5 8.55 42.25 6.89
CA ASN C 5 7.88 41.47 5.85
C ASN C 5 8.93 40.79 4.96
N ALA C 6 9.61 39.80 5.54
CA ALA C 6 10.76 39.18 4.89
C ALA C 6 10.79 37.69 5.22
N VAL C 7 11.62 36.96 4.48
CA VAL C 7 11.82 35.54 4.74
C VAL C 7 12.42 35.34 6.13
N GLN C 8 12.01 34.28 6.81
CA GLN C 8 12.62 33.89 8.07
C GLN C 8 13.23 32.50 7.93
N LEU C 9 14.30 32.28 8.67
CA LEU C 9 14.99 31.00 8.67
C LEU C 9 14.56 30.20 9.89
N ILE C 10 14.02 29.01 9.66
CA ILE C 10 13.81 28.04 10.74
C ILE C 10 15.08 27.21 10.85
N CYS C 11 15.64 27.14 12.05
CA CYS C 11 16.90 26.43 12.23
C CYS C 11 17.02 26.03 13.69
N TYR C 12 17.78 24.96 13.93
CA TYR C 12 18.13 24.59 15.28
C TYR C 12 19.24 25.49 15.79
N PRO C 13 19.55 25.44 17.09
CA PRO C 13 20.70 26.22 17.58
C PRO C 13 22.04 25.59 17.24
N ASP C 14 22.09 24.26 17.08
CA ASP C 14 23.36 23.55 17.11
C ASP C 14 23.62 22.69 15.88
N ARG C 15 22.85 22.82 14.80
CA ARG C 15 22.97 21.91 13.68
C ARG C 15 23.57 22.58 12.45
N ILE C 16 23.97 23.84 12.55
CA ILE C 16 24.76 24.53 11.55
C ILE C 16 25.97 25.06 12.31
N GLY C 17 27.12 24.46 12.07
CA GLY C 17 28.24 24.59 12.98
C GLY C 17 28.01 23.75 14.22
N ASN C 18 28.59 24.22 15.32
CA ASN C 18 28.52 23.51 16.59
C ASN C 18 27.69 24.24 17.63
N ASN C 19 27.36 25.50 17.40
CA ASN C 19 26.70 26.34 18.39
C ASN C 19 26.10 27.56 17.70
N LEU C 20 25.48 28.41 18.51
CA LEU C 20 24.81 29.61 18.01
C LEU C 20 25.78 30.57 17.34
N THR C 21 27.06 30.52 17.72
CA THR C 21 28.06 31.41 17.13
C THR C 21 28.31 31.07 15.67
N ASP C 22 28.55 29.78 15.36
CA ASP C 22 28.72 29.36 13.98
C ASP C 22 27.47 29.66 13.17
N LEU C 23 26.31 29.39 13.75
CA LEU C 23 25.05 29.74 13.11
C LEU C 23 25.09 31.20 12.67
N HIS C 24 25.47 32.10 13.59
CA HIS C 24 25.54 33.52 13.27
C HIS C 24 26.58 33.79 12.18
N THR C 25 27.72 33.09 12.24
CA THR C 25 28.70 33.19 11.16
C THR C 25 28.09 32.72 9.83
N ALA C 26 27.33 31.63 9.87
CA ALA C 26 26.73 31.12 8.63
C ALA C 26 25.72 32.11 8.07
N VAL C 27 24.89 32.71 8.93
CA VAL C 27 23.88 33.66 8.49
C VAL C 27 24.53 34.86 7.79
N GLU C 28 25.55 35.44 8.41
CA GLU C 28 26.15 36.64 7.86
C GLU C 28 26.83 36.37 6.51
N LYS C 29 27.42 35.18 6.34
CA LYS C 29 28.17 34.88 5.12
C LYS C 29 27.26 34.81 3.90
N HIS C 30 26.11 34.14 4.01
CA HIS C 30 25.23 33.89 2.87
C HIS C 30 23.88 34.58 2.93
N LEU C 31 23.31 34.73 4.13
CA LEU C 31 21.91 35.06 4.28
C LEU C 31 21.70 36.48 4.75
N SER C 32 22.76 37.31 4.73
CA SER C 32 22.70 38.61 5.39
C SER C 32 21.63 39.51 4.77
N ASP C 33 21.40 39.39 3.47
CA ASP C 33 20.39 40.18 2.79
C ASP C 33 19.30 39.32 2.15
N ALA C 34 19.13 38.07 2.59
CA ALA C 34 18.12 37.19 2.06
C ALA C 34 17.02 36.86 3.04
N ILE C 35 17.27 37.03 4.34
CA ILE C 35 16.27 36.82 5.38
C ILE C 35 16.27 38.04 6.28
N GLY C 36 15.12 38.31 6.88
CA GLY C 36 14.97 39.38 7.84
C GLY C 36 14.69 38.89 9.25
N GLY C 37 14.73 37.59 9.50
CA GLY C 37 14.46 37.07 10.81
C GLY C 37 14.82 35.60 10.87
N LEU C 38 14.82 35.09 12.10
CA LEU C 38 15.13 33.70 12.37
C LEU C 38 14.13 33.17 13.38
N HIS C 39 13.65 31.96 13.15
CA HIS C 39 12.95 31.21 14.18
C HIS C 39 13.88 30.09 14.63
N ILE C 40 14.48 30.28 15.79
CA ILE C 40 15.42 29.31 16.35
C ILE C 40 14.65 28.33 17.23
N LEU C 41 14.67 27.06 16.82
CA LEU C 41 13.92 26.01 17.48
C LEU C 41 14.45 25.75 18.89
N PRO C 42 13.64 25.10 19.74
CA PRO C 42 13.96 25.01 21.17
C PRO C 42 15.39 24.67 21.50
N PHE C 43 15.92 25.45 22.44
CA PHE C 43 17.31 25.49 22.88
C PHE C 43 17.36 25.64 24.40
N PHE C 44 16.31 25.24 25.10
CA PHE C 44 16.14 25.31 26.55
C PHE C 44 16.54 23.97 27.18
N PRO C 45 16.74 23.94 28.51
CA PRO C 45 16.87 22.63 29.18
C PRO C 45 15.57 21.84 29.10
N SER C 46 15.63 20.58 28.67
CA SER C 46 14.37 19.82 28.67
C SER C 46 14.60 18.33 28.87
N ASN C 47 13.53 17.58 29.11
CA ASN C 47 13.63 16.10 29.18
C ASN C 47 13.45 15.59 27.74
N ALA C 48 14.42 15.89 26.86
CA ALA C 48 14.37 15.50 25.43
C ALA C 48 13.08 16.01 24.78
N ASP C 49 12.41 15.21 23.93
CA ASP C 49 11.15 15.61 23.23
C ASP C 49 11.43 16.75 22.25
N GLY C 50 12.71 17.00 21.95
CA GLY C 50 13.06 18.13 21.07
C GLY C 50 13.10 19.41 21.87
N GLY C 51 13.35 19.31 23.17
CA GLY C 51 13.35 20.51 24.05
C GLY C 51 11.95 21.01 24.28
N PHE C 52 10.96 20.12 24.26
CA PHE C 52 9.56 20.59 24.35
C PHE C 52 9.02 20.34 25.77
N SER C 53 9.90 19.88 26.66
CA SER C 53 9.52 19.75 28.09
C SER C 53 10.44 20.70 28.85
N PRO C 54 10.34 22.03 28.68
CA PRO C 54 11.30 22.95 29.29
C PRO C 54 11.18 23.08 30.81
N LEU C 55 12.30 22.95 31.52
CA LEU C 55 12.31 23.16 32.96
C LEU C 55 12.03 24.62 33.27
N THR C 56 12.56 25.51 32.46
CA THR C 56 12.21 26.92 32.46
C THR C 56 12.56 27.49 31.10
N HIS C 57 11.89 28.58 30.74
CA HIS C 57 12.25 29.37 29.58
C HIS C 57 13.30 30.42 29.92
N LYS C 58 13.99 30.25 31.05
CA LYS C 58 14.95 31.22 31.56
C LYS C 58 16.40 30.78 31.42
N GLU C 59 16.68 29.70 30.68
CA GLU C 59 18.03 29.22 30.50
C GLU C 59 18.24 28.71 29.08
N VAL C 60 19.41 29.00 28.52
CA VAL C 60 19.90 28.29 27.34
C VAL C 60 20.69 27.09 27.83
N ASP C 61 20.42 25.93 27.26
CA ASP C 61 21.18 24.72 27.57
C ASP C 61 22.63 24.91 27.16
N PRO C 62 23.59 24.85 28.11
CA PRO C 62 24.97 25.30 27.83
C PRO C 62 25.68 24.63 26.65
N ALA C 63 25.23 23.45 26.20
CA ALA C 63 25.85 22.85 25.01
C ALA C 63 25.65 23.72 23.77
N PHE C 64 24.48 24.37 23.66
CA PHE C 64 24.11 25.10 22.45
C PHE C 64 24.76 26.47 22.35
N GLY C 65 25.04 27.10 23.48
CA GLY C 65 25.56 28.46 23.50
C GLY C 65 25.01 29.23 24.67
N THR C 66 24.90 30.55 24.55
CA THR C 66 24.43 31.38 25.64
C THR C 66 23.43 32.39 25.11
N TRP C 67 22.81 33.12 26.03
CA TRP C 67 21.85 34.15 25.63
C TRP C 67 22.51 35.28 24.86
N ASP C 68 23.78 35.57 25.15
CA ASP C 68 24.46 36.63 24.42
C ASP C 68 24.63 36.26 22.95
N ASP C 69 24.76 34.96 22.67
CA ASP C 69 24.79 34.53 21.28
C ASP C 69 23.45 34.84 20.60
N ILE C 70 22.34 34.78 21.35
CA ILE C 70 21.02 35.06 20.79
C ILE C 70 20.86 36.54 20.49
N GLU C 71 21.28 37.40 21.41
CA GLU C 71 21.13 38.83 21.22
C GLU C 71 21.89 39.34 20.00
N ALA C 72 22.91 38.60 19.54
CA ALA C 72 23.67 39.00 18.36
C ALA C 72 22.79 39.08 17.10
N PHE C 73 21.71 38.32 17.06
CA PHE C 73 20.84 38.38 15.89
C PHE C 73 19.91 39.58 15.97
N THR C 74 19.47 39.96 17.16
CA THR C 74 18.51 41.03 17.36
C THR C 74 19.15 42.43 17.26
N LYS C 76 19.29 42.60 14.17
CA LYS C 76 19.52 43.02 12.79
C LYS C 76 18.45 42.21 12.08
N TYR C 77 17.98 41.22 12.85
CA TYR C 77 17.03 40.19 12.47
C TYR C 77 15.94 40.06 13.53
N ASP C 78 14.71 39.86 13.07
CA ASP C 78 13.61 39.47 13.95
C ASP C 78 13.89 38.08 14.53
N LEU C 79 13.27 37.81 15.69
CA LEU C 79 13.55 36.58 16.43
C LEU C 79 12.26 35.95 16.93
N CYS C 80 11.96 34.76 16.44
CA CYS C 80 10.84 33.94 16.88
C CYS C 80 11.33 32.77 17.73
N VAL C 81 10.66 32.52 18.85
CA VAL C 81 11.07 31.51 19.81
C VAL C 81 9.84 30.77 20.34
N ASP C 82 10.00 29.47 20.61
CA ASP C 82 8.90 28.67 21.14
C ASP C 82 8.60 29.05 22.59
N LEU C 83 7.32 29.23 22.90
CA LEU C 83 6.83 29.43 24.25
C LEU C 83 5.80 28.33 24.54
N THR C 84 6.18 27.34 25.36
CA THR C 84 5.29 26.21 25.63
C THR C 84 4.29 26.61 26.72
N VAL C 85 3.16 27.15 26.28
CA VAL C 85 2.15 27.69 27.18
C VAL C 85 1.33 26.60 27.86
N ASN C 86 1.33 25.38 27.33
CA ASN C 86 0.45 24.36 27.87
C ASN C 86 1.02 23.64 29.09
N HIS C 87 2.33 23.49 29.16
CA HIS C 87 2.89 22.52 30.10
C HIS C 87 4.36 22.83 30.37
N ILE C 88 4.84 22.33 31.50
CA ILE C 88 6.23 22.48 31.89
C ILE C 88 6.74 21.14 32.39
N SER C 89 8.05 21.02 32.50
CA SER C 89 8.68 19.76 32.82
C SER C 89 8.34 19.32 34.24
N ASP C 90 8.30 18.00 34.44
CA ASP C 90 8.22 17.50 35.81
C ASP C 90 9.53 17.71 36.57
N GLU C 91 10.64 17.94 35.87
CA GLU C 91 11.90 18.28 36.54
C GLU C 91 12.07 19.77 36.76
N SER C 92 11.06 20.58 36.44
CA SER C 92 11.13 22.00 36.66
C SER C 92 11.20 22.31 38.16
N PRO C 93 11.76 23.46 38.53
CA PRO C 93 11.74 23.86 39.94
C PRO C 93 10.35 23.83 40.55
N GLU C 94 9.34 24.30 39.81
CA GLU C 94 8.00 24.42 40.35
C GLU C 94 7.37 23.06 40.63
N PHE C 95 7.52 22.10 39.71
CA PHE C 95 6.80 20.85 39.90
C PHE C 95 7.45 19.96 40.95
N ARG C 96 8.77 19.92 41.01
CA ARG C 96 9.40 19.17 42.08
C ARG C 96 9.02 19.74 43.45
N ASP C 97 8.78 21.05 43.52
CA ASP C 97 8.34 21.65 44.77
C ASP C 97 6.95 21.16 45.17
N PHE C 98 6.05 21.00 44.19
CA PHE C 98 4.76 20.36 44.46
C PHE C 98 4.96 18.93 44.90
N ILE C 99 5.96 18.26 44.34
CA ILE C 99 6.24 16.88 44.73
C ILE C 99 6.67 16.79 46.20
N ALA C 100 7.58 17.65 46.67
CA ALA C 100 8.05 17.54 48.06
C ALA C 100 6.96 17.93 49.05
N ASN C 101 6.29 19.06 48.82
CA ASN C 101 5.45 19.73 49.81
C ASN C 101 3.97 19.39 49.71
N GLY C 102 3.60 18.41 48.89
CA GLY C 102 2.19 18.09 48.73
C GLY C 102 1.44 19.30 48.25
N PHE C 103 0.19 19.41 48.68
CA PHE C 103 -0.61 20.59 48.36
C PHE C 103 -0.24 21.81 49.18
N ASP C 104 0.74 21.71 50.08
CA ASP C 104 1.16 22.88 50.84
C ASP C 104 2.12 23.80 50.10
N SER C 105 2.75 23.33 49.02
CA SER C 105 3.57 24.21 48.21
C SER C 105 2.75 25.35 47.63
N GLU C 106 3.34 26.54 47.54
CA GLU C 106 2.60 27.63 46.93
C GLU C 106 2.51 27.49 45.42
N TYR C 107 3.13 26.46 44.85
CA TYR C 107 3.06 26.18 43.43
C TYR C 107 2.01 25.12 43.08
N ALA C 108 1.16 24.76 44.04
CA ALA C 108 0.20 23.68 43.82
C ALA C 108 -0.82 24.06 42.78
N ASP C 109 -1.28 25.31 42.79
CA ASP C 109 -2.34 25.76 41.89
C ASP C 109 -1.80 26.05 40.48
N LEU C 110 -0.53 25.74 40.23
CA LEU C 110 0.06 25.85 38.90
C LEU C 110 -0.31 24.69 38.00
N PHE C 111 -0.86 23.61 38.56
CA PHE C 111 -1.16 22.40 37.81
C PHE C 111 -2.63 22.06 37.95
N VAL C 112 -3.09 21.15 37.10
CA VAL C 112 -4.50 20.77 37.03
C VAL C 112 -4.67 19.43 37.76
N HIS C 113 -5.52 19.43 38.79
CA HIS C 113 -5.69 18.22 39.62
C HIS C 113 -6.98 17.49 39.24
N VAL C 114 -6.84 16.34 38.60
CA VAL C 114 -8.00 15.56 38.09
C VAL C 114 -9.03 15.29 39.19
N ASP C 115 -8.60 15.23 40.43
CA ASP C 115 -9.53 14.86 41.53
C ASP C 115 -10.59 15.94 41.68
N ARG C 116 -10.22 17.19 41.46
CA ARG C 116 -11.17 18.31 41.67
C ARG C 116 -12.51 17.95 41.01
N PHE C 117 -12.52 17.99 39.69
CA PHE C 117 -13.74 17.70 38.92
C PHE C 117 -14.63 16.72 39.68
N GLY C 118 -14.12 15.53 39.97
CA GLY C 118 -14.94 14.47 40.59
C GLY C 118 -14.93 13.29 39.63
N ASP C 119 -15.63 12.20 39.92
CA ASP C 119 -15.66 11.17 38.91
C ASP C 119 -16.09 11.74 37.57
N ILE C 120 -15.29 11.52 36.54
CA ILE C 120 -15.58 12.01 35.19
C ILE C 120 -16.27 10.88 34.44
N SER C 121 -17.51 11.12 34.04
CA SER C 121 -18.33 10.09 33.42
C SER C 121 -17.70 9.61 32.12
N PRO C 122 -18.07 8.41 31.65
CA PRO C 122 -17.62 7.98 30.31
C PRO C 122 -17.92 8.98 29.22
N ASP C 123 -19.14 9.54 29.21
CA ASP C 123 -19.53 10.49 28.17
C ASP C 123 -18.66 11.75 28.19
N ASP C 124 -18.24 12.22 29.36
CA ASP C 124 -17.40 13.40 29.34
C ASP C 124 -15.98 13.07 28.91
N MET C 125 -15.48 11.89 29.25
CA MET C 125 -14.19 11.45 28.72
C MET C 125 -14.25 11.33 27.21
N ALA C 126 -15.39 10.88 26.68
CA ALA C 126 -15.53 10.68 25.24
C ALA C 126 -15.45 11.98 24.47
N LYS C 127 -15.71 13.11 25.11
CA LYS C 127 -15.60 14.38 24.43
C LYS C 127 -14.16 14.83 24.25
N ILE C 128 -13.22 14.34 25.06
CA ILE C 128 -11.89 14.93 25.09
C ILE C 128 -11.18 14.68 23.77
N HIS C 129 -10.69 15.76 23.17
CA HIS C 129 -9.87 15.72 21.95
C HIS C 129 -8.42 15.57 22.39
N ILE C 130 -7.88 14.36 22.25
CA ILE C 130 -6.55 14.04 22.71
C ILE C 130 -5.91 13.09 21.70
N ARG C 131 -4.60 13.24 21.52
CA ARG C 131 -3.93 12.48 20.47
C ARG C 131 -3.55 11.08 20.95
N LYS C 132 -3.01 10.94 22.16
CA LYS C 132 -2.65 9.65 22.74
C LYS C 132 -3.89 8.86 23.16
N GLU C 133 -3.71 7.55 23.32
CA GLU C 133 -4.77 6.63 23.72
C GLU C 133 -4.60 6.13 25.15
N LYS C 134 -4.19 7.03 26.04
CA LYS C 134 -4.27 6.85 27.48
C LYS C 134 -5.08 8.01 28.06
N GLU C 135 -5.66 7.81 29.22
CA GLU C 135 -6.30 8.93 29.88
C GLU C 135 -5.23 9.99 30.16
N PRO C 136 -5.51 11.24 29.92
CA PRO C 136 -4.50 12.31 30.04
C PRO C 136 -4.18 12.67 31.50
N PHE C 137 -3.97 11.64 32.32
CA PHE C 137 -3.84 11.77 33.78
C PHE C 137 -2.56 11.06 34.17
N ARG C 138 -1.66 11.77 34.86
CA ARG C 138 -0.48 11.16 35.45
C ARG C 138 -0.65 11.04 36.96
N GLU C 139 -0.50 9.83 37.48
CA GLU C 139 -0.51 9.63 38.93
C GLU C 139 0.92 9.72 39.41
N VAL C 140 1.20 10.68 40.29
CA VAL C 140 2.54 10.89 40.83
C VAL C 140 2.53 10.47 42.29
N THR C 141 3.65 9.93 42.75
CA THR C 141 3.81 9.60 44.16
C THR C 141 4.34 10.80 44.91
N LEU C 142 3.69 11.13 46.03
CA LEU C 142 4.07 12.34 46.80
C LEU C 142 5.21 12.05 47.80
N ALA C 143 6.02 13.06 48.14
CA ALA C 143 7.16 12.82 49.03
C ALA C 143 6.72 12.07 50.27
N ASP C 144 5.59 12.48 50.85
CA ASP C 144 5.03 11.80 52.00
C ASP C 144 4.60 10.38 51.67
N GLY C 145 4.45 10.06 50.38
CA GLY C 145 3.95 8.77 49.96
C GLY C 145 2.51 8.73 49.53
N THR C 146 1.83 9.86 49.41
CA THR C 146 0.46 9.90 48.92
C THR C 146 0.47 9.94 47.39
N LYS C 147 -0.65 9.54 46.79
CA LYS C 147 -0.78 9.49 45.34
C LYS C 147 -1.92 10.38 44.90
N THR C 148 -1.59 11.41 44.11
CA THR C 148 -2.56 12.30 43.49
C THR C 148 -2.32 12.33 41.98
N ARG C 149 -3.35 12.75 41.24
CA ARG C 149 -3.31 12.74 39.78
C ARG C 149 -3.30 14.18 39.26
N VAL C 150 -2.40 14.45 38.31
CA VAL C 150 -2.32 15.73 37.63
C VAL C 150 -2.61 15.51 36.15
N TRP C 151 -3.11 16.56 35.49
CA TRP C 151 -3.48 16.45 34.07
C TRP C 151 -2.22 16.38 33.20
N CYS C 152 -2.26 15.53 32.18
CA CYS C 152 -1.07 15.29 31.38
C CYS C 152 -1.48 14.99 29.94
N THR C 153 -1.37 15.99 29.06
CA THR C 153 -1.81 15.80 27.67
C THR C 153 -0.82 14.96 26.86
N PHE C 154 0.46 15.26 26.97
CA PHE C 154 1.56 14.67 26.22
C PHE C 154 2.32 13.69 27.12
N THR C 155 3.60 13.44 26.80
CA THR C 155 4.42 12.54 27.61
C THR C 155 4.34 12.90 29.09
N GLU C 156 4.52 11.89 29.95
CA GLU C 156 4.33 12.08 31.38
C GLU C 156 5.36 13.00 32.02
N GLN C 157 6.44 13.34 31.32
CA GLN C 157 7.36 14.36 31.79
C GLN C 157 6.87 15.78 31.50
N GLN C 158 5.67 15.91 30.94
CA GLN C 158 5.08 17.20 30.60
C GLN C 158 3.79 17.37 31.40
N ILE C 159 3.79 18.33 32.31
CA ILE C 159 2.70 18.54 33.26
C ILE C 159 1.99 19.82 32.85
N ASP C 160 0.67 19.72 32.63
CA ASP C 160 -0.07 20.85 32.10
C ASP C 160 -0.24 21.93 33.16
N LEU C 161 -0.30 23.17 32.68
CA LEU C 161 -0.48 24.35 33.50
C LEU C 161 -1.98 24.59 33.72
N ASN C 162 -2.28 25.32 34.80
CA ASN C 162 -3.66 25.55 35.24
C ASN C 162 -4.09 26.96 34.86
N TYR C 163 -4.94 27.07 33.84
CA TYR C 163 -5.43 28.38 33.42
C TYR C 163 -6.77 28.74 34.04
N ASP C 164 -7.24 27.97 35.03
CA ASP C 164 -8.25 28.42 35.97
C ASP C 164 -7.64 29.15 37.16
N GLY C 165 -6.40 28.83 37.50
CA GLY C 165 -5.68 29.52 38.55
C GLY C 165 -4.95 30.75 38.03
N ASP C 166 -4.10 31.31 38.90
CA ASP C 166 -3.42 32.56 38.61
C ASP C 166 -1.94 32.40 38.28
N LEU C 167 -1.28 31.39 38.83
CA LEU C 167 0.17 31.27 38.69
C LEU C 167 0.58 31.06 37.23
N ALA C 168 -0.23 30.31 36.47
CA ALA C 168 0.10 30.06 35.07
C ALA C 168 0.24 31.36 34.30
N TYR C 169 -0.58 32.36 34.63
CA TYR C 169 -0.43 33.64 33.96
C TYR C 169 0.83 34.38 34.42
N ARG C 170 1.15 34.30 35.72
CA ARG C 170 2.39 34.90 36.20
C ARG C 170 3.60 34.27 35.52
N LEU C 171 3.67 32.94 35.52
CA LEU C 171 4.79 32.23 34.92
C LEU C 171 4.98 32.61 33.46
N MET C 172 3.87 32.75 32.72
CA MET C 172 3.95 33.14 31.32
C MET C 172 4.40 34.58 31.16
N GLU C 173 3.86 35.50 31.97
CA GLU C 173 4.31 36.88 31.88
C GLU C 173 5.78 36.98 32.26
N SER C 174 6.22 36.17 33.21
CA SER C 174 7.64 36.06 33.53
C SER C 174 8.44 35.57 32.32
N TYR C 175 8.03 34.44 31.73
CA TYR C 175 8.70 33.91 30.54
C TYR C 175 8.73 34.93 29.41
N ILE C 176 7.59 35.55 29.12
CA ILE C 176 7.52 36.52 28.01
C ILE C 176 8.41 37.72 28.29
N GLY C 177 8.38 38.21 29.53
CA GLY C 177 9.24 39.33 29.90
C GLY C 177 10.71 39.05 29.67
N PHE C 178 11.16 37.88 30.13
CA PHE C 178 12.56 37.50 29.93
C PHE C 178 12.87 37.25 28.46
N LEU C 179 12.01 36.51 27.74
CA LEU C 179 12.29 36.24 26.33
C LEU C 179 12.44 37.52 25.54
N THR C 180 11.57 38.50 25.75
CA THR C 180 11.66 39.73 24.95
C THR C 180 12.87 40.57 25.35
N SER C 181 13.25 40.55 26.63
CA SER C 181 14.45 41.29 27.04
C SER C 181 15.70 40.78 26.31
N LYS C 182 15.68 39.54 25.83
CA LYS C 182 16.76 39.01 25.02
C LYS C 182 16.57 39.30 23.54
N GLY C 183 15.47 39.95 23.16
CA GLY C 183 15.24 40.39 21.80
C GLY C 183 14.22 39.61 21.00
N VAL C 184 13.37 38.82 21.63
CA VAL C 184 12.40 37.99 20.92
C VAL C 184 11.27 38.87 20.42
N ASN C 185 11.05 38.87 19.11
CA ASN C 185 9.94 39.58 18.48
C ASN C 185 8.66 38.77 18.44
N LEU C 186 8.76 37.45 18.37
CA LEU C 186 7.64 36.63 17.94
C LEU C 186 7.59 35.38 18.80
N LEU C 187 6.45 35.16 19.44
CA LEU C 187 6.26 34.04 20.34
C LEU C 187 5.42 32.97 19.65
N ARG C 188 6.03 31.84 19.34
CA ARG C 188 5.29 30.67 18.86
C ARG C 188 4.68 29.97 20.06
N LEU C 189 3.35 29.97 20.14
CA LEU C 189 2.64 29.39 21.27
C LEU C 189 2.36 27.92 20.97
N ASP C 190 3.09 27.03 21.63
CA ASP C 190 2.99 25.60 21.38
C ASP C 190 1.89 24.98 22.23
N ALA C 191 1.02 24.18 21.58
CA ALA C 191 -0.06 23.43 22.23
C ALA C 191 -1.04 24.35 22.94
N PHE C 192 -1.44 25.43 22.25
CA PHE C 192 -2.17 26.50 22.89
C PHE C 192 -3.62 26.09 23.15
N GLY C 193 -4.13 25.14 22.36
CA GLY C 193 -5.53 24.74 22.39
C GLY C 193 -5.88 23.91 23.61
N TYR C 194 -4.89 23.27 24.23
CA TYR C 194 -5.14 22.43 25.39
C TYR C 194 -5.17 23.22 26.68
N THR C 195 -4.87 24.52 26.64
CA THR C 195 -4.89 25.33 27.85
C THR C 195 -6.30 25.44 28.41
N THR C 196 -7.31 25.29 27.55
CA THR C 196 -8.70 25.34 27.96
C THR C 196 -9.11 23.94 28.39
N LYS C 197 -9.22 23.75 29.71
CA LYS C 197 -9.71 22.50 30.29
C LYS C 197 -11.04 22.76 30.99
N ARG C 198 -12.10 22.10 30.50
CA ARG C 198 -13.44 22.20 31.10
C ARG C 198 -14.21 20.93 30.79
N ILE C 199 -14.52 20.13 31.84
CA ILE C 199 -15.28 18.89 31.63
C ILE C 199 -16.61 19.20 30.96
N GLY C 200 -17.03 18.30 30.07
CA GLY C 200 -18.16 18.51 29.22
C GLY C 200 -17.78 19.08 27.89
N THR C 201 -16.50 19.36 27.68
CA THR C 201 -16.05 19.94 26.43
C THR C 201 -14.92 19.08 25.88
N SER C 202 -14.43 19.48 24.70
CA SER C 202 -13.33 18.81 24.04
C SER C 202 -12.00 18.99 24.77
N CYS C 203 -11.94 19.93 25.72
CA CYS C 203 -10.69 20.28 26.39
C CYS C 203 -9.61 20.63 25.37
N PHE C 204 -10.03 21.22 24.25
CA PHE C 204 -9.11 21.63 23.19
C PHE C 204 -9.81 22.70 22.35
N LEU C 205 -9.23 23.90 22.31
CA LEU C 205 -9.82 25.01 21.57
C LEU C 205 -11.25 25.30 22.05
N VAL C 206 -11.48 25.17 23.35
CA VAL C 206 -12.83 25.35 23.88
C VAL C 206 -13.18 26.83 23.84
N GLU C 207 -14.22 27.17 23.07
CA GLU C 207 -14.76 28.47 22.72
C GLU C 207 -15.84 28.89 23.72
N PRO C 208 -15.86 30.16 24.16
CA PRO C 208 -14.95 31.23 23.74
C PRO C 208 -13.76 31.43 24.68
N GLU C 209 -13.60 30.57 25.68
CA GLU C 209 -12.46 30.65 26.59
C GLU C 209 -11.15 30.82 25.83
N VAL C 210 -10.95 30.00 24.80
CA VAL C 210 -9.66 29.95 24.11
C VAL C 210 -9.27 31.30 23.51
N TYR C 211 -10.24 32.09 23.04
CA TYR C 211 -9.84 33.33 22.41
C TYR C 211 -9.44 34.38 23.43
N ARG C 212 -9.99 34.30 24.64
CA ARG C 212 -9.60 35.23 25.70
C ARG C 212 -8.19 34.93 26.19
N ILE C 213 -7.84 33.66 26.42
CA ILE C 213 -6.46 33.31 26.79
C ILE C 213 -5.50 33.87 25.75
N LEU C 214 -5.87 33.77 24.48
CA LEU C 214 -5.01 34.29 23.43
C LEU C 214 -4.99 35.81 23.44
N ASP C 215 -6.12 36.43 23.75
CA ASP C 215 -6.11 37.88 23.92
C ASP C 215 -5.20 38.27 25.08
N TRP C 216 -5.26 37.54 26.18
CA TRP C 216 -4.39 37.87 27.30
C TRP C 216 -2.93 37.75 26.91
N ILE C 217 -2.55 36.61 26.32
CA ILE C 217 -1.17 36.39 25.89
C ILE C 217 -0.77 37.45 24.86
N ASN C 218 -1.69 37.78 23.95
CA ASN C 218 -1.34 38.73 22.91
C ASN C 218 -1.00 40.10 23.50
N GLU C 219 -1.78 40.51 24.51
CA GLU C 219 -1.59 41.83 25.12
C GLU C 219 -0.33 41.89 25.96
N VAL C 220 -0.10 40.86 26.77
CA VAL C 220 1.16 40.72 27.51
C VAL C 220 2.34 40.72 26.54
N ALA C 221 2.24 39.95 25.45
CA ALA C 221 3.30 39.93 24.46
C ALA C 221 3.51 41.32 23.84
N PHE C 222 2.42 42.01 23.50
CA PHE C 222 2.56 43.32 22.90
C PHE C 222 3.15 44.32 23.87
N LYS C 223 2.76 44.24 25.15
CA LYS C 223 3.34 45.10 26.17
C LYS C 223 4.86 44.93 26.22
N HIS C 224 5.36 43.73 25.91
CA HIS C 224 6.79 43.48 25.97
C HIS C 224 7.44 43.55 24.59
N GLY C 225 6.74 44.10 23.60
CA GLY C 225 7.32 44.37 22.29
C GLY C 225 7.37 43.19 21.36
N ALA C 226 6.43 42.26 21.48
CA ALA C 226 6.44 41.01 20.72
C ALA C 226 5.04 40.71 20.20
N GLU C 227 4.99 40.01 19.08
CA GLU C 227 3.74 39.52 18.49
C GLU C 227 3.69 38.00 18.62
N CYS C 228 2.51 37.42 18.37
CA CYS C 228 2.29 36.01 18.64
C CYS C 228 2.03 35.22 17.37
N LEU C 229 2.44 33.95 17.39
CA LEU C 229 2.22 32.99 16.31
C LEU C 229 1.63 31.74 16.94
N PRO C 230 0.32 31.74 17.19
CA PRO C 230 -0.31 30.60 17.87
C PRO C 230 -0.45 29.42 16.93
N GLU C 231 0.12 28.28 17.31
CA GLU C 231 0.17 27.13 16.41
C GLU C 231 -0.87 26.10 16.83
N VAL C 232 -1.80 25.80 15.91
CA VAL C 232 -2.80 24.76 16.11
C VAL C 232 -3.00 23.99 14.81
N HIS C 233 -3.11 22.67 14.92
CA HIS C 233 -3.35 21.80 13.77
C HIS C 233 -4.78 21.28 13.85
N ASP C 234 -5.70 21.96 13.16
CA ASP C 234 -7.10 21.58 13.15
C ASP C 234 -7.75 22.28 11.95
N HIS C 235 -9.09 22.28 11.92
CA HIS C 235 -9.82 22.88 10.81
C HIS C 235 -9.38 24.33 10.61
N THR C 236 -9.26 24.75 9.35
CA THR C 236 -8.73 26.09 9.05
C THR C 236 -9.55 27.21 9.68
N SER C 237 -10.81 26.96 10.03
CA SER C 237 -11.61 28.01 10.64
C SER C 237 -10.92 28.64 11.84
N TYR C 238 -10.17 27.83 12.61
CA TYR C 238 -9.47 28.40 13.75
C TYR C 238 -8.37 29.34 13.29
N GLN C 239 -7.80 29.11 12.10
CA GLN C 239 -6.77 30.02 11.65
C GLN C 239 -7.34 31.39 11.34
N TYR C 240 -8.58 31.46 10.86
CA TYR C 240 -9.11 32.79 10.65
C TYR C 240 -9.53 33.41 11.98
N ALA C 241 -10.01 32.61 12.92
CA ALA C 241 -10.31 33.16 14.25
C ALA C 241 -9.05 33.72 14.89
N ILE C 242 -7.95 32.96 14.84
CA ILE C 242 -6.67 33.48 15.31
C ILE C 242 -6.33 34.78 14.59
N SER C 243 -6.45 34.76 13.26
CA SER C 243 -6.12 35.93 12.45
C SER C 243 -6.86 37.17 12.88
N ARG C 244 -8.08 37.02 13.37
CA ARG C 244 -8.94 38.14 13.69
C ARG C 244 -8.74 38.67 15.09
N ARG C 245 -7.74 38.17 15.81
CA ARG C 245 -7.43 38.72 17.15
C ARG C 245 -6.10 39.44 17.02
N ASN C 246 -5.81 39.96 15.84
CA ASN C 246 -4.51 40.63 15.54
C ASN C 246 -3.37 39.71 15.95
N MET C 247 -3.37 38.48 15.44
CA MET C 247 -2.32 37.52 15.69
C MET C 247 -2.00 36.76 14.41
N HIS C 248 -0.88 36.05 14.44
CA HIS C 248 -0.36 35.37 13.28
C HIS C 248 -0.75 33.91 13.31
N PRO C 249 -1.65 33.45 12.44
CA PRO C 249 -1.87 32.01 12.30
C PRO C 249 -0.82 31.43 11.37
N TYR C 250 -0.65 30.11 11.44
CA TYR C 250 0.16 29.42 10.44
C TYR C 250 -0.66 29.14 9.18
N GLY C 251 0.01 29.23 8.02
CA GLY C 251 -0.63 28.86 6.77
C GLY C 251 -0.52 27.37 6.48
N PHE C 252 -0.94 26.55 7.44
CA PHE C 252 -0.75 25.12 7.33
C PHE C 252 -1.50 24.48 6.17
N ALA C 253 -2.51 25.15 5.62
CA ALA C 253 -3.22 24.60 4.47
C ALA C 253 -2.36 24.62 3.22
N LEU C 254 -1.36 25.51 3.15
CA LEU C 254 -0.63 25.72 1.90
C LEU C 254 0.18 24.50 1.48
N PRO C 255 1.01 23.89 2.31
CA PRO C 255 1.85 22.82 1.82
C PRO C 255 1.05 21.72 1.15
N PRO C 256 0.07 21.08 1.82
CA PRO C 256 -0.67 20.02 1.11
C PRO C 256 -1.40 20.57 -0.11
N LEU C 257 -1.78 21.84 -0.07
CA LEU C 257 -2.43 22.47 -1.22
C LEU C 257 -1.45 22.56 -2.39
N LEU C 258 -0.19 22.95 -2.13
CA LEU C 258 0.81 22.98 -3.20
C LEU C 258 1.18 21.58 -3.65
N LEU C 259 1.37 20.65 -2.72
CA LEU C 259 1.67 19.27 -3.14
C LEU C 259 0.62 18.78 -4.12
N TYR C 260 -0.65 18.92 -3.77
CA TYR C 260 -1.70 18.56 -4.72
C TYR C 260 -1.59 19.35 -6.01
N SER C 261 -1.44 20.67 -5.91
CA SER C 261 -1.44 21.53 -7.10
C SER C 261 -0.35 21.10 -8.09
N LEU C 262 0.86 20.87 -7.61
CA LEU C 262 1.96 20.51 -8.49
C LEU C 262 1.79 19.09 -9.04
N LEU C 263 1.44 18.15 -8.16
CA LEU C 263 1.35 16.75 -8.56
C LEU C 263 0.21 16.50 -9.53
N ASP C 264 -0.88 17.27 -9.43
CA ASP C 264 -2.05 17.08 -10.27
C ASP C 264 -2.22 18.22 -11.28
N ALA C 265 -1.26 19.15 -11.34
CA ALA C 265 -1.25 20.26 -12.29
C ALA C 265 -2.59 20.99 -12.30
N ASN C 266 -2.98 21.48 -11.12
CA ASN C 266 -4.32 22.01 -10.88
C ASN C 266 -4.22 23.18 -9.93
N SER C 267 -4.71 24.33 -10.36
CA SER C 267 -4.64 25.54 -9.55
C SER C 267 -5.99 25.97 -9.01
N VAL C 268 -7.07 25.24 -9.28
CA VAL C 268 -8.41 25.69 -8.90
C VAL C 268 -8.48 25.91 -7.41
N TYR C 269 -8.04 24.91 -6.64
CA TYR C 269 -8.18 24.98 -5.21
C TYR C 269 -7.17 25.92 -4.59
N LEU C 270 -5.99 26.02 -5.20
CA LEU C 270 -5.00 26.99 -4.76
C LEU C 270 -5.50 28.41 -4.93
N LYS C 271 -6.03 28.73 -6.11
CA LYS C 271 -6.48 30.08 -6.36
C LYS C 271 -7.61 30.46 -5.40
N ASN C 272 -8.58 29.55 -5.22
CA ASN C 272 -9.68 29.86 -4.29
C ASN C 272 -9.14 30.14 -2.89
N TRP C 273 -8.13 29.40 -2.46
CA TRP C 273 -7.60 29.60 -1.12
C TRP C 273 -6.87 30.94 -1.03
N LEU C 274 -6.05 31.26 -2.04
CA LEU C 274 -5.34 32.54 -2.01
C LEU C 274 -6.30 33.73 -1.95
N ARG C 275 -7.45 33.61 -2.62
CA ARG C 275 -8.46 34.67 -2.61
C ARG C 275 -9.08 34.84 -1.22
N MET C 276 -9.03 33.80 -0.38
CA MET C 276 -9.59 33.77 0.97
C MET C 276 -8.58 33.85 2.09
N CYS C 277 -7.31 33.60 1.81
CA CYS C 277 -6.38 33.14 2.82
C CYS C 277 -6.38 34.06 4.05
N PRO C 278 -6.20 33.52 5.25
CA PRO C 278 -6.19 34.36 6.46
C PRO C 278 -5.17 35.47 6.36
N ARG C 279 -5.43 36.54 7.09
CA ARG C 279 -4.57 37.72 7.05
C ARG C 279 -3.44 37.52 8.05
N ASN C 280 -2.28 38.10 7.77
CA ASN C 280 -1.17 38.09 8.72
C ASN C 280 -0.75 36.67 9.08
N MET C 281 -0.73 35.76 8.12
CA MET C 281 -0.29 34.43 8.47
C MET C 281 1.21 34.25 8.23
N VAL C 282 1.79 33.26 8.91
CA VAL C 282 3.17 32.84 8.69
C VAL C 282 3.12 31.56 7.87
N THR C 283 3.74 31.57 6.70
CA THR C 283 3.63 30.43 5.82
C THR C 283 4.85 29.54 6.01
N VAL C 284 4.61 28.25 6.04
CA VAL C 284 5.68 27.27 6.07
C VAL C 284 5.47 26.36 4.87
N LEU C 285 6.53 25.70 4.45
CA LEU C 285 6.40 24.75 3.36
C LEU C 285 6.66 23.33 3.81
N ASP C 286 7.80 23.09 4.45
CA ASP C 286 8.04 21.82 5.13
C ASP C 286 7.90 22.02 6.63
N THR C 287 7.25 21.05 7.28
CA THR C 287 6.87 21.10 8.68
C THR C 287 7.76 20.20 9.54
N HIS C 288 7.35 20.03 10.81
CA HIS C 288 7.90 19.00 11.66
C HIS C 288 7.11 17.68 11.66
N ASP C 289 5.86 17.65 11.20
CA ASP C 289 4.97 16.48 11.28
C ASP C 289 4.63 15.86 9.95
N GLY C 290 4.82 16.58 8.87
CA GLY C 290 4.46 16.07 7.58
C GLY C 290 3.21 16.79 7.14
N ILE C 291 2.48 16.13 6.26
CA ILE C 291 1.19 16.66 5.83
C ILE C 291 0.12 16.24 6.83
N CYS C 292 -0.63 17.21 7.34
CA CYS C 292 -1.69 16.95 8.29
C CYS C 292 -2.99 17.32 7.60
N ILE C 293 -3.94 16.39 7.61
CA ILE C 293 -5.12 16.48 6.77
C ILE C 293 -6.15 17.49 7.30
N PRO C 294 -6.54 17.49 8.58
CA PRO C 294 -7.50 18.52 9.02
C PRO C 294 -7.04 19.94 8.74
N ASP C 295 -5.76 20.16 8.43
CA ASP C 295 -5.32 21.51 8.08
C ASP C 295 -5.74 21.90 6.68
N VAL C 296 -6.15 20.94 5.84
CA VAL C 296 -6.51 21.22 4.47
C VAL C 296 -7.96 20.83 4.15
N GLU C 297 -8.67 20.23 5.11
CA GLU C 297 -10.09 19.89 4.93
C GLU C 297 -10.89 21.14 4.63
N GLY C 298 -11.70 21.08 3.57
CA GLY C 298 -12.49 22.20 3.10
C GLY C 298 -11.74 23.07 2.12
N VAL C 299 -10.44 23.29 2.38
CA VAL C 299 -9.58 24.01 1.45
C VAL C 299 -9.36 23.19 0.19
N LEU C 300 -9.31 21.86 0.34
CA LEU C 300 -9.08 20.90 -0.73
C LEU C 300 -10.17 19.83 -0.60
N PRO C 301 -10.87 19.49 -1.68
CA PRO C 301 -11.97 18.52 -1.56
C PRO C 301 -11.47 17.15 -1.12
N ASP C 302 -12.39 16.36 -0.53
CA ASP C 302 -12.01 15.04 0.00
C ASP C 302 -11.51 14.11 -1.10
N ASP C 303 -12.08 14.18 -2.31
CA ASP C 303 -11.54 13.35 -3.39
C ASP C 303 -10.12 13.76 -3.75
N LYS C 304 -9.84 15.08 -3.79
CA LYS C 304 -8.50 15.52 -4.14
C LYS C 304 -7.51 15.28 -3.01
N ILE C 305 -7.98 15.28 -1.75
CA ILE C 305 -7.13 14.85 -0.65
C ILE C 305 -6.75 13.38 -0.83
N LYS C 306 -7.73 12.55 -1.20
CA LYS C 306 -7.45 11.14 -1.44
C LYS C 306 -6.41 10.97 -2.54
N VAL C 307 -6.51 11.75 -3.61
CA VAL C 307 -5.48 11.78 -4.64
C VAL C 307 -4.11 12.10 -4.02
N LEU C 308 -4.04 13.21 -3.28
CA LEU C 308 -2.79 13.58 -2.61
C LEU C 308 -2.32 12.50 -1.64
N ILE C 309 -3.22 12.04 -0.75
CA ILE C 309 -2.82 11.07 0.28
C ILE C 309 -2.25 9.80 -0.36
N ASP C 310 -2.92 9.29 -1.40
CA ASP C 310 -2.43 8.08 -2.06
C ASP C 310 -1.06 8.30 -2.70
N ASN C 311 -0.86 9.45 -3.32
CA ASN C 311 0.41 9.74 -3.99
C ASN C 311 1.58 9.78 -2.99
N ILE C 312 1.44 10.51 -1.88
CA ILE C 312 2.55 10.69 -0.94
C ILE C 312 2.86 9.43 -0.14
N CYS C 339 7.59 13.39 5.56
CA CYS C 339 8.04 13.51 4.17
C CYS C 339 8.49 14.97 3.92
N THR C 340 9.80 15.19 3.93
CA THR C 340 10.37 16.50 3.59
C THR C 340 9.82 16.98 2.25
N PHE C 341 9.41 18.25 2.19
CA PHE C 341 8.64 18.74 1.04
C PHE C 341 9.36 18.47 -0.27
N TYR C 342 10.69 18.47 -0.24
CA TYR C 342 11.45 18.15 -1.44
C TYR C 342 11.15 16.73 -1.92
N ASP C 343 11.00 15.78 -1.00
CA ASP C 343 10.73 14.39 -1.38
C ASP C 343 9.31 14.18 -1.92
N ALA C 344 8.34 14.93 -1.44
CA ALA C 344 6.98 14.71 -1.93
C ALA C 344 6.84 15.13 -3.38
N LEU C 345 7.68 16.07 -3.82
CA LEU C 345 7.76 16.48 -5.22
C LEU C 345 8.72 15.61 -6.02
N MET C 346 9.08 14.44 -5.51
CA MET C 346 9.95 13.50 -6.20
C MET C 346 11.33 14.12 -6.42
N GLN C 347 11.71 15.01 -5.50
CA GLN C 347 12.99 15.73 -5.52
C GLN C 347 13.18 16.53 -6.81
N ASN C 348 12.07 16.95 -7.42
CA ASN C 348 12.09 17.76 -8.63
C ASN C 348 12.42 19.19 -8.27
N ASP C 349 13.58 19.68 -8.71
CA ASP C 349 14.00 21.03 -8.35
C ASP C 349 13.06 22.10 -8.88
N ASP C 350 12.63 21.97 -10.14
CA ASP C 350 11.73 22.95 -10.74
C ASP C 350 10.46 23.10 -9.92
N ALA C 351 9.84 21.98 -9.54
CA ALA C 351 8.64 22.01 -8.73
C ALA C 351 8.90 22.66 -7.37
N TYR C 352 10.03 22.32 -6.74
CA TYR C 352 10.32 22.89 -5.42
C TYR C 352 10.46 24.40 -5.51
N ILE C 353 11.20 24.89 -6.52
CA ILE C 353 11.34 26.33 -6.67
C ILE C 353 9.99 26.98 -6.94
N ALA C 354 9.18 26.35 -7.78
CA ALA C 354 7.86 26.93 -8.06
C ALA C 354 7.03 26.97 -6.79
N ALA C 355 7.15 25.95 -5.94
CA ALA C 355 6.42 25.98 -4.68
C ALA C 355 6.91 27.11 -3.78
N ARG C 356 8.24 27.28 -3.67
CA ARG C 356 8.77 28.37 -2.86
C ARG C 356 8.35 29.74 -3.43
N ALA C 357 8.39 29.87 -4.75
CA ALA C 357 7.94 31.11 -5.37
C ALA C 357 6.49 31.41 -4.99
N ILE C 358 5.63 30.41 -5.13
CA ILE C 358 4.21 30.57 -4.74
C ILE C 358 4.11 30.90 -3.26
N GLN C 359 4.81 30.16 -2.41
CA GLN C 359 4.81 30.47 -0.99
C GLN C 359 5.20 31.92 -0.75
N PHE C 360 6.27 32.36 -1.39
CA PHE C 360 6.76 33.71 -1.10
C PHE C 360 5.77 34.76 -1.57
N PHE C 361 5.03 34.49 -2.65
CA PHE C 361 4.00 35.43 -3.06
C PHE C 361 2.69 35.25 -2.31
N THR C 362 2.57 34.27 -1.44
CA THR C 362 1.37 34.15 -0.63
C THR C 362 1.41 35.22 0.46
N PRO C 363 0.31 35.92 0.70
CA PRO C 363 0.30 36.95 1.75
C PRO C 363 0.80 36.38 3.07
N GLY C 364 1.63 37.15 3.75
CA GLY C 364 2.15 36.72 5.03
C GLY C 364 3.67 36.65 5.03
N ILE C 365 4.19 36.17 6.16
CA ILE C 365 5.62 36.06 6.38
C ILE C 365 6.05 34.65 6.00
N PRO C 366 6.92 34.49 4.99
CA PRO C 366 7.35 33.15 4.57
C PRO C 366 8.51 32.65 5.42
N GLN C 367 8.37 31.45 5.94
CA GLN C 367 9.47 30.77 6.61
C GLN C 367 10.08 29.71 5.68
N VAL C 368 11.39 29.59 5.73
CA VAL C 368 12.12 28.56 5.01
C VAL C 368 12.89 27.74 6.05
N TYR C 369 12.50 26.47 6.20
CA TYR C 369 13.23 25.60 7.09
C TYR C 369 14.63 25.36 6.54
N TYR C 370 15.61 25.26 7.43
CA TYR C 370 17.01 25.31 6.98
C TYR C 370 17.36 24.14 6.08
N VAL C 371 16.82 22.94 6.36
CA VAL C 371 17.08 21.79 5.49
C VAL C 371 16.50 22.04 4.11
N GLY C 372 15.31 22.66 4.06
CA GLY C 372 14.75 23.06 2.79
C GLY C 372 15.58 24.11 2.09
N LEU C 373 16.23 24.99 2.86
CA LEU C 373 17.16 25.94 2.26
C LEU C 373 18.31 25.21 1.56
N LEU C 374 18.79 24.12 2.16
CA LEU C 374 19.95 23.43 1.65
C LEU C 374 19.57 22.21 0.81
N ALA C 375 18.28 21.95 0.63
CA ALA C 375 17.75 20.87 -0.19
C ALA C 375 18.44 19.53 0.15
N GLY C 376 18.30 19.13 1.41
CA GLY C 376 18.93 17.89 1.87
C GLY C 376 18.01 16.68 1.92
N ASN C 395 18.49 16.81 10.23
CA ASN C 395 19.82 16.45 9.75
C ASN C 395 20.86 17.49 10.22
N TYR C 396 22.11 17.07 10.38
CA TYR C 396 23.19 17.99 10.75
C TYR C 396 24.02 18.39 9.55
N TYR C 397 24.56 19.62 9.62
CA TYR C 397 25.50 20.13 8.64
C TYR C 397 26.70 20.69 9.38
N THR C 398 27.91 20.48 8.83
CA THR C 398 29.07 21.23 9.29
C THR C 398 29.19 22.51 8.47
N LEU C 399 30.02 23.45 8.93
CA LEU C 399 30.14 24.70 8.20
C LEU C 399 30.76 24.48 6.83
N ASN C 400 31.57 23.43 6.68
CA ASN C 400 32.05 23.05 5.35
C ASN C 400 30.91 22.54 4.48
N GLU C 401 30.06 21.68 5.04
CA GLU C 401 29.00 21.07 4.25
C GLU C 401 27.99 22.12 3.78
N MET C 402 27.70 23.12 4.61
CA MET C 402 26.77 24.16 4.21
C MET C 402 27.31 24.97 3.05
N ASP C 403 28.61 25.24 3.06
CA ASP C 403 29.23 25.90 1.91
C ASP C 403 28.95 25.11 0.64
N GLU C 404 29.03 23.77 0.72
CA GLU C 404 28.67 22.94 -0.42
C GLU C 404 27.21 23.12 -0.80
N ALA C 405 26.32 23.07 0.20
CA ALA C 405 24.90 23.13 -0.11
C ALA C 405 24.54 24.42 -0.82
N MET C 406 25.23 25.51 -0.49
CA MET C 406 25.01 26.76 -1.22
C MET C 406 25.51 26.68 -2.67
N GLU C 407 26.41 25.74 -2.99
CA GLU C 407 26.90 25.63 -4.36
C GLU C 407 25.85 25.06 -5.30
N LYS C 408 24.85 24.36 -4.75
CA LYS C 408 23.88 23.64 -5.56
C LYS C 408 23.05 24.58 -6.41
N PRO C 409 22.87 24.28 -7.70
CA PRO C 409 22.06 25.17 -8.56
C PRO C 409 20.69 25.48 -8.02
N VAL C 410 19.96 24.49 -7.49
CA VAL C 410 18.62 24.79 -6.95
C VAL C 410 18.71 25.65 -5.70
N VAL C 411 19.75 25.48 -4.88
CA VAL C 411 19.82 26.29 -3.67
C VAL C 411 20.11 27.73 -4.04
N GLN C 412 20.90 27.97 -5.09
CA GLN C 412 21.08 29.32 -5.59
C GLN C 412 19.78 29.91 -6.15
N ARG C 413 18.98 29.09 -6.84
CA ARG C 413 17.68 29.55 -7.28
C ARG C 413 16.83 29.99 -6.10
N LEU C 414 16.93 29.27 -4.98
CA LEU C 414 16.17 29.61 -3.79
C LEU C 414 16.70 30.90 -3.14
N LEU C 415 18.02 31.10 -3.16
CA LEU C 415 18.58 32.35 -2.63
C LEU C 415 18.06 33.57 -3.38
N THR C 416 18.03 33.50 -4.72
CA THR C 416 17.57 34.64 -5.49
C THR C 416 16.14 35.03 -5.10
N LEU C 417 15.26 34.04 -4.98
CA LEU C 417 13.89 34.29 -4.50
C LEU C 417 13.90 34.90 -3.10
N MET C 418 14.72 34.34 -2.19
CA MET C 418 14.77 34.84 -0.82
C MET C 418 15.25 36.28 -0.79
N LYS C 419 16.30 36.59 -1.55
CA LYS C 419 16.78 37.97 -1.62
C LYS C 419 15.69 38.88 -2.21
N PHE C 420 15.01 38.41 -3.27
CA PHE C 420 13.95 39.20 -3.88
C PHE C 420 12.76 39.37 -2.95
N ARG C 421 12.32 38.30 -2.28
CA ARG C 421 11.17 38.40 -1.39
C ARG C 421 11.45 39.33 -0.21
N THR C 422 12.67 39.29 0.31
CA THR C 422 13.05 40.07 1.50
C THR C 422 13.31 41.54 1.20
N ASN C 423 13.65 41.91 -0.04
CA ASN C 423 14.11 43.26 -0.30
C ASN C 423 13.20 44.08 -1.22
N TYR C 424 12.51 43.45 -2.17
CA TYR C 424 11.76 44.23 -3.15
C TYR C 424 10.53 44.86 -2.49
N PRO C 425 10.31 46.17 -2.65
CA PRO C 425 9.28 46.86 -1.86
C PRO C 425 7.84 46.51 -2.24
N ALA C 426 7.58 45.94 -3.43
CA ALA C 426 6.20 45.69 -3.82
C ALA C 426 5.49 44.76 -2.84
N PHE C 427 6.22 43.81 -2.24
CA PHE C 427 5.61 42.88 -1.28
C PHE C 427 5.04 43.61 -0.06
N ASP C 428 5.48 44.83 0.19
CA ASP C 428 4.98 45.66 1.28
C ASP C 428 3.68 46.37 0.93
N GLY C 429 3.18 46.22 -0.30
CA GLY C 429 1.91 46.80 -0.69
C GLY C 429 0.72 45.88 -0.48
N HIS C 430 0.00 45.58 -1.56
CA HIS C 430 -1.21 44.78 -1.49
C HIS C 430 -1.14 43.64 -2.50
N PHE C 431 -1.76 42.51 -2.13
CA PHE C 431 -1.78 41.33 -2.98
C PHE C 431 -2.92 41.41 -3.98
N GLU C 432 -2.60 41.15 -5.25
CA GLU C 432 -3.64 41.06 -6.27
C GLU C 432 -3.39 39.82 -7.10
N LEU C 433 -4.25 38.81 -6.88
CA LEU C 433 -4.26 37.57 -7.65
C LEU C 433 -4.78 37.83 -9.05
N ASN C 434 -4.17 37.19 -10.05
CA ASN C 434 -4.62 37.38 -11.43
C ASN C 434 -5.30 36.12 -11.93
N TYR C 435 -6.19 36.31 -12.90
CA TYR C 435 -6.77 35.16 -13.59
C TYR C 435 -5.74 34.41 -14.41
N SER C 436 -5.78 33.09 -14.29
CA SER C 436 -5.03 32.14 -15.06
C SER C 436 -5.94 30.96 -15.36
N ASN C 437 -5.50 30.10 -16.28
CA ASN C 437 -6.22 28.86 -16.47
C ASN C 437 -6.12 27.99 -15.21
N ASP C 438 -6.76 26.83 -15.25
CA ASP C 438 -6.81 25.98 -14.08
C ASP C 438 -5.58 25.09 -13.93
N SER C 439 -4.57 25.26 -14.79
CA SER C 439 -3.31 24.56 -14.62
C SER C 439 -2.17 25.52 -14.34
N SER C 440 -2.46 26.78 -14.01
CA SER C 440 -1.43 27.75 -13.75
C SER C 440 -1.92 28.73 -12.68
N VAL C 441 -0.97 29.48 -12.13
CA VAL C 441 -1.19 30.45 -11.07
C VAL C 441 -0.47 31.74 -11.44
N ALA C 442 -1.16 32.87 -11.28
CA ALA C 442 -0.59 34.18 -11.60
C ALA C 442 -0.79 35.08 -10.39
N MET C 443 0.31 35.42 -9.71
CA MET C 443 0.26 36.08 -8.41
C MET C 443 1.10 37.34 -8.49
N ALA C 444 0.58 38.44 -7.95
CA ALA C 444 1.24 39.73 -8.12
C ALA C 444 1.09 40.59 -6.89
N TRP C 445 2.06 41.49 -6.70
CA TRP C 445 2.07 42.47 -5.63
C TRP C 445 2.35 43.86 -6.19
N ARG C 446 1.86 44.88 -5.50
CA ARG C 446 1.98 46.26 -5.97
C ARG C 446 2.13 47.19 -4.78
N HIS C 447 3.08 48.13 -4.89
CA HIS C 447 3.26 49.12 -3.82
C HIS C 447 3.73 50.42 -4.48
N GLY C 448 2.77 51.28 -4.80
CA GLY C 448 3.11 52.48 -5.55
C GLY C 448 3.65 52.08 -6.91
N GLU C 449 4.83 52.61 -7.24
CA GLU C 449 5.49 52.27 -8.49
C GLU C 449 5.84 50.79 -8.57
N HIS C 450 6.09 50.15 -7.43
CA HIS C 450 6.66 48.80 -7.39
C HIS C 450 5.65 47.73 -7.77
N TYR C 451 6.06 46.81 -8.66
CA TYR C 451 5.18 45.75 -9.12
C TYR C 451 6.00 44.53 -9.51
N CYS C 452 5.59 43.36 -9.04
CA CYS C 452 6.21 42.10 -9.43
C CYS C 452 5.13 41.04 -9.61
N HIS C 453 5.38 40.12 -10.54
CA HIS C 453 4.37 39.18 -11.01
C HIS C 453 5.00 37.80 -11.16
N LEU C 454 4.46 36.83 -10.40
CA LEU C 454 4.84 35.42 -10.53
C LEU C 454 3.85 34.70 -11.43
N PHE C 455 4.38 33.89 -12.33
CA PHE C 455 3.55 33.00 -13.13
C PHE C 455 4.14 31.61 -13.05
N VAL C 456 3.35 30.66 -12.56
CA VAL C 456 3.76 29.27 -12.42
C VAL C 456 2.93 28.43 -13.36
N ASP C 457 3.60 27.77 -14.29
CA ASP C 457 2.97 26.75 -15.12
C ASP C 457 3.10 25.42 -14.38
N LEU C 458 1.96 24.90 -13.92
CA LEU C 458 1.99 23.66 -13.15
C LEU C 458 2.19 22.43 -14.01
N ASN C 459 2.02 22.54 -15.33
CA ASN C 459 2.26 21.38 -16.17
C ASN C 459 3.74 21.11 -16.39
N PHE C 460 4.57 22.16 -16.38
CA PHE C 460 5.99 22.01 -16.67
C PHE C 460 6.88 22.56 -15.57
N ASN C 461 6.29 22.95 -14.43
CA ASN C 461 7.03 23.41 -13.24
C ASN C 461 7.91 24.62 -13.55
N THR C 462 7.45 25.50 -14.43
CA THR C 462 8.23 26.68 -14.79
C THR C 462 7.84 27.87 -13.90
N SER C 463 8.86 28.62 -13.46
CA SER C 463 8.72 29.73 -12.53
C SER C 463 9.27 30.98 -13.19
N LYS C 464 8.41 31.97 -13.44
CA LYS C 464 8.82 33.22 -14.06
C LYS C 464 8.36 34.40 -13.22
N ILE C 465 9.29 35.24 -12.80
CA ILE C 465 9.00 36.49 -12.08
C ILE C 465 9.54 37.65 -12.89
N GLN C 466 8.68 38.61 -13.22
CA GLN C 466 9.11 39.87 -13.80
C GLN C 466 8.62 41.03 -12.91
N TYR C 467 9.51 41.99 -12.69
CA TYR C 467 9.28 43.09 -11.76
C TYR C 467 9.75 44.41 -12.37
N VAL C 468 9.36 45.51 -11.73
CA VAL C 468 9.65 46.85 -12.22
C VAL C 468 10.93 47.35 -11.55
N ASP C 469 11.96 47.61 -12.37
CA ASP C 469 13.19 48.23 -11.91
C ASP C 469 12.93 49.72 -11.75
N VAL C 470 12.83 50.19 -10.50
CA VAL C 470 12.31 51.52 -10.24
C VAL C 470 13.18 52.59 -10.89
N LYS C 471 14.50 52.48 -10.77
CA LYS C 471 15.38 53.54 -11.23
C LYS C 471 15.21 53.79 -12.72
N SER C 472 15.17 52.73 -13.52
CA SER C 472 14.97 52.83 -14.95
C SER C 472 13.50 52.78 -15.36
N GLY C 473 12.61 52.35 -14.46
CA GLY C 473 11.20 52.27 -14.79
C GLY C 473 10.83 51.14 -15.72
N GLU C 474 11.76 50.26 -16.03
CA GLU C 474 11.56 49.20 -17.00
C GLU C 474 11.17 47.89 -16.32
N THR C 475 10.63 46.98 -17.10
CA THR C 475 10.20 45.68 -16.61
C THR C 475 11.31 44.68 -16.92
N ARG C 476 11.83 44.01 -15.90
CA ARG C 476 12.92 43.08 -16.11
C ARG C 476 12.62 41.78 -15.38
N ASP C 477 13.30 40.72 -15.80
CA ASP C 477 13.05 39.36 -15.36
C ASP C 477 14.02 38.92 -14.26
N LEU C 478 13.47 38.39 -13.16
CA LEU C 478 14.30 37.77 -12.13
C LEU C 478 14.90 36.47 -12.66
N GLU C 479 16.19 36.28 -12.44
CA GLU C 479 16.90 35.11 -12.99
C GLU C 479 16.93 34.03 -11.91
N PHE C 480 15.98 33.11 -11.97
CA PHE C 480 15.93 32.02 -11.00
C PHE C 480 15.22 30.81 -11.58
#